data_1A4D
# 
_entry.id   1A4D 
# 
_audit_conform.dict_name       mmcif_pdbx.dic 
_audit_conform.dict_version    5.392 
_audit_conform.dict_location   http://mmcif.pdb.org/dictionaries/ascii/mmcif_pdbx.dic 
# 
loop_
_database_2.database_id 
_database_2.database_code 
_database_2.pdbx_database_accession 
_database_2.pdbx_DOI 
PDB   1A4D         pdb_00001a4d 10.2210/pdb1a4d/pdb 
WWPDB D_1000170377 ?            ?                   
# 
loop_
_pdbx_audit_revision_history.ordinal 
_pdbx_audit_revision_history.data_content_type 
_pdbx_audit_revision_history.major_revision 
_pdbx_audit_revision_history.minor_revision 
_pdbx_audit_revision_history.revision_date 
1 'Structure model' 1 0 1998-04-29 
2 'Structure model' 1 1 2008-03-24 
3 'Structure model' 1 2 2011-07-13 
4 'Structure model' 1 3 2022-02-16 
5 'Structure model' 1 4 2024-05-22 
# 
_pdbx_audit_revision_details.ordinal             1 
_pdbx_audit_revision_details.revision_ordinal    1 
_pdbx_audit_revision_details.data_content_type   'Structure model' 
_pdbx_audit_revision_details.provider            repository 
_pdbx_audit_revision_details.type                'Initial release' 
_pdbx_audit_revision_details.description         ? 
_pdbx_audit_revision_details.details             ? 
# 
loop_
_pdbx_audit_revision_group.ordinal 
_pdbx_audit_revision_group.revision_ordinal 
_pdbx_audit_revision_group.data_content_type 
_pdbx_audit_revision_group.group 
1 2 'Structure model' 'Version format compliance' 
2 3 'Structure model' 'Version format compliance' 
3 4 'Structure model' 'Database references'       
4 4 'Structure model' 'Derived calculations'      
5 4 'Structure model' Other                       
6 5 'Structure model' 'Data collection'           
# 
loop_
_pdbx_audit_revision_category.ordinal 
_pdbx_audit_revision_category.revision_ordinal 
_pdbx_audit_revision_category.data_content_type 
_pdbx_audit_revision_category.category 
1 4 'Structure model' database_2            
2 4 'Structure model' pdbx_database_status  
3 4 'Structure model' pdbx_struct_assembly  
4 4 'Structure model' pdbx_struct_oper_list 
5 5 'Structure model' chem_comp_atom        
6 5 'Structure model' chem_comp_bond        
# 
loop_
_pdbx_audit_revision_item.ordinal 
_pdbx_audit_revision_item.revision_ordinal 
_pdbx_audit_revision_item.data_content_type 
_pdbx_audit_revision_item.item 
1 4 'Structure model' '_database_2.pdbx_DOI'                
2 4 'Structure model' '_database_2.pdbx_database_accession' 
3 4 'Structure model' '_pdbx_database_status.process_site'  
# 
_pdbx_database_status.status_code                     REL 
_pdbx_database_status.entry_id                        1A4D 
_pdbx_database_status.recvd_initial_deposition_date   1998-01-29 
_pdbx_database_status.deposit_site                    ? 
_pdbx_database_status.process_site                    BNL 
_pdbx_database_status.status_code_sf                  ? 
_pdbx_database_status.status_code_mr                  REL 
_pdbx_database_status.SG_entry                        ? 
_pdbx_database_status.pdb_format_compatible           Y 
_pdbx_database_status.status_code_cs                  ? 
_pdbx_database_status.status_code_nmr_data            ? 
_pdbx_database_status.methods_development_category    ? 
# 
_pdbx_database_related.db_name        PDB 
_pdbx_database_related.db_id          1A51 
_pdbx_database_related.details        'ENSEMBLE OF 9 STRUCTURES' 
_pdbx_database_related.content_type   ensemble 
# 
loop_
_audit_author.name 
_audit_author.pdbx_ordinal 
'Dallas, A.'  1 
'Moore, P.B.' 2 
# 
_citation.id                        primary 
_citation.title                     
;The loop E-loop D region of Escherichia coli 5S rRNA: the solution structure reveals an unusual loop that may be important for binding ribosomal proteins.
;
_citation.journal_abbrev            Structure 
_citation.journal_volume            5 
_citation.page_first                1639 
_citation.page_last                 1653 
_citation.year                      1997 
_citation.journal_id_ASTM           STRUE6 
_citation.country                   UK 
_citation.journal_id_ISSN           0969-2126 
_citation.journal_id_CSD            2005 
_citation.book_publisher            ? 
_citation.pdbx_database_id_PubMed   9438864 
_citation.pdbx_database_id_DOI      '10.1016/S0969-2126(97)00311-0' 
# 
loop_
_citation_author.citation_id 
_citation_author.name 
_citation_author.ordinal 
_citation_author.identifier_ORCID 
primary 'Dallas, A.'  1 ? 
primary 'Moore, P.B.' 2 ? 
# 
loop_
_entity.id 
_entity.type 
_entity.src_method 
_entity.pdbx_description 
_entity.formula_weight 
_entity.pdbx_number_of_molecules 
_entity.pdbx_ec 
_entity.pdbx_mutation 
_entity.pdbx_fragment 
_entity.details 
1 polymer man 
;RNA (5'-R(*GP*GP*CP*CP*GP*AP*UP*GP*GP*UP*AP*GP*UP*GP*UP*GP*GP*GP*GP*UP*C)-3')
;
6857.093 1 ? ? 'LOOP D/LOOP E ARM' ? 
2 polymer man 
;RNA (5'-R(P*UP*CP*CP*CP*CP*AP*UP*GP*CP*GP*AP*GP*AP*GP*UP*AP*GP*GP*CP*C)-3')
;
6397.871 1 ? ? 'LOOP D/LOOP E ARM' ? 
# 
loop_
_entity_poly.entity_id 
_entity_poly.type 
_entity_poly.nstd_linkage 
_entity_poly.nstd_monomer 
_entity_poly.pdbx_seq_one_letter_code 
_entity_poly.pdbx_seq_one_letter_code_can 
_entity_poly.pdbx_strand_id 
_entity_poly.pdbx_target_identifier 
1 polyribonucleotide no no GGCCGAUGGUAGUGUGGGGUC GGCCGAUGGUAGUGUGGGGUC A ? 
2 polyribonucleotide no no UCCCCAUGCGAGAGUAGGCC  UCCCCAUGCGAGAGUAGGCC  B ? 
# 
loop_
_entity_poly_seq.entity_id 
_entity_poly_seq.num 
_entity_poly_seq.mon_id 
_entity_poly_seq.hetero 
1 1  G n 
1 2  G n 
1 3  C n 
1 4  C n 
1 5  G n 
1 6  A n 
1 7  U n 
1 8  G n 
1 9  G n 
1 10 U n 
1 11 A n 
1 12 G n 
1 13 U n 
1 14 G n 
1 15 U n 
1 16 G n 
1 17 G n 
1 18 G n 
1 19 G n 
1 20 U n 
1 21 C n 
2 1  U n 
2 2  C n 
2 3  C n 
2 4  C n 
2 5  C n 
2 6  A n 
2 7  U n 
2 8  G n 
2 9  C n 
2 10 G n 
2 11 A n 
2 12 G n 
2 13 A n 
2 14 G n 
2 15 U n 
2 16 A n 
2 17 G n 
2 18 G n 
2 19 C n 
2 20 C n 
# 
loop_
_entity_src_gen.entity_id 
_entity_src_gen.pdbx_src_id 
_entity_src_gen.pdbx_alt_source_flag 
_entity_src_gen.pdbx_seq_type 
_entity_src_gen.pdbx_beg_seq_num 
_entity_src_gen.pdbx_end_seq_num 
_entity_src_gen.gene_src_common_name 
_entity_src_gen.gene_src_genus 
_entity_src_gen.pdbx_gene_src_gene 
_entity_src_gen.gene_src_species 
_entity_src_gen.gene_src_strain 
_entity_src_gen.gene_src_tissue 
_entity_src_gen.gene_src_tissue_fraction 
_entity_src_gen.gene_src_details 
_entity_src_gen.pdbx_gene_src_fragment 
_entity_src_gen.pdbx_gene_src_scientific_name 
_entity_src_gen.pdbx_gene_src_ncbi_taxonomy_id 
_entity_src_gen.pdbx_gene_src_variant 
_entity_src_gen.pdbx_gene_src_cell_line 
_entity_src_gen.pdbx_gene_src_atcc 
_entity_src_gen.pdbx_gene_src_organ 
_entity_src_gen.pdbx_gene_src_organelle 
_entity_src_gen.pdbx_gene_src_cell 
_entity_src_gen.pdbx_gene_src_cellular_location 
_entity_src_gen.host_org_common_name 
_entity_src_gen.pdbx_host_org_scientific_name 
_entity_src_gen.pdbx_host_org_ncbi_taxonomy_id 
_entity_src_gen.host_org_genus 
_entity_src_gen.pdbx_host_org_gene 
_entity_src_gen.pdbx_host_org_organ 
_entity_src_gen.host_org_species 
_entity_src_gen.pdbx_host_org_tissue 
_entity_src_gen.pdbx_host_org_tissue_fraction 
_entity_src_gen.pdbx_host_org_strain 
_entity_src_gen.pdbx_host_org_variant 
_entity_src_gen.pdbx_host_org_cell_line 
_entity_src_gen.pdbx_host_org_atcc 
_entity_src_gen.pdbx_host_org_culture_collection 
_entity_src_gen.pdbx_host_org_cell 
_entity_src_gen.pdbx_host_org_organelle 
_entity_src_gen.pdbx_host_org_cellular_location 
_entity_src_gen.pdbx_host_org_vector_type 
_entity_src_gen.pdbx_host_org_vector 
_entity_src_gen.host_org_details 
_entity_src_gen.expression_system_id 
_entity_src_gen.plasmid_name 
_entity_src_gen.plasmid_details 
_entity_src_gen.pdbx_description 
1 1 sample ? ? ? ? Escherichia ? ? ? ? ? ? ? 'Escherichia coli' 562 ? ? ? ? ? ? CYTOPLASM ? 'Escherichia coli' 562 Escherichia ? ? 
? ? ? JM101 ? ? ? ? ? ? ? ? ? ? ? PAD3 ? ? 
2 1 sample ? ? ? ? Escherichia ? ? ? ? ? ? ? 'Escherichia coli' 562 ? ? ? ? ? ? CYTOPLASM ? 'Escherichia coli' 562 Escherichia ? ? 
? ? ? JM101 ? ? ? ? ? ? ? ? ? ? ? PAD3 ? ? 
# 
loop_
_chem_comp.id 
_chem_comp.type 
_chem_comp.mon_nstd_flag 
_chem_comp.name 
_chem_comp.pdbx_synonyms 
_chem_comp.formula 
_chem_comp.formula_weight 
A 'RNA linking' y "ADENOSINE-5'-MONOPHOSPHATE" ? 'C10 H14 N5 O7 P' 347.221 
C 'RNA linking' y "CYTIDINE-5'-MONOPHOSPHATE"  ? 'C9 H14 N3 O8 P'  323.197 
G 'RNA linking' y "GUANOSINE-5'-MONOPHOSPHATE" ? 'C10 H14 N5 O8 P' 363.221 
U 'RNA linking' y "URIDINE-5'-MONOPHOSPHATE"   ? 'C9 H13 N2 O9 P'  324.181 
# 
loop_
_pdbx_poly_seq_scheme.asym_id 
_pdbx_poly_seq_scheme.entity_id 
_pdbx_poly_seq_scheme.seq_id 
_pdbx_poly_seq_scheme.mon_id 
_pdbx_poly_seq_scheme.ndb_seq_num 
_pdbx_poly_seq_scheme.pdb_seq_num 
_pdbx_poly_seq_scheme.auth_seq_num 
_pdbx_poly_seq_scheme.pdb_mon_id 
_pdbx_poly_seq_scheme.auth_mon_id 
_pdbx_poly_seq_scheme.pdb_strand_id 
_pdbx_poly_seq_scheme.pdb_ins_code 
_pdbx_poly_seq_scheme.hetero 
A 1 1  G 1  68  68  G G A . n 
A 1 2  G 2  69  69  G G A . n 
A 1 3  C 3  70  70  C C A . n 
A 1 4  C 4  71  71  C C A . n 
A 1 5  G 5  72  72  G G A . n 
A 1 6  A 6  73  73  A A A . n 
A 1 7  U 7  74  74  U U A . n 
A 1 8  G 8  75  75  G G A . n 
A 1 9  G 9  76  76  G G A . n 
A 1 10 U 10 77  77  U U A . n 
A 1 11 A 11 78  78  A A A . n 
A 1 12 G 12 79  79  G G A . n 
A 1 13 U 13 80  80  U U A . n 
A 1 14 G 14 81  81  G G A . n 
A 1 15 U 15 82  82  U U A . n 
A 1 16 G 16 83  83  G G A . n 
A 1 17 G 17 84  84  G G A . n 
A 1 18 G 18 85  85  G G A . n 
A 1 19 G 19 86  86  G G A . n 
A 1 20 U 20 87  87  U U A . n 
A 1 21 C 21 88  88  C C A . n 
B 2 1  U 1  89  89  U U B . n 
B 2 2  C 2  90  90  C C B . n 
B 2 3  C 3  91  91  C C B . n 
B 2 4  C 4  92  92  C C B . n 
B 2 5  C 5  93  93  C C B . n 
B 2 6  A 6  94  94  A A B . n 
B 2 7  U 7  95  95  U U B . n 
B 2 8  G 8  96  96  G G B . n 
B 2 9  C 9  97  97  C C B . n 
B 2 10 G 10 98  98  G G B . n 
B 2 11 A 11 99  99  A A B . n 
B 2 12 G 12 100 100 G G B . n 
B 2 13 A 13 101 101 A A B . n 
B 2 14 G 14 102 102 G G B . n 
B 2 15 U 15 103 103 U U B . n 
B 2 16 A 16 104 104 A A B . n 
B 2 17 G 17 105 105 G G B . n 
B 2 18 G 18 106 106 G G B . n 
B 2 19 C 19 107 107 C C B . n 
B 2 20 C 20 108 108 C C B . n 
# 
loop_
_software.name 
_software.classification 
_software.version 
_software.citation_id 
_software.pdbx_ordinal 
X-PLOR 'model building' . ? 1 
X-PLOR refinement       . ? 2 
X-PLOR phasing          . ? 3 
# 
_cell.entry_id           1A4D 
_cell.length_a           1.000 
_cell.length_b           1.000 
_cell.length_c           1.000 
_cell.angle_alpha        90.00 
_cell.angle_beta         90.00 
_cell.angle_gamma        90.00 
_cell.Z_PDB              1 
_cell.pdbx_unique_axis   ? 
# 
_symmetry.entry_id                         1A4D 
_symmetry.space_group_name_H-M             'P 1' 
_symmetry.pdbx_full_space_group_name_H-M   ? 
_symmetry.cell_setting                     ? 
_symmetry.Int_Tables_number                1 
# 
_exptl.entry_id          1A4D 
_exptl.method            'SOLUTION NMR' 
_exptl.crystals_number   ? 
# 
_struct.entry_id                  1A4D 
_struct.title                     'LOOP D/LOOP E ARM OF ESCHERICHIA COLI 5S RRNA, NMR, MINIMIZED AVERAGE STRUCTURE' 
_struct.pdbx_model_details        ? 
_struct.pdbx_CASP_flag            ? 
_struct.pdbx_model_type_details   ? 
# 
_struct_keywords.entry_id        1A4D 
_struct_keywords.pdbx_keywords   RNA 
_struct_keywords.text            '5S RRNA, INTERNAL LOOP, CROSS-STRAND STACK, TRANSLATION, RIBOSOME, RIBOSOMAL RNA COMPLEX, RNA' 
# 
loop_
_struct_asym.id 
_struct_asym.pdbx_blank_PDB_chainid_flag 
_struct_asym.pdbx_modified 
_struct_asym.entity_id 
_struct_asym.details 
A N N 1 ? 
B N N 2 ? 
# 
loop_
_struct_ref.id 
_struct_ref.entity_id 
_struct_ref.db_name 
_struct_ref.db_code 
_struct_ref.pdbx_db_accession 
_struct_ref.pdbx_db_isoform 
_struct_ref.pdbx_seq_one_letter_code 
_struct_ref.pdbx_align_begin 
1 1 PDB 1A4D 1A4D ? ? ? 
2 2 PDB 1A4D 1A4D ? ? ? 
# 
loop_
_struct_ref_seq.align_id 
_struct_ref_seq.ref_id 
_struct_ref_seq.pdbx_PDB_id_code 
_struct_ref_seq.pdbx_strand_id 
_struct_ref_seq.seq_align_beg 
_struct_ref_seq.pdbx_seq_align_beg_ins_code 
_struct_ref_seq.seq_align_end 
_struct_ref_seq.pdbx_seq_align_end_ins_code 
_struct_ref_seq.pdbx_db_accession 
_struct_ref_seq.db_align_beg 
_struct_ref_seq.pdbx_db_align_beg_ins_code 
_struct_ref_seq.db_align_end 
_struct_ref_seq.pdbx_db_align_end_ins_code 
_struct_ref_seq.pdbx_auth_seq_align_beg 
_struct_ref_seq.pdbx_auth_seq_align_end 
1 1 1A4D A 1 ? 21 ? 1A4D 68 ? 88  ? 68 88  
2 2 1A4D B 1 ? 20 ? 1A4D 89 ? 108 ? 89 108 
# 
_pdbx_struct_assembly.id                   1 
_pdbx_struct_assembly.details              author_defined_assembly 
_pdbx_struct_assembly.method_details       ? 
_pdbx_struct_assembly.oligomeric_details   dimeric 
_pdbx_struct_assembly.oligomeric_count     2 
# 
_pdbx_struct_assembly_gen.assembly_id       1 
_pdbx_struct_assembly_gen.oper_expression   1 
_pdbx_struct_assembly_gen.asym_id_list      A,B 
# 
_pdbx_struct_oper_list.id                   1 
_pdbx_struct_oper_list.type                 'identity operation' 
_pdbx_struct_oper_list.name                 1_555 
_pdbx_struct_oper_list.symmetry_operation   x,y,z 
_pdbx_struct_oper_list.matrix[1][1]         1.0000000000 
_pdbx_struct_oper_list.matrix[1][2]         0.0000000000 
_pdbx_struct_oper_list.matrix[1][3]         0.0000000000 
_pdbx_struct_oper_list.vector[1]            0.0000000000 
_pdbx_struct_oper_list.matrix[2][1]         0.0000000000 
_pdbx_struct_oper_list.matrix[2][2]         1.0000000000 
_pdbx_struct_oper_list.matrix[2][3]         0.0000000000 
_pdbx_struct_oper_list.vector[2]            0.0000000000 
_pdbx_struct_oper_list.matrix[3][1]         0.0000000000 
_pdbx_struct_oper_list.matrix[3][2]         0.0000000000 
_pdbx_struct_oper_list.matrix[3][3]         1.0000000000 
_pdbx_struct_oper_list.vector[3]            0.0000000000 
# 
_struct_biol.id   1 
# 
loop_
_struct_conn.id 
_struct_conn.conn_type_id 
_struct_conn.pdbx_leaving_atom_flag 
_struct_conn.pdbx_PDB_id 
_struct_conn.ptnr1_label_asym_id 
_struct_conn.ptnr1_label_comp_id 
_struct_conn.ptnr1_label_seq_id 
_struct_conn.ptnr1_label_atom_id 
_struct_conn.pdbx_ptnr1_label_alt_id 
_struct_conn.pdbx_ptnr1_PDB_ins_code 
_struct_conn.pdbx_ptnr1_standard_comp_id 
_struct_conn.ptnr1_symmetry 
_struct_conn.ptnr2_label_asym_id 
_struct_conn.ptnr2_label_comp_id 
_struct_conn.ptnr2_label_seq_id 
_struct_conn.ptnr2_label_atom_id 
_struct_conn.pdbx_ptnr2_label_alt_id 
_struct_conn.pdbx_ptnr2_PDB_ins_code 
_struct_conn.ptnr1_auth_asym_id 
_struct_conn.ptnr1_auth_comp_id 
_struct_conn.ptnr1_auth_seq_id 
_struct_conn.ptnr2_auth_asym_id 
_struct_conn.ptnr2_auth_comp_id 
_struct_conn.ptnr2_auth_seq_id 
_struct_conn.ptnr2_symmetry 
_struct_conn.pdbx_ptnr3_label_atom_id 
_struct_conn.pdbx_ptnr3_label_seq_id 
_struct_conn.pdbx_ptnr3_label_comp_id 
_struct_conn.pdbx_ptnr3_label_asym_id 
_struct_conn.pdbx_ptnr3_label_alt_id 
_struct_conn.pdbx_ptnr3_PDB_ins_code 
_struct_conn.details 
_struct_conn.pdbx_dist_value 
_struct_conn.pdbx_value_order 
_struct_conn.pdbx_role 
hydrog1  hydrog ? ? A G 1  N1 ? ? ? 1_555 B C 20 N3 ? ? A G 68 B C 108 1_555 ? ? ? ? ? ? WATSON-CRICK         ? ? ? 
hydrog2  hydrog ? ? A G 1  N2 ? ? ? 1_555 B C 20 O2 ? ? A G 68 B C 108 1_555 ? ? ? ? ? ? WATSON-CRICK         ? ? ? 
hydrog3  hydrog ? ? A G 1  O6 ? ? ? 1_555 B C 20 N4 ? ? A G 68 B C 108 1_555 ? ? ? ? ? ? WATSON-CRICK         ? ? ? 
hydrog4  hydrog ? ? A G 2  N1 ? ? ? 1_555 B C 19 N3 ? ? A G 69 B C 107 1_555 ? ? ? ? ? ? WATSON-CRICK         ? ? ? 
hydrog5  hydrog ? ? A G 2  N2 ? ? ? 1_555 B C 19 O2 ? ? A G 69 B C 107 1_555 ? ? ? ? ? ? WATSON-CRICK         ? ? ? 
hydrog6  hydrog ? ? A G 2  O6 ? ? ? 1_555 B C 19 N4 ? ? A G 69 B C 107 1_555 ? ? ? ? ? ? WATSON-CRICK         ? ? ? 
hydrog7  hydrog ? ? A C 3  N3 ? ? ? 1_555 B G 18 N1 ? ? A C 70 B G 106 1_555 ? ? ? ? ? ? WATSON-CRICK         ? ? ? 
hydrog8  hydrog ? ? A C 3  N4 ? ? ? 1_555 B G 18 O6 ? ? A C 70 B G 106 1_555 ? ? ? ? ? ? WATSON-CRICK         ? ? ? 
hydrog9  hydrog ? ? A C 3  O2 ? ? ? 1_555 B G 18 N2 ? ? A C 70 B G 106 1_555 ? ? ? ? ? ? WATSON-CRICK         ? ? ? 
hydrog10 hydrog ? ? A C 4  N3 ? ? ? 1_555 B G 17 N1 ? ? A C 71 B G 105 1_555 ? ? ? ? ? ? WATSON-CRICK         ? ? ? 
hydrog11 hydrog ? ? A C 4  N4 ? ? ? 1_555 B G 17 O6 ? ? A C 71 B G 105 1_555 ? ? ? ? ? ? WATSON-CRICK         ? ? ? 
hydrog12 hydrog ? ? A C 4  O2 ? ? ? 1_555 B G 17 N2 ? ? A C 71 B G 105 1_555 ? ? ? ? ? ? WATSON-CRICK         ? ? ? 
hydrog13 hydrog ? ? A G 5  N2 ? ? ? 1_555 B A 16 N7 ? ? A G 72 B A 104 1_555 ? ? ? ? ? ? TYPE_11_PAIR         ? ? ? 
hydrog14 hydrog ? ? A G 5  N3 ? ? ? 1_555 B A 16 N6 ? ? A G 72 B A 104 1_555 ? ? ? ? ? ? TYPE_11_PAIR         ? ? ? 
hydrog15 hydrog ? ? A A 6  N6 ? ? ? 1_555 B U 15 O2 ? ? A A 73 B U 103 1_555 ? ? ? ? ? ? 'REVERSED HOOGSTEEN' ? ? ? 
hydrog16 hydrog ? ? A A 6  N7 ? ? ? 1_555 B U 15 N3 ? ? A A 73 B U 103 1_555 ? ? ? ? ? ? 'REVERSED HOOGSTEEN' ? ? ? 
hydrog17 hydrog ? ? A U 7  O4 ? ? ? 1_555 B G 14 N1 ? ? A U 74 B G 102 1_555 ? ? ? ? ? ? 'U-G MISPAIR'        ? ? ? 
hydrog18 hydrog ? ? A G 8  O6 ? ? ? 1_555 B A 13 N6 ? ? A G 75 B A 101 1_555 ? ? ? ? ? ? 'G-A MISPAIR'        ? ? ? 
hydrog19 hydrog ? ? A G 9  N1 ? ? ? 1_555 B G 12 O6 ? ? A G 76 B G 100 1_555 ? ? ? ? ? ? 'G-G MISPAIR'        ? ? ? 
hydrog20 hydrog ? ? A U 10 N3 ? ? ? 1_555 B A 11 N7 ? ? A U 77 B A 99  1_555 ? ? ? ? ? ? 'REVERSED HOOGSTEEN' ? ? ? 
hydrog21 hydrog ? ? A U 10 O2 ? ? ? 1_555 B A 11 N6 ? ? A U 77 B A 99  1_555 ? ? ? ? ? ? 'REVERSED HOOGSTEEN' ? ? ? 
hydrog22 hydrog ? ? A A 11 N6 ? ? ? 1_555 B G 10 N3 ? ? A A 78 B G 98  1_555 ? ? ? ? ? ? TYPE_11_PAIR         ? ? ? 
hydrog23 hydrog ? ? A A 11 N7 ? ? ? 1_555 B G 10 N2 ? ? A A 78 B G 98  1_555 ? ? ? ? ? ? TYPE_11_PAIR         ? ? ? 
hydrog24 hydrog ? ? A G 12 N1 ? ? ? 1_555 B C 9  N3 ? ? A G 79 B C 97  1_555 ? ? ? ? ? ? WATSON-CRICK         ? ? ? 
hydrog25 hydrog ? ? A G 12 N2 ? ? ? 1_555 B C 9  O2 ? ? A G 79 B C 97  1_555 ? ? ? ? ? ? WATSON-CRICK         ? ? ? 
hydrog26 hydrog ? ? A G 12 O6 ? ? ? 1_555 B C 9  N4 ? ? A G 79 B C 97  1_555 ? ? ? ? ? ? WATSON-CRICK         ? ? ? 
hydrog27 hydrog ? ? A U 13 N3 ? ? ? 1_555 B G 8  O6 ? ? A U 80 B G 96  1_555 ? ? ? ? ? ? TYPE_28_PAIR         ? ? ? 
hydrog28 hydrog ? ? A U 13 O2 ? ? ? 1_555 B G 8  N1 ? ? A U 80 B G 96  1_555 ? ? ? ? ? ? TYPE_28_PAIR         ? ? ? 
hydrog29 hydrog ? ? A G 14 N1 ? ? ? 1_555 B U 7  O2 ? ? A G 81 B U 95  1_555 ? ? ? ? ? ? TYPE_28_PAIR         ? ? ? 
hydrog30 hydrog ? ? A G 14 O6 ? ? ? 1_555 B U 7  N3 ? ? A G 81 B U 95  1_555 ? ? ? ? ? ? TYPE_28_PAIR         ? ? ? 
hydrog31 hydrog ? ? A U 15 N3 ? ? ? 1_555 B A 6  N1 ? ? A U 82 B A 94  1_555 ? ? ? ? ? ? WATSON-CRICK         ? ? ? 
hydrog32 hydrog ? ? A U 15 O4 ? ? ? 1_555 B A 6  N6 ? ? A U 82 B A 94  1_555 ? ? ? ? ? ? WATSON-CRICK         ? ? ? 
hydrog33 hydrog ? ? A G 16 N1 ? ? ? 1_555 B C 5  N3 ? ? A G 83 B C 93  1_555 ? ? ? ? ? ? WATSON-CRICK         ? ? ? 
hydrog34 hydrog ? ? A G 16 N2 ? ? ? 1_555 B C 5  O2 ? ? A G 83 B C 93  1_555 ? ? ? ? ? ? WATSON-CRICK         ? ? ? 
hydrog35 hydrog ? ? A G 16 O6 ? ? ? 1_555 B C 5  N4 ? ? A G 83 B C 93  1_555 ? ? ? ? ? ? WATSON-CRICK         ? ? ? 
hydrog36 hydrog ? ? A G 17 N1 ? ? ? 1_555 B C 4  N3 ? ? A G 84 B C 92  1_555 ? ? ? ? ? ? WATSON-CRICK         ? ? ? 
hydrog37 hydrog ? ? A G 17 N2 ? ? ? 1_555 B C 4  O2 ? ? A G 84 B C 92  1_555 ? ? ? ? ? ? WATSON-CRICK         ? ? ? 
hydrog38 hydrog ? ? A G 17 O6 ? ? ? 1_555 B C 4  N4 ? ? A G 84 B C 92  1_555 ? ? ? ? ? ? WATSON-CRICK         ? ? ? 
hydrog39 hydrog ? ? A G 18 N1 ? ? ? 1_555 B C 3  N3 ? ? A G 85 B C 91  1_555 ? ? ? ? ? ? WATSON-CRICK         ? ? ? 
hydrog40 hydrog ? ? A G 18 N2 ? ? ? 1_555 B C 3  O2 ? ? A G 85 B C 91  1_555 ? ? ? ? ? ? WATSON-CRICK         ? ? ? 
hydrog41 hydrog ? ? A G 18 O6 ? ? ? 1_555 B C 3  N4 ? ? A G 85 B C 91  1_555 ? ? ? ? ? ? WATSON-CRICK         ? ? ? 
hydrog42 hydrog ? ? A G 19 N2 ? ? ? 1_555 B C 2  O2 ? ? A G 86 B C 90  1_555 ? ? ? ? ? ? 'G-C PAIR'           ? ? ? 
# 
_struct_conn_type.id          hydrog 
_struct_conn_type.criteria    ? 
_struct_conn_type.reference   ? 
# 
loop_
_pdbx_validate_close_contact.id 
_pdbx_validate_close_contact.PDB_model_num 
_pdbx_validate_close_contact.auth_atom_id_1 
_pdbx_validate_close_contact.auth_asym_id_1 
_pdbx_validate_close_contact.auth_comp_id_1 
_pdbx_validate_close_contact.auth_seq_id_1 
_pdbx_validate_close_contact.PDB_ins_code_1 
_pdbx_validate_close_contact.label_alt_id_1 
_pdbx_validate_close_contact.auth_atom_id_2 
_pdbx_validate_close_contact.auth_asym_id_2 
_pdbx_validate_close_contact.auth_comp_id_2 
_pdbx_validate_close_contact.auth_seq_id_2 
_pdbx_validate_close_contact.PDB_ins_code_2 
_pdbx_validate_close_contact.label_alt_id_2 
_pdbx_validate_close_contact.dist 
1 1 O4    A U 74 ? ? H1 B G 102 ? ? 1.39 
2 1 "O3'" A C 88 ? ? P  B U 89  ? ? 1.61 
# 
_pdbx_nmr_ensemble.entry_id                             1A4D 
_pdbx_nmr_ensemble.conformers_calculated_total_number   60 
_pdbx_nmr_ensemble.conformers_submitted_total_number    1 
_pdbx_nmr_ensemble.conformer_selection_criteria         
'NO NOE, DIHEDRAL VIOLATIONS, LOW OVERALL ENERGY STRUCTURES, GOOD LOCAL GEOMETRY' 
# 
loop_
_pdbx_nmr_exptl_sample_conditions.conditions_id 
_pdbx_nmr_exptl_sample_conditions.temperature 
_pdbx_nmr_exptl_sample_conditions.pressure 
_pdbx_nmr_exptl_sample_conditions.pH 
_pdbx_nmr_exptl_sample_conditions.ionic_strength 
_pdbx_nmr_exptl_sample_conditions.pressure_units 
_pdbx_nmr_exptl_sample_conditions.temperature_units 
1 283 ? 7.2 ? . K 
2 283 ? 5.5 ? . K 
# 
_pdbx_nmr_refine.entry_id           1A4D 
_pdbx_nmr_refine.method             'TORSION ANGLE MOLECULAR DYNAMICS' 
_pdbx_nmr_refine.details            'FOR REFINEMENT DETAILS, SEE JRNL REFERENCE ABOVE.' 
_pdbx_nmr_refine.software_ordinal   1 
# 
loop_
_pdbx_nmr_software.classification 
_pdbx_nmr_software.name 
_pdbx_nmr_software.version 
_pdbx_nmr_software.authors 
_pdbx_nmr_software.ordinal 
refinement           X-PLOR ? BRUNGER 1 
'structure solution' X-PLOR ? ?       2 
# 
loop_
_chem_comp_atom.comp_id 
_chem_comp_atom.atom_id 
_chem_comp_atom.type_symbol 
_chem_comp_atom.pdbx_aromatic_flag 
_chem_comp_atom.pdbx_stereo_config 
_chem_comp_atom.pdbx_ordinal 
A OP3    O N N 1   
A P      P N N 2   
A OP1    O N N 3   
A OP2    O N N 4   
A "O5'"  O N N 5   
A "C5'"  C N N 6   
A "C4'"  C N R 7   
A "O4'"  O N N 8   
A "C3'"  C N S 9   
A "O3'"  O N N 10  
A "C2'"  C N R 11  
A "O2'"  O N N 12  
A "C1'"  C N R 13  
A N9     N Y N 14  
A C8     C Y N 15  
A N7     N Y N 16  
A C5     C Y N 17  
A C6     C Y N 18  
A N6     N N N 19  
A N1     N Y N 20  
A C2     C Y N 21  
A N3     N Y N 22  
A C4     C Y N 23  
A HOP3   H N N 24  
A HOP2   H N N 25  
A "H5'"  H N N 26  
A "H5''" H N N 27  
A "H4'"  H N N 28  
A "H3'"  H N N 29  
A "HO3'" H N N 30  
A "H2'"  H N N 31  
A "HO2'" H N N 32  
A "H1'"  H N N 33  
A H8     H N N 34  
A H61    H N N 35  
A H62    H N N 36  
A H2     H N N 37  
C OP3    O N N 38  
C P      P N N 39  
C OP1    O N N 40  
C OP2    O N N 41  
C "O5'"  O N N 42  
C "C5'"  C N N 43  
C "C4'"  C N R 44  
C "O4'"  O N N 45  
C "C3'"  C N S 46  
C "O3'"  O N N 47  
C "C2'"  C N R 48  
C "O2'"  O N N 49  
C "C1'"  C N R 50  
C N1     N N N 51  
C C2     C N N 52  
C O2     O N N 53  
C N3     N N N 54  
C C4     C N N 55  
C N4     N N N 56  
C C5     C N N 57  
C C6     C N N 58  
C HOP3   H N N 59  
C HOP2   H N N 60  
C "H5'"  H N N 61  
C "H5''" H N N 62  
C "H4'"  H N N 63  
C "H3'"  H N N 64  
C "HO3'" H N N 65  
C "H2'"  H N N 66  
C "HO2'" H N N 67  
C "H1'"  H N N 68  
C H41    H N N 69  
C H42    H N N 70  
C H5     H N N 71  
C H6     H N N 72  
G OP3    O N N 73  
G P      P N N 74  
G OP1    O N N 75  
G OP2    O N N 76  
G "O5'"  O N N 77  
G "C5'"  C N N 78  
G "C4'"  C N R 79  
G "O4'"  O N N 80  
G "C3'"  C N S 81  
G "O3'"  O N N 82  
G "C2'"  C N R 83  
G "O2'"  O N N 84  
G "C1'"  C N R 85  
G N9     N Y N 86  
G C8     C Y N 87  
G N7     N Y N 88  
G C5     C Y N 89  
G C6     C N N 90  
G O6     O N N 91  
G N1     N N N 92  
G C2     C N N 93  
G N2     N N N 94  
G N3     N N N 95  
G C4     C Y N 96  
G HOP3   H N N 97  
G HOP2   H N N 98  
G "H5'"  H N N 99  
G "H5''" H N N 100 
G "H4'"  H N N 101 
G "H3'"  H N N 102 
G "HO3'" H N N 103 
G "H2'"  H N N 104 
G "HO2'" H N N 105 
G "H1'"  H N N 106 
G H8     H N N 107 
G H1     H N N 108 
G H21    H N N 109 
G H22    H N N 110 
U OP3    O N N 111 
U P      P N N 112 
U OP1    O N N 113 
U OP2    O N N 114 
U "O5'"  O N N 115 
U "C5'"  C N N 116 
U "C4'"  C N R 117 
U "O4'"  O N N 118 
U "C3'"  C N S 119 
U "O3'"  O N N 120 
U "C2'"  C N R 121 
U "O2'"  O N N 122 
U "C1'"  C N R 123 
U N1     N N N 124 
U C2     C N N 125 
U O2     O N N 126 
U N3     N N N 127 
U C4     C N N 128 
U O4     O N N 129 
U C5     C N N 130 
U C6     C N N 131 
U HOP3   H N N 132 
U HOP2   H N N 133 
U "H5'"  H N N 134 
U "H5''" H N N 135 
U "H4'"  H N N 136 
U "H3'"  H N N 137 
U "HO3'" H N N 138 
U "H2'"  H N N 139 
U "HO2'" H N N 140 
U "H1'"  H N N 141 
U H3     H N N 142 
U H5     H N N 143 
U H6     H N N 144 
# 
loop_
_chem_comp_bond.comp_id 
_chem_comp_bond.atom_id_1 
_chem_comp_bond.atom_id_2 
_chem_comp_bond.value_order 
_chem_comp_bond.pdbx_aromatic_flag 
_chem_comp_bond.pdbx_stereo_config 
_chem_comp_bond.pdbx_ordinal 
A OP3   P      sing N N 1   
A OP3   HOP3   sing N N 2   
A P     OP1    doub N N 3   
A P     OP2    sing N N 4   
A P     "O5'"  sing N N 5   
A OP2   HOP2   sing N N 6   
A "O5'" "C5'"  sing N N 7   
A "C5'" "C4'"  sing N N 8   
A "C5'" "H5'"  sing N N 9   
A "C5'" "H5''" sing N N 10  
A "C4'" "O4'"  sing N N 11  
A "C4'" "C3'"  sing N N 12  
A "C4'" "H4'"  sing N N 13  
A "O4'" "C1'"  sing N N 14  
A "C3'" "O3'"  sing N N 15  
A "C3'" "C2'"  sing N N 16  
A "C3'" "H3'"  sing N N 17  
A "O3'" "HO3'" sing N N 18  
A "C2'" "O2'"  sing N N 19  
A "C2'" "C1'"  sing N N 20  
A "C2'" "H2'"  sing N N 21  
A "O2'" "HO2'" sing N N 22  
A "C1'" N9     sing N N 23  
A "C1'" "H1'"  sing N N 24  
A N9    C8     sing Y N 25  
A N9    C4     sing Y N 26  
A C8    N7     doub Y N 27  
A C8    H8     sing N N 28  
A N7    C5     sing Y N 29  
A C5    C6     sing Y N 30  
A C5    C4     doub Y N 31  
A C6    N6     sing N N 32  
A C6    N1     doub Y N 33  
A N6    H61    sing N N 34  
A N6    H62    sing N N 35  
A N1    C2     sing Y N 36  
A C2    N3     doub Y N 37  
A C2    H2     sing N N 38  
A N3    C4     sing Y N 39  
C OP3   P      sing N N 40  
C OP3   HOP3   sing N N 41  
C P     OP1    doub N N 42  
C P     OP2    sing N N 43  
C P     "O5'"  sing N N 44  
C OP2   HOP2   sing N N 45  
C "O5'" "C5'"  sing N N 46  
C "C5'" "C4'"  sing N N 47  
C "C5'" "H5'"  sing N N 48  
C "C5'" "H5''" sing N N 49  
C "C4'" "O4'"  sing N N 50  
C "C4'" "C3'"  sing N N 51  
C "C4'" "H4'"  sing N N 52  
C "O4'" "C1'"  sing N N 53  
C "C3'" "O3'"  sing N N 54  
C "C3'" "C2'"  sing N N 55  
C "C3'" "H3'"  sing N N 56  
C "O3'" "HO3'" sing N N 57  
C "C2'" "O2'"  sing N N 58  
C "C2'" "C1'"  sing N N 59  
C "C2'" "H2'"  sing N N 60  
C "O2'" "HO2'" sing N N 61  
C "C1'" N1     sing N N 62  
C "C1'" "H1'"  sing N N 63  
C N1    C2     sing N N 64  
C N1    C6     sing N N 65  
C C2    O2     doub N N 66  
C C2    N3     sing N N 67  
C N3    C4     doub N N 68  
C C4    N4     sing N N 69  
C C4    C5     sing N N 70  
C N4    H41    sing N N 71  
C N4    H42    sing N N 72  
C C5    C6     doub N N 73  
C C5    H5     sing N N 74  
C C6    H6     sing N N 75  
G OP3   P      sing N N 76  
G OP3   HOP3   sing N N 77  
G P     OP1    doub N N 78  
G P     OP2    sing N N 79  
G P     "O5'"  sing N N 80  
G OP2   HOP2   sing N N 81  
G "O5'" "C5'"  sing N N 82  
G "C5'" "C4'"  sing N N 83  
G "C5'" "H5'"  sing N N 84  
G "C5'" "H5''" sing N N 85  
G "C4'" "O4'"  sing N N 86  
G "C4'" "C3'"  sing N N 87  
G "C4'" "H4'"  sing N N 88  
G "O4'" "C1'"  sing N N 89  
G "C3'" "O3'"  sing N N 90  
G "C3'" "C2'"  sing N N 91  
G "C3'" "H3'"  sing N N 92  
G "O3'" "HO3'" sing N N 93  
G "C2'" "O2'"  sing N N 94  
G "C2'" "C1'"  sing N N 95  
G "C2'" "H2'"  sing N N 96  
G "O2'" "HO2'" sing N N 97  
G "C1'" N9     sing N N 98  
G "C1'" "H1'"  sing N N 99  
G N9    C8     sing Y N 100 
G N9    C4     sing Y N 101 
G C8    N7     doub Y N 102 
G C8    H8     sing N N 103 
G N7    C5     sing Y N 104 
G C5    C6     sing N N 105 
G C5    C4     doub Y N 106 
G C6    O6     doub N N 107 
G C6    N1     sing N N 108 
G N1    C2     sing N N 109 
G N1    H1     sing N N 110 
G C2    N2     sing N N 111 
G C2    N3     doub N N 112 
G N2    H21    sing N N 113 
G N2    H22    sing N N 114 
G N3    C4     sing N N 115 
U OP3   P      sing N N 116 
U OP3   HOP3   sing N N 117 
U P     OP1    doub N N 118 
U P     OP2    sing N N 119 
U P     "O5'"  sing N N 120 
U OP2   HOP2   sing N N 121 
U "O5'" "C5'"  sing N N 122 
U "C5'" "C4'"  sing N N 123 
U "C5'" "H5'"  sing N N 124 
U "C5'" "H5''" sing N N 125 
U "C4'" "O4'"  sing N N 126 
U "C4'" "C3'"  sing N N 127 
U "C4'" "H4'"  sing N N 128 
U "O4'" "C1'"  sing N N 129 
U "C3'" "O3'"  sing N N 130 
U "C3'" "C2'"  sing N N 131 
U "C3'" "H3'"  sing N N 132 
U "O3'" "HO3'" sing N N 133 
U "C2'" "O2'"  sing N N 134 
U "C2'" "C1'"  sing N N 135 
U "C2'" "H2'"  sing N N 136 
U "O2'" "HO2'" sing N N 137 
U "C1'" N1     sing N N 138 
U "C1'" "H1'"  sing N N 139 
U N1    C2     sing N N 140 
U N1    C6     sing N N 141 
U C2    O2     doub N N 142 
U C2    N3     sing N N 143 
U N3    C4     sing N N 144 
U N3    H3     sing N N 145 
U C4    O4     doub N N 146 
U C4    C5     sing N N 147 
U C5    C6     doub N N 148 
U C5    H5     sing N N 149 
U C6    H6     sing N N 150 
# 
loop_
_ndb_struct_conf_na.entry_id 
_ndb_struct_conf_na.feature 
1A4D 'double helix'         
1A4D 'a-form double helix'  
1A4D 'mismatched base pair' 
# 
loop_
_ndb_struct_na_base_pair.model_number 
_ndb_struct_na_base_pair.i_label_asym_id 
_ndb_struct_na_base_pair.i_label_comp_id 
_ndb_struct_na_base_pair.i_label_seq_id 
_ndb_struct_na_base_pair.i_symmetry 
_ndb_struct_na_base_pair.j_label_asym_id 
_ndb_struct_na_base_pair.j_label_comp_id 
_ndb_struct_na_base_pair.j_label_seq_id 
_ndb_struct_na_base_pair.j_symmetry 
_ndb_struct_na_base_pair.shear 
_ndb_struct_na_base_pair.stretch 
_ndb_struct_na_base_pair.stagger 
_ndb_struct_na_base_pair.buckle 
_ndb_struct_na_base_pair.propeller 
_ndb_struct_na_base_pair.opening 
_ndb_struct_na_base_pair.pair_number 
_ndb_struct_na_base_pair.pair_name 
_ndb_struct_na_base_pair.i_auth_asym_id 
_ndb_struct_na_base_pair.i_auth_seq_id 
_ndb_struct_na_base_pair.i_PDB_ins_code 
_ndb_struct_na_base_pair.j_auth_asym_id 
_ndb_struct_na_base_pair.j_auth_seq_id 
_ndb_struct_na_base_pair.j_PDB_ins_code 
_ndb_struct_na_base_pair.hbond_type_28 
_ndb_struct_na_base_pair.hbond_type_12 
1 A G 1  1_555 B C 20 1_555 -0.394 -0.250 0.044  -0.591  -3.453  0.408    1  A_G68:C108_B A 68 ? B 108 ? 19 1  
1 A G 2  1_555 B C 19 1_555 -0.891 -0.446 -0.115 -2.016  0.238   0.789    2  A_G69:C107_B A 69 ? B 107 ? 19 1  
1 A C 3  1_555 B G 18 1_555 0.743  -0.371 -0.219 3.121   -0.027  -0.450   3  A_C70:G106_B A 70 ? B 106 ? 19 1  
1 A C 4  1_555 B G 17 1_555 0.235  -0.248 -0.278 -5.044  -5.772  2.343    4  A_C71:G105_B A 71 ? B 105 ? 19 1  
1 A G 5  1_555 B A 16 1_555 6.909  -3.932 0.188  4.084   -1.328  -4.152   5  A_G72:A104_B A 72 ? B 104 ? 11 10 
1 A A 6  1_555 B U 15 1_555 -3.550 -0.999 -0.024 2.893   -10.183 -108.004 6  A_A73:U103_B A 73 ? B 103 ? 24 4  
1 A U 7  1_555 B G 14 1_555 -4.202 0.991  -0.426 -4.940  -7.970  -93.929  7  A_U74:G102_B A 74 ? B 102 ? ?  2  
1 A G 8  1_555 B A 13 1_555 -2.011 2.182  -0.091 -1.294  -2.028  -70.254  8  A_G75:A101_B A 75 ? B 101 ? ?  ?  
1 A G 9  1_555 B G 12 1_555 4.433  0.927  -0.314 2.719   0.235   -95.070  9  A_G76:G100_B A 76 ? B 100 ? ?  ?  
1 A U 10 1_555 B A 11 1_555 3.991  -1.669 -0.476 2.902   -6.526  -94.507  10 A_U77:A99_B  A 77 ? B 99  ? 24 4  
1 A A 11 1_555 B G 10 1_555 -6.756 -4.333 -0.148 3.285   -0.231  0.732    11 A_A78:G98_B  A 78 ? B 98  ? 11 9  
1 A G 12 1_555 B C 9  1_555 -0.821 -0.440 -0.254 -2.523  -6.682  1.692    12 A_G79:C97_B  A 79 ? B 97  ? 19 1  
1 A U 13 1_555 B G 8  1_555 1.531  -0.379 0.450  3.373   -7.611  -4.522   13 A_U80:G96_B  A 80 ? B 96  ? 28 1  
1 A G 14 1_555 B U 7  1_555 -1.089 -0.736 -1.078 -10.735 -8.759  -5.652   14 A_G81:U95_B  A 81 ? B 95  ? 28 1  
1 A U 15 1_555 B A 6  1_555 0.062  -0.244 0.077  1.555   -6.520  0.644    15 A_U82:A94_B  A 82 ? B 94  ? 20 1  
1 A G 16 1_555 B C 5  1_555 -0.397 -0.751 0.888  5.085   -16.711 -8.429   16 A_G83:C93_B  A 83 ? B 93  ? 19 1  
1 A G 17 1_555 B C 4  1_555 -0.344 -0.263 -0.065 -0.547  -9.958  -0.045   17 A_G84:C92_B  A 84 ? B 92  ? 19 1  
1 A G 18 1_555 B C 3  1_555 -0.979 -0.450 -0.046 -6.985  -5.107  1.452    18 A_G85:C91_B  A 85 ? B 91  ? 19 1  
1 A G 19 1_555 B C 2  1_555 0.842  2.197  -1.196 -10.354 6.472   53.777   19 A_G86:C90_B  A 86 ? B 90  ? ?  1  
# 
loop_
_ndb_struct_na_base_pair_step.model_number 
_ndb_struct_na_base_pair_step.i_label_asym_id_1 
_ndb_struct_na_base_pair_step.i_label_comp_id_1 
_ndb_struct_na_base_pair_step.i_label_seq_id_1 
_ndb_struct_na_base_pair_step.i_symmetry_1 
_ndb_struct_na_base_pair_step.j_label_asym_id_1 
_ndb_struct_na_base_pair_step.j_label_comp_id_1 
_ndb_struct_na_base_pair_step.j_label_seq_id_1 
_ndb_struct_na_base_pair_step.j_symmetry_1 
_ndb_struct_na_base_pair_step.i_label_asym_id_2 
_ndb_struct_na_base_pair_step.i_label_comp_id_2 
_ndb_struct_na_base_pair_step.i_label_seq_id_2 
_ndb_struct_na_base_pair_step.i_symmetry_2 
_ndb_struct_na_base_pair_step.j_label_asym_id_2 
_ndb_struct_na_base_pair_step.j_label_comp_id_2 
_ndb_struct_na_base_pair_step.j_label_seq_id_2 
_ndb_struct_na_base_pair_step.j_symmetry_2 
_ndb_struct_na_base_pair_step.shift 
_ndb_struct_na_base_pair_step.slide 
_ndb_struct_na_base_pair_step.rise 
_ndb_struct_na_base_pair_step.tilt 
_ndb_struct_na_base_pair_step.roll 
_ndb_struct_na_base_pair_step.twist 
_ndb_struct_na_base_pair_step.x_displacement 
_ndb_struct_na_base_pair_step.y_displacement 
_ndb_struct_na_base_pair_step.helical_rise 
_ndb_struct_na_base_pair_step.inclination 
_ndb_struct_na_base_pair_step.tip 
_ndb_struct_na_base_pair_step.helical_twist 
_ndb_struct_na_base_pair_step.step_number 
_ndb_struct_na_base_pair_step.step_name 
_ndb_struct_na_base_pair_step.i_auth_asym_id_1 
_ndb_struct_na_base_pair_step.i_auth_seq_id_1 
_ndb_struct_na_base_pair_step.i_PDB_ins_code_1 
_ndb_struct_na_base_pair_step.j_auth_asym_id_1 
_ndb_struct_na_base_pair_step.j_auth_seq_id_1 
_ndb_struct_na_base_pair_step.j_PDB_ins_code_1 
_ndb_struct_na_base_pair_step.i_auth_asym_id_2 
_ndb_struct_na_base_pair_step.i_auth_seq_id_2 
_ndb_struct_na_base_pair_step.i_PDB_ins_code_2 
_ndb_struct_na_base_pair_step.j_auth_asym_id_2 
_ndb_struct_na_base_pair_step.j_auth_seq_id_2 
_ndb_struct_na_base_pair_step.j_PDB_ins_code_2 
1 A G 1  1_555 B C 20 1_555 A G 2  1_555 B C 19 1_555 0.173  -1.655 3.083 -1.261 14.809 37.839  -3.798 -0.370  2.297  21.834  
1.859   40.553  1  AA_G68G69:C107C108_BB A 68 ? B 108 ? A 69 ? B 107 ? 
1 A G 2  1_555 B C 19 1_555 A C 3  1_555 B G 18 1_555 -0.072 -0.480 3.111 0.938  19.135 34.145  -2.849 0.212   2.505  29.856  
-1.463  39.013  2  AA_G69C70:G106C107_BB A 69 ? B 107 ? A 70 ? B 106 ? 
1 A C 3  1_555 B G 18 1_555 A C 4  1_555 B G 17 1_555 0.205  -1.903 3.312 1.589  12.950 35.259  -4.510 -0.128  2.491  20.531  
-2.518  37.523  3  AA_C70C71:G105G106_BB A 70 ? B 106 ? A 71 ? B 105 ? 
1 A C 4  1_555 B G 17 1_555 A G 5  1_555 B A 16 1_555 -0.457 0.038  3.078 0.344  8.763  59.508  -0.369 0.472   3.053  8.776   
-0.345  60.092  4  AA_C71G72:A104G105_BB A 71 ? B 105 ? A 72 ? B 104 ? 
1 A G 5  1_555 B A 16 1_555 A A 6  1_555 B U 15 1_555 -6.189 -0.634 2.889 -8.307 -2.700 -11.791 3.123  -26.214 -1.285 11.322  
-34.839 -14.665 5  AA_G72A73:U103A104_BB A 72 ? B 104 ? A 73 ? B 103 ? 
1 A A 6  1_555 B U 15 1_555 A U 7  1_555 B G 14 1_555 0.836  -3.323 3.276 1.206  9.343  56.732  -3.928 -0.809  2.759  9.758   
-1.259  57.445  6  AA_A73U74:G102U103_BB A 73 ? B 103 ? A 74 ? B 102 ? 
1 A U 7  1_555 B G 14 1_555 A G 8  1_555 B A 13 1_555 1.252  -2.253 3.015 0.414  -0.982 39.545  -3.222 -1.804  3.080  -1.451  
-0.611  39.558  7  AA_U74G75:A101G102_BB A 74 ? B 102 ? A 75 ? B 101 ? 
1 A G 8  1_555 B A 13 1_555 A G 9  1_555 B G 12 1_555 -0.551 -2.712 3.277 0.684  0.582  59.716  -2.753 0.588   3.247  0.584   
-0.686  59.722  8  AA_G75G76:G100A101_BB A 75 ? B 101 ? A 76 ? B 100 ? 
1 A G 9  1_555 B G 12 1_555 A U 10 1_555 B A 11 1_555 -0.775 -2.322 3.128 -5.289 -4.102 45.580  -2.616 0.536   3.378  -5.261  
6.784   46.043  9  AA_G76U77:A99G100_BB  A 76 ? B 100 ? A 77 ? B 99  ? 
1 A U 10 1_555 B A 11 1_555 A A 11 1_555 B G 10 1_555 5.491  -0.933 3.134 -0.850 2.188  -18.517 1.688  16.472  3.466  -6.764  
-2.629  -18.664 10 AA_U77A78:G98A99_BB   A 77 ? B 99  ? A 78 ? B 98  ? 
1 A A 11 1_555 B G 10 1_555 A G 12 1_555 B C 9  1_555 -0.202 -0.777 3.250 -4.862 7.182  65.501  -0.999 -0.008  3.166  6.608   
4.473   66.009  11 AA_A78G79:C97G98_BB   A 78 ? B 98  ? A 79 ? B 97  ? 
1 A G 12 1_555 B C 9  1_555 A U 13 1_555 B G 8  1_555 -0.366 -0.659 3.117 -0.393 2.151  43.503  -1.084 0.457   3.086  2.900   
0.530   43.556  12 AA_G79U80:G96C97_BB   A 79 ? B 97  ? A 80 ? B 96  ? 
1 A U 13 1_555 B G 8  1_555 A G 14 1_555 B U 7  1_555 -0.418 -2.192 4.025 6.803  -5.390 18.139  -3.037 5.296   4.080  -15.964 
-20.149 20.093  13 AA_U80G81:U95G96_BB   A 80 ? B 96  ? A 81 ? B 95  ? 
1 A G 14 1_555 B U 7  1_555 A U 15 1_555 B A 6  1_555 0.374  -0.822 2.976 -7.467 -6.271 39.833  -0.543 -1.285  2.953  -9.041  
10.765  40.962  14 AA_G81U82:A94U95_BB   A 81 ? B 95  ? A 82 ? B 94  ? 
1 A U 15 1_555 B A 6  1_555 A G 16 1_555 B C 5  1_555 -0.620 -1.524 2.933 -3.710 -0.576 29.757  -2.837 0.500   3.014  -1.116  
7.189   29.988  15 AA_U82G83:C93A94_BB   A 82 ? B 94  ? A 83 ? B 93  ? 
1 A G 16 1_555 B C 5  1_555 A G 17 1_555 B C 4  1_555 0.415  -1.501 3.637 3.638  -8.108 32.754  -1.043 -0.026  3.910  -14.058 
-6.307  33.906  16 AA_G83G84:C92C93_BB   A 83 ? B 93  ? A 84 ? B 92  ? 
1 A G 17 1_555 B C 4  1_555 A G 18 1_555 B C 3  1_555 0.275  -1.872 3.695 -3.079 -8.887 27.622  -1.362 -1.363  4.036  -17.966 
6.224   29.150  17 AA_G84G85:C91C92_BB   A 84 ? B 92  ? A 85 ? B 91  ? 
1 A G 18 1_555 B C 3  1_555 A G 19 1_555 B C 2  1_555 2.655  -1.076 3.463 4.462  6.503  34.019  -2.860 -3.697  3.514  10.933  
-7.502  34.895  18 AA_G85G86:C90C91_BB   A 85 ? B 91  ? A 86 ? B 90  ? 
# 
loop_
_pdbx_nmr_spectrometer.spectrometer_id 
_pdbx_nmr_spectrometer.model 
_pdbx_nmr_spectrometer.manufacturer 
_pdbx_nmr_spectrometer.field_strength 
1 UNITY     Varian 500 
2 UNITYPLUS GE     600 
3 OMEGA     GE     600 
# 
_atom_sites.entry_id                    1A4D 
_atom_sites.fract_transf_matrix[1][1]   1.000000 
_atom_sites.fract_transf_matrix[1][2]   0.000000 
_atom_sites.fract_transf_matrix[1][3]   0.000000 
_atom_sites.fract_transf_matrix[2][1]   0.000000 
_atom_sites.fract_transf_matrix[2][2]   1.000000 
_atom_sites.fract_transf_matrix[2][3]   0.000000 
_atom_sites.fract_transf_matrix[3][1]   0.000000 
_atom_sites.fract_transf_matrix[3][2]   0.000000 
_atom_sites.fract_transf_matrix[3][3]   1.000000 
_atom_sites.fract_transf_vector[1]      0.00000 
_atom_sites.fract_transf_vector[2]      0.00000 
_atom_sites.fract_transf_vector[3]      0.00000 
# 
loop_
_atom_type.symbol 
C 
H 
N 
O 
P 
# 
loop_
_atom_site.group_PDB 
_atom_site.id 
_atom_site.type_symbol 
_atom_site.label_atom_id 
_atom_site.label_alt_id 
_atom_site.label_comp_id 
_atom_site.label_asym_id 
_atom_site.label_entity_id 
_atom_site.label_seq_id 
_atom_site.pdbx_PDB_ins_code 
_atom_site.Cartn_x 
_atom_site.Cartn_y 
_atom_site.Cartn_z 
_atom_site.occupancy 
_atom_site.B_iso_or_equiv 
_atom_site.pdbx_formal_charge 
_atom_site.auth_seq_id 
_atom_site.auth_comp_id 
_atom_site.auth_asym_id 
_atom_site.auth_atom_id 
_atom_site.pdbx_PDB_model_num 
ATOM 1    O "O5'"  . G A 1 1  ? 3.585   -0.089  -26.291 1.00 3.64 ? 68  G A "O5'"  1 
ATOM 2    C "C5'"  . G A 1 1  ? 4.916   -0.331  -26.756 1.00 3.90 ? 68  G A "C5'"  1 
ATOM 3    C "C4'"  . G A 1 1  ? 5.386   0.779   -27.671 1.00 3.76 ? 68  G A "C4'"  1 
ATOM 4    O "O4'"  . G A 1 1  ? 4.308   1.139   -28.573 1.00 3.82 ? 68  G A "O4'"  1 
ATOM 5    C "C3'"  . G A 1 1  ? 5.752   2.089   -26.988 1.00 3.38 ? 68  G A "C3'"  1 
ATOM 6    O "O3'"  . G A 1 1  ? 7.093   2.066   -26.504 1.00 3.34 ? 68  G A "O3'"  1 
ATOM 7    C "C2'"  . G A 1 1  ? 5.559   3.115   -28.100 1.00 3.37 ? 68  G A "C2'"  1 
ATOM 8    O "O2'"  . G A 1 1  ? 6.680   3.154   -28.962 1.00 3.56 ? 68  G A "O2'"  1 
ATOM 9    C "C1'"  . G A 1 1  ? 4.376   2.523   -28.868 1.00 3.59 ? 68  G A "C1'"  1 
ATOM 10   N N9     . G A 1 1  ? 3.093   3.129   -28.525 1.00 3.39 ? 68  G A N9     1 
ATOM 11   C C8     . G A 1 1  ? 2.051   2.540   -27.853 1.00 3.38 ? 68  G A C8     1 
ATOM 12   N N7     . G A 1 1  ? 1.024   3.330   -27.701 1.00 3.19 ? 68  G A N7     1 
ATOM 13   C C5     . G A 1 1  ? 1.413   4.517   -28.306 1.00 3.08 ? 68  G A C5     1 
ATOM 14   C C6     . G A 1 1  ? 0.718   5.745   -28.457 1.00 2.92 ? 68  G A C6     1 
ATOM 15   O O6     . G A 1 1  ? -0.420  6.040   -28.072 1.00 2.79 ? 68  G A O6     1 
ATOM 16   N N1     . G A 1 1  ? 1.483   6.686   -29.135 1.00 2.96 ? 68  G A N1     1 
ATOM 17   C C2     . G A 1 1  ? 2.755   6.477   -29.605 1.00 3.12 ? 68  G A C2     1 
ATOM 18   N N2     . G A 1 1  ? 3.331   7.506   -30.233 1.00 3.20 ? 68  G A N2     1 
ATOM 19   N N3     . G A 1 1  ? 3.415   5.340   -29.472 1.00 3.24 ? 68  G A N3     1 
ATOM 20   C C4     . G A 1 1  ? 2.689   4.410   -28.818 1.00 3.22 ? 68  G A C4     1 
ATOM 21   H "H5'"  . G A 1 1  ? 4.944   -1.277  -27.299 1.00 4.23 ? 68  G A "H5'"  1 
ATOM 22   H "H5''" . G A 1 1  ? 5.594   -0.395  -25.907 1.00 3.96 ? 68  G A "H5''" 1 
ATOM 23   H "H4'"  . G A 1 1  ? 6.284   0.428   -28.183 1.00 3.91 ? 68  G A "H4'"  1 
ATOM 24   H "H3'"  . G A 1 1  ? 5.119   2.284   -26.122 1.00 3.22 ? 68  G A "H3'"  1 
ATOM 25   H "H2'"  . G A 1 1  ? 5.315   4.095   -27.682 1.00 3.14 ? 68  G A "H2'"  1 
ATOM 26   H "HO2'" . G A 1 1  ? 7.394   2.702   -28.512 1.00 3.51 ? 68  G A "HO2'" 1 
ATOM 27   H "H1'"  . G A 1 1  ? 4.507   2.609   -29.948 1.00 3.79 ? 68  G A "H1'"  1 
ATOM 28   H H8     . G A 1 1  ? 2.082   1.527   -27.484 1.00 3.54 ? 68  G A H8     1 
ATOM 29   H H1     . G A 1 1  ? 1.067   7.592   -29.292 1.00 2.90 ? 68  G A H1     1 
ATOM 30   H H21    . G A 1 1  ? 2.841   8.381   -30.339 1.00 3.16 ? 68  G A H21    1 
ATOM 31   H H22    . G A 1 1  ? 4.267   7.404   -30.598 1.00 3.33 ? 68  G A H22    1 
ATOM 32   H "HO5'" . G A 1 1  ? 3.500   0.857   -26.152 1.00 3.58 ? 68  G A "HO5'" 1 
ATOM 33   P P      . G A 1 2  ? 7.534   3.058   -25.316 1.00 2.99 ? 69  G A P      1 
ATOM 34   O OP1    . G A 1 2  ? 9.004   2.961   -25.146 1.00 3.02 ? 69  G A OP1    1 
ATOM 35   O OP2    . G A 1 2  ? 6.645   2.754   -24.163 1.00 3.02 ? 69  G A OP2    1 
ATOM 36   O "O5'"  . G A 1 2  ? 7.195   4.508   -25.887 1.00 2.70 ? 69  G A "O5'"  1 
ATOM 37   C "C5'"  . G A 1 2  ? 8.060   5.155   -26.818 1.00 2.73 ? 69  G A "C5'"  1 
ATOM 38   C "C4'"  . G A 1 2  ? 7.877   6.653   -26.746 1.00 2.63 ? 69  G A "C4'"  1 
ATOM 39   O "O4'"  . G A 1 2  ? 6.736   7.039   -27.561 1.00 2.60 ? 69  G A "O4'"  1 
ATOM 40   C "C3'"  . G A 1 2  ? 7.546   7.214   -25.371 1.00 2.38 ? 69  G A "C3'"  1 
ATOM 41   O "O3'"  . G A 1 2  ? 8.714   7.370   -24.567 1.00 2.41 ? 69  G A "O3'"  1 
ATOM 42   C "C2'"  . G A 1 2  ? 6.883   8.539   -25.727 1.00 2.33 ? 69  G A "C2'"  1 
ATOM 43   O "O2'"  . G A 1 2  ? 7.840   9.506   -26.118 1.00 2.47 ? 69  G A "O2'"  1 
ATOM 44   C "C1'"  . G A 1 2  ? 6.069   8.134   -26.954 1.00 2.43 ? 69  G A "C1'"  1 
ATOM 45   N N9     . G A 1 2  ? 4.698   7.731   -26.655 1.00 2.31 ? 69  G A N9     1 
ATOM 46   C C8     . G A 1 2  ? 4.238   6.467   -26.370 1.00 2.35 ? 69  G A C8     1 
ATOM 47   N N7     . G A 1 2  ? 2.954   6.425   -26.142 1.00 2.23 ? 69  G A N7     1 
ATOM 48   C C5     . G A 1 2  ? 2.538   7.742   -26.288 1.00 2.10 ? 69  G A C5     1 
ATOM 49   C C6     . G A 1 2  ? 1.247   8.319   -26.160 1.00 1.97 ? 69  G A C6     1 
ATOM 50   O O6     . G A 1 2  ? 0.177   7.765   -25.883 1.00 1.91 ? 69  G A O6     1 
ATOM 51   N N1     . G A 1 2  ? 1.275   9.690   -26.394 1.00 1.96 ? 69  G A N1     1 
ATOM 52   C C2     . G A 1 2  ? 2.398   10.413  -26.708 1.00 2.06 ? 69  G A C2     1 
ATOM 53   N N2     . G A 1 2  ? 2.224   11.724  -26.901 1.00 2.10 ? 69  G A N2     1 
ATOM 54   N N3     . G A 1 2  ? 3.605   9.891   -26.826 1.00 2.15 ? 69  G A N3     1 
ATOM 55   C C4     . G A 1 2  ? 3.601   8.559   -26.605 1.00 2.16 ? 69  G A C4     1 
ATOM 56   H "H5'"  . G A 1 2  ? 7.833   4.815   -27.829 1.00 2.84 ? 69  G A "H5'"  1 
ATOM 57   H "H5''" . G A 1 2  ? 9.098   4.914   -26.588 1.00 2.76 ? 69  G A "H5''" 1 
ATOM 58   H "H4'"  . G A 1 2  ? 8.813   7.116   -27.060 1.00 2.76 ? 69  G A "H4'"  1 
ATOM 59   H "H3'"  . G A 1 2  ? 6.881   6.552   -24.818 1.00 2.27 ? 69  G A "H3'"  1 
ATOM 60   H "H2'"  . G A 1 2  ? 6.243   8.883   -24.917 1.00 2.15 ? 69  G A "H2'"  1 
ATOM 61   H "HO2'" . G A 1 2  ? 8.649   9.299   -25.649 1.00 2.64 ? 69  G A "HO2'" 1 
ATOM 62   H "H1'"  . G A 1 2  ? 6.029   8.931   -27.693 1.00 2.52 ? 69  G A "H1'"  1 
ATOM 63   H H8     . G A 1 2  ? 4.874   5.594   -26.342 1.00 2.49 ? 69  G A H8     1 
ATOM 64   H H1     . G A 1 2  ? 0.401   10.186  -26.324 1.00 1.91 ? 69  G A H1     1 
ATOM 65   H H21    . G A 1 2  ? 1.306   12.135  -26.817 1.00 2.08 ? 69  G A H21    1 
ATOM 66   H H22    . G A 1 2  ? 3.018   12.301  -27.135 1.00 2.20 ? 69  G A H22    1 
ATOM 67   P P      . C A 1 3  ? 8.669   6.978   -23.007 1.00 2.29 ? 70  C A P      1 
ATOM 68   O OP1    . C A 1 3  ? 10.057  6.957   -22.486 1.00 2.40 ? 70  C A OP1    1 
ATOM 69   O OP2    . C A 1 3  ? 7.828   5.756   -22.887 1.00 2.25 ? 70  C A OP2    1 
ATOM 70   O "O5'"  . C A 1 3  ? 7.913   8.213   -22.341 1.00 2.14 ? 70  C A "O5'"  1 
ATOM 71   C "C5'"  . C A 1 3  ? 8.618   9.397   -21.975 1.00 2.16 ? 70  C A "C5'"  1 
ATOM 72   C "C4'"  . C A 1 3  ? 7.686   10.588  -21.989 1.00 2.03 ? 70  C A "C4'"  1 
ATOM 73   O "O4'"  . C A 1 3  ? 6.812   10.501  -23.150 1.00 2.08 ? 70  C A "O4'"  1 
ATOM 74   C "C3'"  . C A 1 3  ? 6.714   10.697  -20.822 1.00 1.79 ? 70  C A "C3'"  1 
ATOM 75   O "O3'"  . C A 1 3  ? 7.320   11.260  -19.662 1.00 1.75 ? 70  C A "O3'"  1 
ATOM 76   C "C2'"  . C A 1 3  ? 5.631   11.589  -21.411 1.00 1.74 ? 70  C A "C2'"  1 
ATOM 77   O "O2'"  . C A 1 3  ? 6.063   12.934  -21.503 1.00 1.84 ? 70  C A "O2'"  1 
ATOM 78   C "C1'"  . C A 1 3  ? 5.528   11.007  -22.818 1.00 1.90 ? 70  C A "C1'"  1 
ATOM 79   N N1     . C A 1 3  ? 4.544   9.918   -22.932 1.00 1.80 ? 70  C A N1     1 
ATOM 80   C C2     . C A 1 3  ? 3.178   10.227  -22.900 1.00 1.68 ? 70  C A C2     1 
ATOM 81   O O2     . C A 1 3  ? 2.828   11.409  -22.757 1.00 1.67 ? 70  C A O2     1 
ATOM 82   N N3     . C A 1 3  ? 2.274   9.231   -23.026 1.00 1.60 ? 70  C A N3     1 
ATOM 83   C C4     . C A 1 3  ? 2.689   7.974   -23.191 1.00 1.65 ? 70  C A C4     1 
ATOM 84   N N4     . C A 1 3  ? 1.765   7.023   -23.322 1.00 1.59 ? 70  C A N4     1 
ATOM 85   C C5     . C A 1 3  ? 4.073   7.636   -23.229 1.00 1.81 ? 70  C A C5     1 
ATOM 86   C C6     . C A 1 3  ? 4.953   8.625   -23.075 1.00 1.87 ? 70  C A C6     1 
ATOM 87   H "H5'"  . C A 1 3  ? 9.433   9.573   -22.679 1.00 2.33 ? 70  C A "H5'"  1 
ATOM 88   H "H5''" . C A 1 3  ? 9.034   9.285   -20.974 1.00 2.11 ? 70  C A "H5''" 1 
ATOM 89   H "H4'"  . C A 1 3  ? 8.300   11.488  -21.975 1.00 2.10 ? 70  C A "H4'"  1 
ATOM 90   H "H3'"  . C A 1 3  ? 6.334   9.720   -20.524 1.00 1.71 ? 70  C A "H3'"  1 
ATOM 91   H "H2'"  . C A 1 3  ? 4.697   11.480  -20.861 1.00 1.57 ? 70  C A "H2'"  1 
ATOM 92   H "HO2'" . C A 1 3  ? 6.830   13.021  -20.936 1.00 1.89 ? 70  C A "HO2'" 1 
ATOM 93   H "H1'"  . C A 1 3  ? 5.280   11.758  -23.562 1.00 1.99 ? 70  C A "H1'"  1 
ATOM 94   H H41    . C A 1 3  ? 0.783   7.267   -23.301 1.00 1.49 ? 70  C A H41    1 
ATOM 95   H H42    . C A 1 3  ? 2.045   6.061   -23.449 1.00 1.65 ? 70  C A H42    1 
ATOM 96   H H5     . C A 1 3  ? 4.403   6.618   -23.404 1.00 1.89 ? 70  C A H5     1 
ATOM 97   H H6     . C A 1 3  ? 6.016   8.391   -23.043 1.00 1.98 ? 70  C A H6     1 
ATOM 98   P P      . C A 1 4  ? 6.691   10.965  -18.211 1.00 1.50 ? 71  C A P      1 
ATOM 99   O OP1    . C A 1 4  ? 7.521   11.642  -17.188 1.00 1.52 ? 71  C A OP1    1 
ATOM 100  O OP2    . C A 1 4  ? 6.478   9.495   -18.123 1.00 1.52 ? 71  C A OP2    1 
ATOM 101  O "O5'"  . C A 1 4  ? 5.277   11.705  -18.257 1.00 1.29 ? 71  C A "O5'"  1 
ATOM 102  C "C5'"  . C A 1 4  ? 5.187   13.128  -18.341 1.00 1.31 ? 71  C A "C5'"  1 
ATOM 103  C "C4'"  . C A 1 4  ? 3.758   13.573  -18.127 1.00 1.17 ? 71  C A "C4'"  1 
ATOM 104  O "O4'"  . C A 1 4  ? 2.954   13.129  -19.253 1.00 1.18 ? 71  C A "O4'"  1 
ATOM 105  C "C3'"  . C A 1 4  ? 3.080   12.980  -16.900 1.00 0.98 ? 71  C A "C3'"  1 
ATOM 106  O "O3'"  . C A 1 4  ? 3.306   13.790  -15.750 1.00 0.94 ? 71  C A "O3'"  1 
ATOM 107  C "C2'"  . C A 1 4  ? 1.607   12.941  -17.297 1.00 0.91 ? 71  C A "C2'"  1 
ATOM 108  O "O2'"  . C A 1 4  ? 0.993   14.202  -17.106 1.00 0.95 ? 71  C A "O2'"  1 
ATOM 109  C "C1'"  . C A 1 4  ? 1.695   12.667  -18.798 1.00 1.04 ? 71  C A "C1'"  1 
ATOM 110  N N1     . C A 1 4  ? 1.561   11.246  -19.172 1.00 1.01 ? 71  C A N1     1 
ATOM 111  C C2     . C A 1 4  ? 0.281   10.685  -19.261 1.00 0.91 ? 71  C A C2     1 
ATOM 112  O O2     . C A 1 4  ? -0.706  11.386  -18.996 1.00 0.87 ? 71  C A O2     1 
ATOM 113  N N3     . C A 1 4  ? 0.153   9.392   -19.636 1.00 0.90 ? 71  C A N3     1 
ATOM 114  C C4     . C A 1 4  ? 1.237   8.670   -19.923 1.00 1.00 ? 71  C A C4     1 
ATOM 115  N N4     . C A 1 4  ? 1.062   7.406   -20.307 1.00 1.02 ? 71  C A N4     1 
ATOM 116  C C5     . C A 1 4  ? 2.551   9.212   -19.832 1.00 1.11 ? 71  C A C5     1 
ATOM 117  C C6     . C A 1 4  ? 2.666   10.488  -19.447 1.00 1.10 ? 71  C A C6     1 
ATOM 118  H "H5'"  . C A 1 4  ? 5.524   13.461  -19.324 1.00 1.47 ? 71  C A "H5'"  1 
ATOM 119  H "H5''" . C A 1 4  ? 5.817   13.585  -17.579 1.00 1.30 ? 71  C A "H5''" 1 
ATOM 120  H "H4'"  . C A 1 4  ? 3.765   14.655  -17.993 1.00 1.21 ? 71  C A "H4'"  1 
ATOM 121  H "H3'"  . C A 1 4  ? 3.476   11.996  -16.658 1.00 0.98 ? 71  C A "H3'"  1 
ATOM 122  H "H2'"  . C A 1 4  ? 1.089   12.136  -16.772 1.00 0.80 ? 71  C A "H2'"  1 
ATOM 123  H "HO2'" . C A 1 4  ? 1.444   14.621  -16.371 1.00 0.96 ? 71  C A "HO2'" 1 
ATOM 124  H "H1'"  . C A 1 4  ? 0.939   13.225  -19.353 1.00 1.07 ? 71  C A "H1'"  1 
ATOM 125  H H41    . C A 1 4  ? 0.130   7.025   -20.383 1.00 0.95 ? 71  C A H41    1 
ATOM 126  H H42    . C A 1 4  ? 1.862   6.834   -20.534 1.00 1.12 ? 71  C A H42    1 
ATOM 127  H H5     . C A 1 4  ? 3.430   8.613   -20.072 1.00 1.22 ? 71  C A H5     1 
ATOM 128  H H6     . C A 1 4  ? 3.658   10.923  -19.341 1.00 1.19 ? 71  C A H6     1 
ATOM 129  P P      . G A 1 5  ? 3.725   13.104  -14.360 1.00 0.90 ? 72  G A P      1 
ATOM 130  O OP1    . G A 1 5  ? 3.849   14.168  -13.333 1.00 0.94 ? 72  G A OP1    1 
ATOM 131  O OP2    . G A 1 5  ? 4.895   12.233  -14.650 1.00 1.02 ? 72  G A OP2    1 
ATOM 132  O "O5'"  . G A 1 5  ? 2.460   12.204  -13.990 1.00 0.78 ? 72  G A "O5'"  1 
ATOM 133  C "C5'"  . G A 1 5  ? 1.253   12.795  -13.505 1.00 0.80 ? 72  G A "C5'"  1 
ATOM 134  C "C4'"  . G A 1 5  ? 0.081   11.862  -13.735 1.00 0.66 ? 72  G A "C4'"  1 
ATOM 135  O "O4'"  . G A 1 5  ? 0.004   11.524  -15.150 1.00 0.61 ? 72  G A "O4'"  1 
ATOM 136  C "C3'"  . G A 1 5  ? 0.160   10.511  -13.040 1.00 0.61 ? 72  G A "C3'"  1 
ATOM 137  O "O3'"  . G A 1 5  ? -0.259  10.577  -11.679 1.00 0.65 ? 72  G A "O3'"  1 
ATOM 138  C "C2'"  . G A 1 5  ? -0.752  9.655   -13.909 1.00 0.51 ? 72  G A "C2'"  1 
ATOM 139  O "O2'"  . G A 1 5  ? -2.121  9.943   -13.683 1.00 0.52 ? 72  G A "O2'"  1 
ATOM 140  C "C1'"  . G A 1 5  ? -0.372  10.163  -15.298 1.00 0.53 ? 72  G A "C1'"  1 
ATOM 141  N N9     . G A 1 5  ? 0.744   9.433   -15.889 1.00 0.59 ? 72  G A N9     1 
ATOM 142  C C8     . G A 1 5  ? 2.061   9.822   -15.925 1.00 0.70 ? 72  G A C8     1 
ATOM 143  N N7     . G A 1 5  ? 2.839   8.957   -16.514 1.00 0.78 ? 72  G A N7     1 
ATOM 144  C C5     . G A 1 5  ? 1.985   7.929   -16.890 1.00 0.73 ? 72  G A C5     1 
ATOM 145  C C6     . G A 1 5  ? 2.254   6.713   -17.565 1.00 0.81 ? 72  G A C6     1 
ATOM 146  O O6     . G A 1 5  ? 3.336   6.286   -17.985 1.00 0.93 ? 72  G A O6     1 
ATOM 147  N N1     . G A 1 5  ? 1.099   5.959   -17.741 1.00 0.75 ? 72  G A N1     1 
ATOM 148  C C2     . G A 1 5  ? -0.155  6.330   -17.327 1.00 0.64 ? 72  G A C2     1 
ATOM 149  N N2     . G A 1 5  ? -1.140  5.462   -17.588 1.00 0.64 ? 72  G A N2     1 
ATOM 150  N N3     . G A 1 5  ? -0.424  7.463   -16.702 1.00 0.56 ? 72  G A N3     1 
ATOM 151  C C4     . G A 1 5  ? 0.686   8.209   -16.515 1.00 0.61 ? 72  G A C4     1 
ATOM 152  H "H5'"  . G A 1 5  ? 1.069   13.736  -14.026 1.00 0.87 ? 72  G A "H5'"  1 
ATOM 153  H "H5''" . G A 1 5  ? 1.342   12.993  -12.437 1.00 0.92 ? 72  G A "H5''" 1 
ATOM 154  H "H4'"  . G A 1 5  ? -0.813  12.359  -13.358 1.00 0.70 ? 72  G A "H4'"  1 
ATOM 155  H "H3'"  . G A 1 5  ? 1.183   10.134  -13.019 1.00 0.66 ? 72  G A "H3'"  1 
ATOM 156  H "H2'"  . G A 1 5  ? -0.518  8.594   -13.789 1.00 0.53 ? 72  G A "H2'"  1 
ATOM 157  H "HO2'" . G A 1 5  ? -2.282  9.855   -12.742 1.00 0.62 ? 72  G A "HO2'" 1 
ATOM 158  H "H1'"  . G A 1 5  ? -1.209  10.134  -15.996 1.00 0.50 ? 72  G A "H1'"  1 
ATOM 159  H H8     . G A 1 5  ? 2.418   10.748  -15.500 1.00 0.73 ? 72  G A H8     1 
ATOM 160  H H1     . G A 1 5  ? 1.201   5.074   -18.210 1.00 0.82 ? 72  G A H1     1 
ATOM 161  H H21    . G A 1 5  ? -0.932  4.599   -18.070 1.00 0.72 ? 72  G A H21    1 
ATOM 162  H H22    . G A 1 5  ? -2.088  5.667   -17.311 1.00 0.60 ? 72  G A H22    1 
ATOM 163  P P      . A A 1 6  ? -0.242  9.248   -10.775 1.00 0.72 ? 73  A A P      1 
ATOM 164  O OP1    . A A 1 6  ? 0.055   9.637   -9.374  1.00 0.89 ? 73  A A OP1    1 
ATOM 165  O OP2    . A A 1 6  ? 0.644   8.266   -11.458 1.00 1.12 ? 73  A A OP2    1 
ATOM 166  O "O5'"  . A A 1 6  ? -1.751  8.730   -10.836 1.00 0.83 ? 73  A A "O5'"  1 
ATOM 167  C "C5'"  . A A 1 6  ? -2.676  9.010   -9.783  1.00 0.97 ? 73  A A "C5'"  1 
ATOM 168  C "C4'"  . A A 1 6  ? -3.717  10.012  -10.233 1.00 0.90 ? 73  A A "C4'"  1 
ATOM 169  O "O4'"  . A A 1 6  ? -3.915  9.906   -11.676 1.00 0.73 ? 73  A A "O4'"  1 
ATOM 170  C "C3'"  . A A 1 6  ? -5.100  9.793   -9.628  1.00 0.97 ? 73  A A "C3'"  1 
ATOM 171  O "O3'"  . A A 1 6  ? -5.255  10.496  -8.398  1.00 1.10 ? 73  A A "O3'"  1 
ATOM 172  C "C2'"  . A A 1 6  ? -6.030  10.313  -10.714 1.00 0.90 ? 73  A A "C2'"  1 
ATOM 173  O "O2'"  . A A 1 6  ? -6.070  11.728  -10.725 1.00 0.96 ? 73  A A "O2'"  1 
ATOM 174  C "C1'"  . A A 1 6  ? -5.299  9.829   -11.963 1.00 0.76 ? 73  A A "C1'"  1 
ATOM 175  N N9     . A A 1 6  ? -5.606  8.453   -12.352 1.00 0.72 ? 73  A A N9     1 
ATOM 176  C C8     . A A 1 6  ? -4.704  7.476   -12.689 1.00 0.68 ? 73  A A C8     1 
ATOM 177  N N7     . A A 1 6  ? -5.257  6.338   -13.012 1.00 0.69 ? 73  A A N7     1 
ATOM 178  C C5     . A A 1 6  ? -6.616  6.572   -12.882 1.00 0.73 ? 73  A A C5     1 
ATOM 179  C C6     . A A 1 6  ? -7.737  5.749   -13.076 1.00 0.76 ? 73  A A C6     1 
ATOM 180  N N6     . A A 1 6  ? -7.663  4.475   -13.473 1.00 0.76 ? 73  A A N6     1 
ATOM 181  N N1     . A A 1 6  ? -8.954  6.285   -12.846 1.00 0.82 ? 73  A A N1     1 
ATOM 182  C C2     . A A 1 6  ? -9.028  7.564   -12.453 1.00 0.86 ? 73  A A C2     1 
ATOM 183  N N3     . A A 1 6  ? -8.044  8.438   -12.240 1.00 0.83 ? 73  A A N3     1 
ATOM 184  C C4     . A A 1 6  ? -6.849  7.872   -12.473 1.00 0.76 ? 73  A A C4     1 
ATOM 185  H "H5'"  . A A 1 6  ? -2.142  9.412   -8.921  1.00 1.15 ? 73  A A "H5'"  1 
ATOM 186  H "H5''" . A A 1 6  ? -3.178  8.091   -9.485  1.00 1.13 ? 73  A A "H5''" 1 
ATOM 187  H "H4'"  . A A 1 6  ? -3.383  10.999  -9.908  1.00 0.98 ? 73  A A "H4'"  1 
ATOM 188  H "H3'"  . A A 1 6  ? -5.276  8.743   -9.397  1.00 0.98 ? 73  A A "H3'"  1 
ATOM 189  H "H2'"  . A A 1 6  ? -7.019  9.860   -10.625 1.00 0.93 ? 73  A A "H2'"  1 
ATOM 190  H "HO2'" . A A 1 6  ? -5.644  12.022  -9.919  1.00 1.04 ? 73  A A "HO2'" 1 
ATOM 191  H "H1'"  . A A 1 6  ? -5.484  10.475  -12.823 1.00 0.72 ? 73  A A "H1'"  1 
ATOM 192  H H8     . A A 1 6  ? -3.636  7.630   -12.684 1.00 0.67 ? 73  A A H8     1 
ATOM 193  H H61    . A A 1 6  ? -8.514  3.946   -13.597 1.00 0.80 ? 73  A A H61    1 
ATOM 194  H H62    . A A 1 6  ? -6.770  4.037   -13.656 1.00 0.75 ? 73  A A H62    1 
ATOM 195  H H2     . A A 1 6  ? -10.035 7.944   -12.285 1.00 0.93 ? 73  A A H2     1 
ATOM 196  P P      . U A 1 7  ? -5.524  9.678   -7.041  1.00 1.23 ? 74  U A P      1 
ATOM 197  O OP1    . U A 1 7  ? -6.085  10.608  -6.032  1.00 1.36 ? 74  U A OP1    1 
ATOM 198  O OP2    . U A 1 7  ? -4.268  8.943   -6.737  1.00 1.25 ? 74  U A OP2    1 
ATOM 199  O "O5'"  . U A 1 7  ? -6.670  8.642   -7.444  1.00 1.20 ? 74  U A "O5'"  1 
ATOM 200  C "C5'"  . U A 1 7  ? -7.978  9.092   -7.797  1.00 1.24 ? 74  U A "C5'"  1 
ATOM 201  C "C4'"  . U A 1 7  ? -8.897  7.912   -8.030  1.00 1.20 ? 74  U A "C4'"  1 
ATOM 202  O "O4'"  . U A 1 7  ? -8.648  7.347   -9.344  1.00 1.12 ? 74  U A "O4'"  1 
ATOM 203  C "C3'"  . U A 1 7  ? -8.710  6.719   -7.107  1.00 1.23 ? 74  U A "C3'"  1 
ATOM 204  O "O3'"  . U A 1 7  ? -9.320  6.922   -5.835  1.00 1.32 ? 74  U A "O3'"  1 
ATOM 205  C "C2'"  . U A 1 7  ? -9.373  5.598   -7.899  1.00 1.19 ? 74  U A "C2'"  1 
ATOM 206  O "O2'"  . U A 1 7  ? -10.784 5.655   -7.790  1.00 1.23 ? 74  U A "O2'"  1 
ATOM 207  C "C1'"  . U A 1 7  ? -8.979  5.966   -9.331  1.00 1.09 ? 74  U A "C1'"  1 
ATOM 208  N N1     . U A 1 7  ? -7.828  5.199   -9.835  1.00 1.05 ? 74  U A N1     1 
ATOM 209  C C2     . U A 1 7  ? -8.035  3.869   -10.173 1.00 1.04 ? 74  U A C2     1 
ATOM 210  O O2     . U A 1 7  ? -9.120  3.320   -10.083 1.00 1.07 ? 74  U A O2     1 
ATOM 211  N N3     . U A 1 7  ? -6.923  3.205   -10.623 1.00 1.03 ? 74  U A N3     1 
ATOM 212  C C4     . U A 1 7  ? -5.656  3.716   -10.770 1.00 1.01 ? 74  U A C4     1 
ATOM 213  O O4     . U A 1 7  ? -4.753  2.981   -11.170 1.00 1.01 ? 74  U A O4     1 
ATOM 214  C C5     . U A 1 7  ? -5.523  5.092   -10.408 1.00 1.00 ? 74  U A C5     1 
ATOM 215  C C6     . U A 1 7  ? -6.583  5.774   -9.963  1.00 1.03 ? 74  U A C6     1 
ATOM 216  H "H5'"  . U A 1 7  ? -7.929  9.692   -8.706  1.00 1.18 ? 74  U A "H5'"  1 
ATOM 217  H "H5''" . U A 1 7  ? -8.388  9.702   -6.993  1.00 1.40 ? 74  U A "H5''" 1 
ATOM 218  H "H4'"  . U A 1 7  ? -9.922  8.259   -7.895  1.00 1.21 ? 74  U A "H4'"  1 
ATOM 219  H "H3'"  . U A 1 7  ? -7.656  6.524   -6.911  1.00 1.24 ? 74  U A "H3'"  1 
ATOM 220  H "H2'"  . U A 1 7  ? -8.967  4.627   -7.607  1.00 1.22 ? 74  U A "H2'"  1 
ATOM 221  H "HO2'" . U A 1 7  ? -10.980 6.187   -7.020  1.00 1.54 ? 74  U A "HO2'" 1 
ATOM 222  H "H1'"  . U A 1 7  ? -9.804  5.832   -10.031 1.00 1.05 ? 74  U A "H1'"  1 
ATOM 223  H H3     . U A 1 7  ? -7.044  2.236   -10.880 1.00 1.05 ? 74  U A H3     1 
ATOM 224  H H5     . U A 1 7  ? -4.555  5.587   -10.496 1.00 1.00 ? 74  U A H5     1 
ATOM 225  H H6     . U A 1 7  ? -6.457  6.824   -9.697  1.00 1.05 ? 74  U A H6     1 
ATOM 226  P P      . G A 1 8  ? -8.620  6.334   -4.512  1.00 1.43 ? 75  G A P      1 
ATOM 227  O OP1    . G A 1 8  ? -9.521  6.567   -3.357  1.00 1.54 ? 75  G A OP1    1 
ATOM 228  O OP2    . G A 1 8  ? -7.238  6.889   -4.481  1.00 1.48 ? 75  G A OP2    1 
ATOM 229  O "O5'"  . G A 1 8  ? -8.562  4.761   -4.781  1.00 1.39 ? 75  G A "O5'"  1 
ATOM 230  C "C5'"  . G A 1 8  ? -9.740  3.957   -4.713  1.00 1.43 ? 75  G A "C5'"  1 
ATOM 231  C "C4'"  . G A 1 8  ? -9.553  2.676   -5.499  1.00 1.42 ? 75  G A "C4'"  1 
ATOM 232  O "O4'"  . G A 1 8  ? -8.936  2.971   -6.780  1.00 1.37 ? 75  G A "O4'"  1 
ATOM 233  C "C3'"  . G A 1 8  ? -8.611  1.650   -4.888  1.00 1.43 ? 75  G A "C3'"  1 
ATOM 234  O "O3'"  . G A 1 8  ? -9.248  0.886   -3.871  1.00 1.51 ? 75  G A "O3'"  1 
ATOM 235  C "C2'"  . G A 1 8  ? -8.228  0.801   -6.096  1.00 1.41 ? 75  G A "C2'"  1 
ATOM 236  O "O2'"  . G A 1 8  ? -9.249  -0.125  -6.418  1.00 1.48 ? 75  G A "O2'"  1 
ATOM 237  C "C1'"  . G A 1 8  ? -8.161  1.858   -7.200  1.00 1.36 ? 75  G A "C1'"  1 
ATOM 238  N N9     . G A 1 8  ? -6.804  2.317   -7.483  1.00 1.29 ? 75  G A N9     1 
ATOM 239  C C8     . G A 1 8  ? -6.284  3.570   -7.261  1.00 1.26 ? 75  G A C8     1 
ATOM 240  N N7     . G A 1 8  ? -5.034  3.680   -7.615  1.00 1.21 ? 75  G A N7     1 
ATOM 241  C C5     . G A 1 8  ? -4.704  2.421   -8.101  1.00 1.21 ? 75  G A C5     1 
ATOM 242  C C6     . G A 1 8  ? -3.481  1.930   -8.629  1.00 1.19 ? 75  G A C6     1 
ATOM 243  O O6     . G A 1 8  ? -2.409  2.527   -8.780  1.00 1.15 ? 75  G A O6     1 
ATOM 244  N N1     . G A 1 8  ? -3.586  0.594   -9.003  1.00 1.26 ? 75  G A N1     1 
ATOM 245  C C2     . G A 1 8  ? -4.719  -0.170  -8.888  1.00 1.33 ? 75  G A C2     1 
ATOM 246  N N2     . G A 1 8  ? -4.623  -1.438  -9.304  1.00 1.41 ? 75  G A N2     1 
ATOM 247  N N3     . G A 1 8  ? -5.864  0.274   -8.400  1.00 1.33 ? 75  G A N3     1 
ATOM 248  C C4     . G A 1 8  ? -5.786  1.569   -8.028  1.00 1.27 ? 75  G A C4     1 
ATOM 249  H "H5'"  . G A 1 8  ? -10.586 4.510   -5.127  1.00 1.46 ? 75  G A "H5'"  1 
ATOM 250  H "H5''" . G A 1 8  ? -9.956  3.707   -3.675  1.00 1.47 ? 75  G A "H5''" 1 
ATOM 251  H "H4'"  . G A 1 8  ? -10.528 2.198   -5.587  1.00 1.48 ? 75  G A "H4'"  1 
ATOM 252  H "H3'"  . G A 1 8  ? -7.749  2.123   -4.419  1.00 1.40 ? 75  G A "H3'"  1 
ATOM 253  H "H2'"  . G A 1 8  ? -7.260  0.322   -5.937  1.00 1.40 ? 75  G A "H2'"  1 
ATOM 254  H "HO2'" . G A 1 8  ? -9.735  -0.292  -5.610  1.00 1.52 ? 75  G A "HO2'" 1 
ATOM 255  H "H1'"  . G A 1 8  ? -8.598  1.502   -8.134  1.00 1.37 ? 75  G A "H1'"  1 
ATOM 256  H H8     . G A 1 8  ? -6.854  4.382   -6.834  1.00 1.30 ? 75  G A H8     1 
ATOM 257  H H1     . G A 1 8  ? -2.760  0.156   -9.388  1.00 1.28 ? 75  G A H1     1 
ATOM 258  H H21    . G A 1 8  ? -3.752  -1.789  -9.673  1.00 1.43 ? 75  G A H21    1 
ATOM 259  H H22    . G A 1 8  ? -5.428  -2.045  -9.242  1.00 1.47 ? 75  G A H22    1 
ATOM 260  P P      . G A 1 9  ? -8.564  0.757   -2.422  1.00 1.50 ? 76  G A P      1 
ATOM 261  O OP1    . G A 1 9  ? -9.383  -0.158  -1.590  1.00 1.61 ? 76  G A OP1    1 
ATOM 262  O OP2    . G A 1 9  ? -8.317  2.145   -1.948  1.00 1.47 ? 76  G A OP2    1 
ATOM 263  O "O5'"  . G A 1 9  ? -7.169  0.040   -2.724  1.00 1.46 ? 76  G A "O5'"  1 
ATOM 264  C "C5'"  . G A 1 9  ? -7.018  -1.376  -2.604  1.00 1.53 ? 76  G A "C5'"  1 
ATOM 265  C "C4'"  . G A 1 9  ? -6.161  -1.914  -3.733  1.00 1.48 ? 76  G A "C4'"  1 
ATOM 266  O "O4'"  . G A 1 9  ? -6.065  -0.914  -4.782  1.00 1.41 ? 76  G A "O4'"  1 
ATOM 267  C "C3'"  . G A 1 9  ? -4.711  -2.219  -3.381  1.00 1.50 ? 76  G A "C3'"  1 
ATOM 268  O "O3'"  . G A 1 9  ? -4.575  -3.510  -2.790  1.00 1.55 ? 76  G A "O3'"  1 
ATOM 269  C "C2'"  . G A 1 9  ? -4.017  -2.130  -4.737  1.00 1.44 ? 76  G A "C2'"  1 
ATOM 270  O "O2'"  . G A 1 9  ? -4.213  -3.313  -5.491  1.00 1.45 ? 76  G A "O2'"  1 
ATOM 271  C "C1'"  . G A 1 9  ? -4.794  -0.995  -5.405  1.00 1.39 ? 76  G A "C1'"  1 
ATOM 272  N N9     . G A 1 9  ? -4.146  0.310   -5.299  1.00 1.36 ? 76  G A N9     1 
ATOM 273  C C8     . G A 1 9  ? -4.697  1.474   -4.821  1.00 1.36 ? 76  G A C8     1 
ATOM 274  N N7     . G A 1 9  ? -3.873  2.486   -4.853  1.00 1.35 ? 76  G A N7     1 
ATOM 275  C C5     . G A 1 9  ? -2.703  1.958   -5.382  1.00 1.33 ? 76  G A C5     1 
ATOM 276  C C6     . G A 1 9  ? -1.454  2.577   -5.654  1.00 1.31 ? 76  G A C6     1 
ATOM 277  O O6     . G A 1 9  ? -1.122  3.756   -5.482  1.00 1.31 ? 76  G A O6     1 
ATOM 278  N N1     . G A 1 9  ? -0.541  1.672   -6.184  1.00 1.30 ? 76  G A N1     1 
ATOM 279  C C2     . G A 1 9  ? -0.795  0.345   -6.426  1.00 1.32 ? 76  G A C2     1 
ATOM 280  N N2     . G A 1 9  ? 0.216   -0.366  -6.939  1.00 1.32 ? 76  G A N2     1 
ATOM 281  N N3     . G A 1 9  ? -1.952  -0.243  -6.183  1.00 1.34 ? 76  G A N3     1 
ATOM 282  C C4     . G A 1 9  ? -2.854  0.616   -5.663  1.00 1.34 ? 76  G A C4     1 
ATOM 283  H "H5'"  . G A 1 9  ? -7.999  -1.855  -2.641  1.00 1.59 ? 76  G A "H5'"  1 
ATOM 284  H "H5''" . G A 1 9  ? -6.543  -1.617  -1.654  1.00 1.60 ? 76  G A "H5''" 1 
ATOM 285  H "H4'"  . G A 1 9  ? -6.608  -2.851  -4.066  1.00 1.50 ? 76  G A "H4'"  1 
ATOM 286  H "H3'"  . G A 1 9  ? -4.313  -1.509  -2.658  1.00 1.51 ? 76  G A "H3'"  1 
ATOM 287  H "H2'"  . G A 1 9  ? -2.963  -1.879  -4.614  1.00 1.46 ? 76  G A "H2'"  1 
ATOM 288  H "HO2'" . G A 1 9  ? -4.498  -3.992  -4.879  1.00 1.54 ? 76  G A "HO2'" 1 
ATOM 289  H "H1'"  . G A 1 9  ? -4.975  -1.192  -6.463  1.00 1.35 ? 76  G A "H1'"  1 
ATOM 290  H H8     . G A 1 9  ? -5.709  1.545   -4.454  1.00 1.39 ? 76  G A H8     1 
ATOM 291  H H1     . G A 1 9  ? 0.376   2.027   -6.406  1.00 1.29 ? 76  G A H1     1 
ATOM 292  H H21    . G A 1 9  ? 1.104   0.076   -7.125  1.00 1.31 ? 76  G A H21    1 
ATOM 293  H H22    . G A 1 9  ? 0.087   -1.348  -7.136  1.00 1.34 ? 76  G A H22    1 
ATOM 294  P P      . U A 1 10 ? -3.305  -3.837  -1.859  1.00 1.53 ? 77  U A P      1 
ATOM 295  O OP1    . U A 1 10 ? -3.369  -5.266  -1.467  1.00 1.57 ? 77  U A OP1    1 
ATOM 296  O OP2    . U A 1 10 ? -3.270  -2.794  -0.799  1.00 1.53 ? 77  U A OP2    1 
ATOM 297  O "O5'"  . U A 1 10 ? -2.058  -3.649  -2.837  1.00 1.50 ? 77  U A "O5'"  1 
ATOM 298  C "C5'"  . U A 1 10 ? -1.489  -4.758  -3.534  1.00 1.50 ? 77  U A "C5'"  1 
ATOM 299  C "C4'"  . U A 1 10 ? -0.118  -4.398  -4.063  1.00 1.48 ? 77  U A "C4'"  1 
ATOM 300  O "O4'"  . U A 1 10 ? -0.209  -3.139  -4.783  1.00 1.41 ? 77  U A "O4'"  1 
ATOM 301  C "C3'"  . U A 1 10 ? 0.954   -4.157  -3.007  1.00 1.53 ? 77  U A "C3'"  1 
ATOM 302  O "O3'"  . U A 1 10 ? 1.591   -5.371  -2.615  1.00 1.60 ? 77  U A "O3'"  1 
ATOM 303  C "C2'"  . U A 1 10 ? 1.919   -3.215  -3.717  1.00 1.50 ? 77  U A "C2'"  1 
ATOM 304  O "O2'"  . U A 1 10 ? 2.777   -3.926  -4.590  1.00 1.51 ? 77  U A "O2'"  1 
ATOM 305  C "C1'"  . U A 1 10 ? 0.959   -2.370  -4.556  1.00 1.44 ? 77  U A "C1'"  1 
ATOM 306  N N1     . U A 1 10 ? 0.568   -1.103  -3.918  1.00 1.43 ? 77  U A N1     1 
ATOM 307  C C2     . U A 1 10 ? 1.475   -0.054  -3.959  1.00 1.44 ? 77  U A C2     1 
ATOM 308  O O2     . U A 1 10 ? 2.569   -0.140  -4.489  1.00 1.46 ? 77  U A O2     1 
ATOM 309  N N3     . U A 1 10 ? 1.050   1.100   -3.355  1.00 1.44 ? 77  U A N3     1 
ATOM 310  C C4     . U A 1 10 ? -0.156  1.316   -2.727  1.00 1.43 ? 77  U A C4     1 
ATOM 311  O O4     . U A 1 10 ? -0.390  2.418   -2.228  1.00 1.44 ? 77  U A O4     1 
ATOM 312  C C5     . U A 1 10 ? -1.035  0.191   -2.725  1.00 1.42 ? 77  U A C5     1 
ATOM 313  C C6     . U A 1 10 ? -0.658  -0.955  -3.301  1.00 1.42 ? 77  U A C6     1 
ATOM 314  H "H5'"  . U A 1 10 ? -2.134  -5.036  -4.370  1.00 1.48 ? 77  U A "H5'"  1 
ATOM 315  H "H5''" . U A 1 10 ? -1.396  -5.610  -2.861  1.00 1.58 ? 77  U A "H5''" 1 
ATOM 316  H "H4'"  . U A 1 10 ? 0.227   -5.228  -4.679  1.00 1.49 ? 77  U A "H4'"  1 
ATOM 317  H "H3'"  . U A 1 10 ? 0.538   -3.725  -2.098  1.00 1.55 ? 77  U A "H3'"  1 
ATOM 318  H "H2'"  . U A 1 10 ? 2.465   -2.605  -2.996  1.00 1.52 ? 77  U A "H2'"  1 
ATOM 319  H "HO2'" . U A 1 10 ? 2.801   -4.831  -4.277  1.00 1.62 ? 77  U A "HO2'" 1 
ATOM 320  H "H1'"  . U A 1 10 ? 1.376   -2.135  -5.537  1.00 1.42 ? 77  U A "H1'"  1 
ATOM 321  H H3     . U A 1 10 ? 1.681   1.883   -3.406  1.00 1.46 ? 77  U A H3     1 
ATOM 322  H H5     . U A 1 10 ? -2.016  0.266   -2.254  1.00 1.41 ? 77  U A H5     1 
ATOM 323  H H6     . U A 1 10 ? -1.340  -1.804  -3.275  1.00 1.42 ? 77  U A H6     1 
ATOM 324  P P      . A A 1 11 ? 2.189   -5.518  -1.129  1.00 1.67 ? 78  A A P      1 
ATOM 325  O OP1    . A A 1 11 ? 2.837   -6.849  -1.013  1.00 1.73 ? 78  A A OP1    1 
ATOM 326  O OP2    . A A 1 11 ? 1.086   -5.162  -0.197  1.00 1.67 ? 78  A A OP2    1 
ATOM 327  O "O5'"  . A A 1 11 ? 3.328   -4.401  -1.064  1.00 1.68 ? 78  A A "O5'"  1 
ATOM 328  C "C5'"  . A A 1 11 ? 4.693   -4.721  -1.335  1.00 1.71 ? 78  A A "C5'"  1 
ATOM 329  C "C4'"  . A A 1 11 ? 5.457   -3.478  -1.745  1.00 1.67 ? 78  A A "C4'"  1 
ATOM 330  O "O4'"  . A A 1 11 ? 4.540   -2.466  -2.234  1.00 1.62 ? 78  A A "O4'"  1 
ATOM 331  C "C3'"  . A A 1 11 ? 6.202   -2.757  -0.633  1.00 1.68 ? 78  A A "C3'"  1 
ATOM 332  O "O3'"  . A A 1 11 ? 7.443   -3.389  -0.326  1.00 1.72 ? 78  A A "O3'"  1 
ATOM 333  C "C2'"  . A A 1 11 ? 6.397   -1.362  -1.223  1.00 1.67 ? 78  A A "C2'"  1 
ATOM 334  O "O2'"  . A A 1 11 ? 7.493   -1.338  -2.118  1.00 1.70 ? 78  A A "O2'"  1 
ATOM 335  C "C1'"  . A A 1 11 ? 5.104   -1.182  -2.024  1.00 1.64 ? 78  A A "C1'"  1 
ATOM 336  N N9     . A A 1 11 ? 4.112   -0.341  -1.351  1.00 1.62 ? 78  A A N9     1 
ATOM 337  C C8     . A A 1 11 ? 2.820   -0.658  -1.008  1.00 1.59 ? 78  A A C8     1 
ATOM 338  N N7     . A A 1 11 ? 2.178   0.316   -0.410  1.00 1.58 ? 78  A A N7     1 
ATOM 339  C C5     . A A 1 11 ? 3.109   1.345   -0.354  1.00 1.61 ? 78  A A C5     1 
ATOM 340  C C6     . A A 1 11 ? 3.047   2.651   0.163   1.00 1.63 ? 78  A A C6     1 
ATOM 341  N N6     . A A 1 11 ? 1.964   3.171   0.742   1.00 1.62 ? 78  A A N6     1 
ATOM 342  N N1     . A A 1 11 ? 4.154   3.419   0.062   1.00 1.68 ? 78  A A N1     1 
ATOM 343  C C2     . A A 1 11 ? 5.240   2.903   -0.524  1.00 1.70 ? 78  A A C2     1 
ATOM 344  N N3     . A A 1 11 ? 5.419   1.694   -1.051  1.00 1.68 ? 78  A A N3     1 
ATOM 345  C C4     . A A 1 11 ? 4.303   0.954   -0.931  1.00 1.64 ? 78  A A C4     1 
ATOM 346  H "H5'"  . A A 1 11 ? 4.744   -5.454  -2.141  1.00 1.71 ? 78  A A "H5'"  1 
ATOM 347  H "H5''" . A A 1 11 ? 5.156   -5.142  -0.444  1.00 1.81 ? 78  A A "H5''" 1 
ATOM 348  H "H4'"  . A A 1 11 ? 6.203   -3.779  -2.482  1.00 1.68 ? 78  A A "H4'"  1 
ATOM 349  H "H3'"  . A A 1 11 ? 5.629   -2.744  0.294   1.00 1.68 ? 78  A A "H3'"  1 
ATOM 350  H "H2'"  . A A 1 11 ? 6.486   -0.617  -0.429  1.00 1.69 ? 78  A A "H2'"  1 
ATOM 351  H "HO2'" . A A 1 11 ? 8.098   -2.021  -1.827  1.00 1.72 ? 78  A A "HO2'" 1 
ATOM 352  H "H1'"  . A A 1 11 ? 5.292   -0.753  -3.009  1.00 1.65 ? 78  A A "H1'"  1 
ATOM 353  H H8     . A A 1 11 ? 2.377   -1.622  -1.207  1.00 1.58 ? 78  A A H8     1 
ATOM 354  H H61    . A A 1 11 ? 1.984   4.126   1.074   1.00 1.64 ? 78  A A H61    1 
ATOM 355  H H62    . A A 1 11 ? 1.122   2.619   0.830   1.00 1.59 ? 78  A A H62    1 
ATOM 356  H H2     . A A 1 11 ? 6.102   3.567   -0.580  1.00 1.74 ? 78  A A H2     1 
ATOM 357  P P      . G A 1 12 ? 7.972   -3.419  1.193   1.00 1.78 ? 79  G A P      1 
ATOM 358  O OP1    . G A 1 12 ? 9.411   -3.778  1.185   1.00 1.84 ? 79  G A OP1    1 
ATOM 359  O OP2    . G A 1 12 ? 7.014   -4.264  1.954   1.00 1.79 ? 79  G A OP2    1 
ATOM 360  O "O5'"  . G A 1 12 ? 7.845   -1.902  1.669   1.00 1.77 ? 79  G A "O5'"  1 
ATOM 361  C "C5'"  . G A 1 12 ? 8.837   -0.934  1.328   1.00 1.80 ? 79  G A "C5'"  1 
ATOM 362  C "C4'"  . G A 1 12 ? 8.493   0.407   1.935   1.00 1.80 ? 79  G A "C4'"  1 
ATOM 363  O "O4'"  . G A 1 12 ? 7.262   0.902   1.344   1.00 1.76 ? 79  G A "O4'"  1 
ATOM 364  C "C3'"  . G A 1 12 ? 8.202   0.400   3.430   1.00 1.80 ? 79  G A "C3'"  1 
ATOM 365  O "O3'"  . G A 1 12 ? 9.405   0.447   4.196   1.00 1.85 ? 79  G A "O3'"  1 
ATOM 366  C "C2'"  . G A 1 12 ? 7.345   1.650   3.604   1.00 1.78 ? 79  G A "C2'"  1 
ATOM 367  O "O2'"  . G A 1 12 ? 8.141   2.820   3.631   1.00 1.82 ? 79  G A "O2'"  1 
ATOM 368  C "C1'"  . G A 1 12 ? 6.531   1.641   2.309   1.00 1.74 ? 79  G A "C1'"  1 
ATOM 369  N N9     . G A 1 12 ? 5.208   1.035   2.447   1.00 1.69 ? 79  G A N9     1 
ATOM 370  C C8     . G A 1 12 ? 4.796   -0.177  1.950   1.00 1.65 ? 79  G A C8     1 
ATOM 371  N N7     . G A 1 12 ? 3.548   -0.446  2.215   1.00 1.62 ? 79  G A N7     1 
ATOM 372  C C5     . G A 1 12 ? 3.106   0.654   2.940   1.00 1.62 ? 79  G A C5     1 
ATOM 373  C C6     . G A 1 12 ? 1.834   0.935   3.508   1.00 1.60 ? 79  G A C6     1 
ATOM 374  O O6     . G A 1 12 ? 0.808   0.244   3.481   1.00 1.57 ? 79  G A O6     1 
ATOM 375  N N1     . G A 1 12 ? 1.825   2.163   4.160   1.00 1.62 ? 79  G A N1     1 
ATOM 376  C C2     . G A 1 12 ? 2.900   3.012   4.257   1.00 1.67 ? 79  G A C2     1 
ATOM 377  N N2     . G A 1 12 ? 2.698   4.152   4.926   1.00 1.70 ? 79  G A N2     1 
ATOM 378  N N3     . G A 1 12 ? 4.090   2.762   3.737   1.00 1.69 ? 79  G A N3     1 
ATOM 379  C C4     . G A 1 12 ? 4.122   1.575   3.096   1.00 1.67 ? 79  G A C4     1 
ATOM 380  H "H5'"  . G A 1 12 ? 8.895   -0.832  0.243   1.00 1.81 ? 79  G A "H5'"  1 
ATOM 381  H "H5''" . G A 1 12 ? 9.809   -1.253  1.705   1.00 1.84 ? 79  G A "H5''" 1 
ATOM 382  H "H4'"  . G A 1 12 ? 9.346   1.069   1.782   1.00 1.82 ? 79  G A "H4'"  1 
ATOM 383  H "H3'"  . G A 1 12 ? 7.684   -0.508  3.733   1.00 1.78 ? 79  G A "H3'"  1 
ATOM 384  H "H2'"  . G A 1 12 ? 6.703   1.557   4.482   1.00 1.77 ? 79  G A "H2'"  1 
ATOM 385  H "HO2'" . G A 1 12 ? 8.980   2.577   4.025   1.00 1.81 ? 79  G A "HO2'" 1 
ATOM 386  H "H1'"  . G A 1 12 ? 6.400   2.645   1.905   1.00 1.76 ? 79  G A "H1'"  1 
ATOM 387  H H8     . G A 1 12 ? 5.441   -0.842  1.396   1.00 1.67 ? 79  G A H8     1 
ATOM 388  H H1     . G A 1 12 ? 0.951   2.442   4.589   1.00 1.61 ? 79  G A H1     1 
ATOM 389  H H21    . G A 1 12 ? 1.796   4.357   5.329   1.00 1.68 ? 79  G A H21    1 
ATOM 390  H H22    . G A 1 12 ? 3.457   4.810   5.026   1.00 1.75 ? 79  G A H22    1 
ATOM 391  P P      . U A 1 13 ? 9.586   -0.522  5.466   1.00 1.84 ? 80  U A P      1 
ATOM 392  O OP1    . U A 1 13 ? 11.028  -0.590  5.806   1.00 1.89 ? 80  U A OP1    1 
ATOM 393  O OP2    . U A 1 13 ? 8.849   -1.781  5.165   1.00 1.83 ? 80  U A OP2    1 
ATOM 394  O "O5'"  . U A 1 13 ? 8.844   0.262   6.640   1.00 1.82 ? 80  U A "O5'"  1 
ATOM 395  C "C5'"  . U A 1 13 ? 9.445   1.393   7.269   1.00 1.84 ? 80  U A "C5'"  1 
ATOM 396  C "C4'"  . U A 1 13 ? 8.381   2.297   7.849   1.00 1.81 ? 80  U A "C4'"  1 
ATOM 397  O "O4'"  . U A 1 13 ? 7.332   2.482   6.857   1.00 1.82 ? 80  U A "O4'"  1 
ATOM 398  C "C3'"  . U A 1 13 ? 7.656   1.762   9.080   1.00 1.78 ? 80  U A "C3'"  1 
ATOM 399  O "O3'"  . U A 1 13 ? 8.356   2.076   10.283  1.00 1.78 ? 80  U A "O3'"  1 
ATOM 400  C "C2'"  . U A 1 13 ? 6.304   2.460   8.994   1.00 1.78 ? 80  U A "C2'"  1 
ATOM 401  O "O2'"  . U A 1 13 ? 6.379   3.807   9.426   1.00 1.79 ? 80  U A "O2'"  1 
ATOM 402  C "C1'"  . U A 1 13 ? 6.062   2.453   7.486   1.00 1.79 ? 80  U A "C1'"  1 
ATOM 403  N N1     . U A 1 13 ? 5.329   1.270   7.010   1.00 1.78 ? 80  U A N1     1 
ATOM 404  C C2     . U A 1 13 ? 3.970   1.204   7.269   1.00 1.77 ? 80  U A C2     1 
ATOM 405  O O2     . U A 1 13 ? 3.358   2.075   7.864   1.00 1.77 ? 80  U A O2     1 
ATOM 406  N N3     . U A 1 13 ? 3.348   0.076   6.803   1.00 1.76 ? 80  U A N3     1 
ATOM 407  C C4     . U A 1 13 ? 3.921   -0.964  6.107   1.00 1.77 ? 80  U A C4     1 
ATOM 408  O O4     . U A 1 13 ? 3.220   -1.905  5.735   1.00 1.78 ? 80  U A O4     1 
ATOM 409  C C5     . U A 1 13 ? 5.324   -0.821  5.877   1.00 1.79 ? 80  U A C5     1 
ATOM 410  C C6     . U A 1 13 ? 5.969   0.258   6.327   1.00 1.79 ? 80  U A C6     1 
ATOM 411  H "H5'"  . U A 1 13 ? 10.030  1.953   6.538   1.00 1.87 ? 80  U A "H5'"  1 
ATOM 412  H "H5''" . U A 1 13 ? 10.104  1.063   8.071   1.00 1.85 ? 80  U A "H5''" 1 
ATOM 413  H "H4'"  . U A 1 13 ? 8.865   3.227   8.149   1.00 1.83 ? 80  U A "H4'"  1 
ATOM 414  H "H3'"  . U A 1 13 ? 7.569   0.677   9.054   1.00 1.78 ? 80  U A "H3'"  1 
ATOM 415  H "H2'"  . U A 1 13 ? 5.542   1.889   9.527   1.00 1.76 ? 80  U A "H2'"  1 
ATOM 416  H "HO2'" . U A 1 13 ? 5.565   3.997   9.894   1.00 1.98 ? 80  U A "HO2'" 1 
ATOM 417  H "H1'"  . U A 1 13 ? 5.523   3.341   7.154   1.00 1.80 ? 80  U A "H1'"  1 
ATOM 418  H H3     . U A 1 13 ? 2.379   -0.012  7.047   1.00 1.76 ? 80  U A H3     1 
ATOM 419  H H5     . U A 1 13 ? 5.868   -1.594  5.333   1.00 1.81 ? 80  U A H5     1 
ATOM 420  H H6     . U A 1 13 ? 7.041   0.340   6.151   1.00 1.81 ? 80  U A H6     1 
ATOM 421  P P      . G A 1 14 ? 7.992   1.304   11.647  1.00 1.76 ? 81  G A P      1 
ATOM 422  O OP1    . G A 1 14 ? 8.923   1.756   12.708  1.00 1.83 ? 81  G A OP1    1 
ATOM 423  O OP2    . G A 1 14 ? 7.915   -0.144  11.316  1.00 1.77 ? 81  G A OP2    1 
ATOM 424  O "O5'"  . G A 1 14 ? 6.538   1.848   12.016  1.00 1.70 ? 81  G A "O5'"  1 
ATOM 425  C "C5'"  . G A 1 14 ? 6.344   3.197   12.439  1.00 1.72 ? 81  G A "C5'"  1 
ATOM 426  C "C4'"  . G A 1 14 ? 4.870   3.538   12.456  1.00 1.69 ? 81  G A "C4'"  1 
ATOM 427  O "O4'"  . G A 1 14 ? 4.223   2.978   11.283  1.00 1.74 ? 81  G A "O4'"  1 
ATOM 428  C "C3'"  . G A 1 14 ? 4.068   2.959   13.610  1.00 1.56 ? 81  G A "C3'"  1 
ATOM 429  O "O3'"  . G A 1 14 ? 4.226   3.744   14.790  1.00 1.55 ? 81  G A "O3'"  1 
ATOM 430  C "C2'"  . G A 1 14 ? 2.641   2.992   13.068  1.00 1.58 ? 81  G A "C2'"  1 
ATOM 431  O "O2'"  . G A 1 14 ? 2.077   4.285   13.192  1.00 1.67 ? 81  G A "O2'"  1 
ATOM 432  C "C1'"  . G A 1 14 ? 2.865   2.705   11.583  1.00 1.67 ? 81  G A "C1'"  1 
ATOM 433  N N9     . G A 1 14 ? 2.568   1.338   11.165  1.00 1.61 ? 81  G A N9     1 
ATOM 434  C C8     . G A 1 14 ? 3.446   0.402   10.677  1.00 1.63 ? 81  G A C8     1 
ATOM 435  N N7     . G A 1 14 ? 2.865   -0.706  10.312  1.00 1.61 ? 81  G A N7     1 
ATOM 436  C C5     . G A 1 14 ? 1.522   -0.498  10.595  1.00 1.55 ? 81  G A C5     1 
ATOM 437  C C6     . G A 1 14 ? 0.401   -1.344  10.408  1.00 1.50 ? 81  G A C6     1 
ATOM 438  O O6     . G A 1 14 ? 0.375   -2.484  9.935   1.00 1.52 ? 81  G A O6     1 
ATOM 439  N N1     . G A 1 14 ? -0.781  -0.736  10.833  1.00 1.45 ? 81  G A N1     1 
ATOM 440  C C2     . G A 1 14 ? -0.861  0.517   11.384  1.00 1.46 ? 81  G A C2     1 
ATOM 441  N N2     . G A 1 14 ? -2.076  0.916   11.765  1.00 1.43 ? 81  G A N2     1 
ATOM 442  N N3     . G A 1 14 ? 0.175   1.318   11.556  1.00 1.52 ? 81  G A N3     1 
ATOM 443  C C4     . G A 1 14 ? 1.326   0.752   11.141  1.00 1.55 ? 81  G A C4     1 
ATOM 444  H "H5'"  . G A 1 14 ? 6.861   3.875   11.758  1.00 1.81 ? 81  G A "H5'"  1 
ATOM 445  H "H5''" . G A 1 14 ? 6.748   3.329   13.443  1.00 1.68 ? 81  G A "H5''" 1 
ATOM 446  H "H4'"  . G A 1 14 ? 4.783   4.623   12.523  1.00 1.76 ? 81  G A "H4'"  1 
ATOM 447  H "H3'"  . G A 1 14 ? 4.397   1.952   13.866  1.00 1.50 ? 81  G A "H3'"  1 
ATOM 448  H "H2'"  . G A 1 14 ? 2.030   2.224   13.532  1.00 1.50 ? 81  G A "H2'"  1 
ATOM 449  H "HO2'" . G A 1 14 ? 1.581   4.299   14.012  1.00 1.73 ? 81  G A "HO2'" 1 
ATOM 450  H "H1'"  . G A 1 14 ? 2.267   3.362   10.962  1.00 1.75 ? 81  G A "H1'"  1 
ATOM 451  H H8     . G A 1 14 ? 4.511   0.566   10.607  1.00 1.68 ? 81  G A H8     1 
ATOM 452  H H1     . G A 1 14 ? -1.669  -1.223  10.728  1.00 1.42 ? 81  G A H1     1 
ATOM 453  H H21    . G A 1 14 ? -2.870  0.303   11.648  1.00 1.39 ? 81  G A H21    1 
ATOM 454  H H22    . G A 1 14 ? -2.196  1.828   12.181  1.00 1.46 ? 81  G A H22    1 
ATOM 455  P P      . U A 1 15 ? 4.187   3.041   16.234  1.00 1.37 ? 82  U A P      1 
ATOM 456  O OP1    . U A 1 15 ? 4.560   4.046   17.259  1.00 1.42 ? 82  U A OP1    1 
ATOM 457  O OP2    . U A 1 15 ? 4.975   1.783   16.127  1.00 1.30 ? 82  U A OP2    1 
ATOM 458  O "O5'"  . U A 1 15 ? 2.644   2.690   16.438  1.00 1.31 ? 82  U A "O5'"  1 
ATOM 459  C "C5'"  . U A 1 15 ? 1.663   3.720   16.564  1.00 1.40 ? 82  U A "C5'"  1 
ATOM 460  C "C4'"  . U A 1 15 ? 0.287   3.167   16.268  1.00 1.33 ? 82  U A "C4'"  1 
ATOM 461  O "O4'"  . U A 1 15 ? 0.320   2.489   14.987  1.00 1.32 ? 82  U A "O4'"  1 
ATOM 462  C "C3'"  . U A 1 15 ? -0.215  2.111   17.242  1.00 1.16 ? 82  U A "C3'"  1 
ATOM 463  O "O3'"  . U A 1 15 ? -0.835  2.712   18.377  1.00 1.20 ? 82  U A "O3'"  1 
ATOM 464  C "C2'"  . U A 1 15 ? -1.194  1.295   16.398  1.00 1.09 ? 82  U A "C2'"  1 
ATOM 465  O "O2'"  . U A 1 15 ? -2.484  1.878   16.377  1.00 1.17 ? 82  U A "O2'"  1 
ATOM 466  C "C1'"  . U A 1 15 ? -0.583  1.399   15.003  1.00 1.19 ? 82  U A "C1'"  1 
ATOM 467  N N1     . U A 1 15 ? 0.142   0.182   14.617  1.00 1.11 ? 82  U A N1     1 
ATOM 468  C C2     . U A 1 15 ? -0.589  -0.951  14.282  1.00 1.02 ? 82  U A C2     1 
ATOM 469  O O2     . U A 1 15 ? -1.807  -0.994  14.313  1.00 0.98 ? 82  U A O2     1 
ATOM 470  N N3     . U A 1 15 ? 0.167   -2.033  13.906  1.00 1.01 ? 82  U A N3     1 
ATOM 471  C C4     . U A 1 15 ? 1.537   -2.082  13.810  1.00 1.08 ? 82  U A C4     1 
ATOM 472  O O4     . U A 1 15 ? 2.081   -3.120  13.433  1.00 1.12 ? 82  U A O4     1 
ATOM 473  C C5     . U A 1 15 ? 2.199   -0.867  14.173  1.00 1.15 ? 82  U A C5     1 
ATOM 474  C C6     . U A 1 15 ? 1.505   0.178   14.580  1.00 1.16 ? 82  U A C6     1 
ATOM 475  H "H5'"  . U A 1 15 ? 1.883   4.527   15.864  1.00 1.53 ? 82  U A "H5'"  1 
ATOM 476  H "H5''" . U A 1 15 ? 1.673   4.118   17.578  1.00 1.43 ? 82  U A "H5''" 1 
ATOM 477  H "H4'"  . U A 1 15 ? -0.420  3.996   16.306  1.00 1.43 ? 82  U A "H4'"  1 
ATOM 478  H "H3'"  . U A 1 15 ? 0.603   1.506   17.631  1.00 1.09 ? 82  U A "H3'"  1 
ATOM 479  H "H2'"  . U A 1 15 ? -1.207  0.260   16.733  1.00 0.96 ? 82  U A "H2'"  1 
ATOM 480  H "HO2'" . U A 1 15 ? -3.087  1.230   16.745  1.00 1.09 ? 82  U A "HO2'" 1 
ATOM 481  H "H1'"  . U A 1 15 ? -1.327  1.596   14.235  1.00 1.25 ? 82  U A "H1'"  1 
ATOM 482  H H3     . U A 1 15 ? -0.321  -2.902  13.726  1.00 0.96 ? 82  U A H3     1 
ATOM 483  H H5     . U A 1 15 ? 3.272   -0.786  14.090  1.00 1.21 ? 82  U A H5     1 
ATOM 484  H H6     . U A 1 15 ? 2.041   1.056   14.933  1.00 1.23 ? 82  U A H6     1 
ATOM 485  P P      . G A 1 16 ? -0.796  1.970   19.803  1.00 1.10 ? 83  G A P      1 
ATOM 486  O OP1    . G A 1 16 ? -1.247  2.927   20.843  1.00 1.26 ? 83  G A OP1    1 
ATOM 487  O OP2    . G A 1 16 ? 0.544   1.335   19.930  1.00 1.04 ? 83  G A OP2    1 
ATOM 488  O "O5'"  . G A 1 16 ? -1.915  0.840   19.668  1.00 0.97 ? 83  G A "O5'"  1 
ATOM 489  C "C5'"  . G A 1 16 ? -3.301  1.175   19.678  1.00 1.06 ? 83  G A "C5'"  1 
ATOM 490  C "C4'"  . G A 1 16 ? -4.111  0.093   18.999  1.00 0.94 ? 83  G A "C4'"  1 
ATOM 491  O "O4'"  . G A 1 16 ? -3.417  -0.373  17.814  1.00 0.86 ? 83  G A "O4'"  1 
ATOM 492  C "C3'"  . G A 1 16 ? -4.319  -1.187  19.794  1.00 0.82 ? 83  G A "C3'"  1 
ATOM 493  O "O3'"  . G A 1 16 ? -5.349  -1.045  20.769  1.00 0.94 ? 83  G A "O3'"  1 
ATOM 494  C "C2'"  . G A 1 16 ? -4.681  -2.188  18.702  1.00 0.72 ? 83  G A "C2'"  1 
ATOM 495  O "O2'"  . G A 1 16 ? -6.036  -2.058  18.316  1.00 0.80 ? 83  G A "O2'"  1 
ATOM 496  C "C1'"  . G A 1 16 ? -3.793  -1.714  17.549  1.00 0.73 ? 83  G A "C1'"  1 
ATOM 497  N N9     . G A 1 16 ? -2.584  -2.513  17.378  1.00 0.65 ? 83  G A N9     1 
ATOM 498  C C8     . G A 1 16 ? -1.284  -2.120  17.584  1.00 0.67 ? 83  G A C8     1 
ATOM 499  N N7     . G A 1 16 ? -0.413  -3.048  17.301  1.00 0.65 ? 83  G A N7     1 
ATOM 500  C C5     . G A 1 16 ? -1.187  -4.130  16.902  1.00 0.62 ? 83  G A C5     1 
ATOM 501  C C6     . G A 1 16 ? -0.802  -5.427  16.487  1.00 0.67 ? 83  G A C6     1 
ATOM 502  O O6     . G A 1 16 ? 0.336   -5.896  16.385  1.00 0.76 ? 83  G A O6     1 
ATOM 503  N N1     . G A 1 16 ? -1.907  -6.214  16.178  1.00 0.67 ? 83  G A N1     1 
ATOM 504  C C2     . G A 1 16 ? -3.214  -5.805  16.267  1.00 0.61 ? 83  G A C2     1 
ATOM 505  N N2     . G A 1 16 ? -4.141  -6.708  15.929  1.00 0.64 ? 83  G A N2     1 
ATOM 506  N N3     . G A 1 16 ? -3.585  -4.602  16.659  1.00 0.58 ? 83  G A N3     1 
ATOM 507  C C4     . G A 1 16 ? -2.527  -3.819  16.956  1.00 0.59 ? 83  G A C4     1 
ATOM 508  H "H5'"  . G A 1 16 ? -3.455  2.119   19.153  1.00 1.19 ? 83  G A "H5'"  1 
ATOM 509  H "H5''" . G A 1 16 ? -3.647  1.284   20.706  1.00 1.12 ? 83  G A "H5''" 1 
ATOM 510  H "H4'"  . G A 1 16 ? -5.100  0.501   18.792  1.00 1.04 ? 83  G A "H4'"  1 
ATOM 511  H "H3'"  . G A 1 16 ? -3.419  -1.470  20.341  1.00 0.76 ? 83  G A "H3'"  1 
ATOM 512  H "H2'"  . G A 1 16 ? -4.428  -3.204  19.011  1.00 0.63 ? 83  G A "H2'"  1 
ATOM 513  H "HO2'" . G A 1 16 ? -6.566  -2.312  19.071  1.00 1.13 ? 83  G A "HO2'" 1 
ATOM 514  H "H1'"  . G A 1 16 ? -4.326  -1.710  16.597  1.00 0.78 ? 83  G A "H1'"  1 
ATOM 515  H H8     . G A 1 16 ? -1.012  -1.149  17.966  1.00 0.74 ? 83  G A H8     1 
ATOM 516  H H1     . G A 1 16 ? -1.726  -7.160  15.866  1.00 0.75 ? 83  G A H1     1 
ATOM 517  H H21    . G A 1 16 ? -3.868  -7.632  15.630  1.00 0.73 ? 83  G A H21    1 
ATOM 518  H H22    . G A 1 16 ? -5.117  -6.459  15.977  1.00 0.63 ? 83  G A H22    1 
ATOM 519  P P      . G A 1 17 ? -5.233  -1.815  22.175  1.00 0.96 ? 84  G A P      1 
ATOM 520  O OP1    . G A 1 17 ? -6.325  -1.341  23.061  1.00 1.17 ? 84  G A OP1    1 
ATOM 521  O OP2    . G A 1 17 ? -3.822  -1.685  22.628  1.00 0.91 ? 84  G A OP2    1 
ATOM 522  O "O5'"  . G A 1 17 ? -5.538  -3.336  21.800  1.00 0.86 ? 84  G A "O5'"  1 
ATOM 523  C "C5'"  . G A 1 17 ? -6.865  -3.766  21.494  1.00 0.92 ? 84  G A "C5'"  1 
ATOM 524  C "C4'"  . G A 1 17 ? -6.826  -5.011  20.635  1.00 0.81 ? 84  G A "C4'"  1 
ATOM 525  O "O4'"  . G A 1 17 ? -5.777  -4.879  19.641  1.00 0.66 ? 84  G A "O4'"  1 
ATOM 526  C "C3'"  . G A 1 17 ? -6.473  -6.306  21.349  1.00 0.84 ? 84  G A "C3'"  1 
ATOM 527  O "O3'"  . G A 1 17 ? -7.603  -6.866  22.019  1.00 1.01 ? 84  G A "O3'"  1 
ATOM 528  C "C2'"  . G A 1 17 ? -5.979  -7.186  20.204  1.00 0.75 ? 84  G A "C2'"  1 
ATOM 529  O "O2'"  . G A 1 17 ? -7.057  -7.752  19.483  1.00 0.80 ? 84  G A "O2'"  1 
ATOM 530  C "C1'"  . G A 1 17 ? -5.281  -6.163  19.306  1.00 0.61 ? 84  G A "C1'"  1 
ATOM 531  N N9     . G A 1 17 ? -3.828  -6.152  19.453  1.00 0.57 ? 84  G A N9     1 
ATOM 532  C C8     . G A 1 17 ? -3.051  -5.151  19.983  1.00 0.54 ? 84  G A C8     1 
ATOM 533  N N7     . G A 1 17 ? -1.776  -5.422  19.963  1.00 0.54 ? 84  G A N7     1 
ATOM 534  C C5     . G A 1 17 ? -1.704  -6.686  19.392  1.00 0.60 ? 84  G A C5     1 
ATOM 535  C C6     . G A 1 17 ? -0.580  -7.506  19.116  1.00 0.71 ? 84  G A C6     1 
ATOM 536  O O6     . G A 1 17 ? 0.614   -7.271  19.323  1.00 0.74 ? 84  G A O6     1 
ATOM 537  N N1     . G A 1 17 ? -0.959  -8.713  18.539  1.00 0.82 ? 84  G A N1     1 
ATOM 538  C C2     . G A 1 17 ? -2.249  -9.084  18.262  1.00 0.82 ? 84  G A C2     1 
ATOM 539  N N2     . G A 1 17 ? -2.407  -10.288 17.703  1.00 0.97 ? 84  G A N2     1 
ATOM 540  N N3     . G A 1 17 ? -3.306  -8.332  18.516  1.00 0.71 ? 84  G A N3     1 
ATOM 541  C C4     . G A 1 17 ? -2.962  -7.153  19.077  1.00 0.61 ? 84  G A C4     1 
ATOM 542  H "H5'"  . G A 1 17 ? -7.394  -2.977  20.959  1.00 0.97 ? 84  G A "H5'"  1 
ATOM 543  H "H5''" . G A 1 17 ? -7.402  -3.990  22.416  1.00 1.05 ? 84  G A "H5''" 1 
ATOM 544  H "H4'"  . G A 1 17 ? -7.819  -5.146  20.204  1.00 0.85 ? 84  G A "H4'"  1 
ATOM 545  H "H3'"  . G A 1 17 ? -5.714  -6.149  22.115  1.00 0.86 ? 84  G A "H3'"  1 
ATOM 546  H "H2'"  . G A 1 17 ? -5.280  -7.938  20.573  1.00 0.79 ? 84  G A "H2'"  1 
ATOM 547  H "HO2'" . G A 1 17 ? -6.931  -8.702  19.505  1.00 1.47 ? 84  G A "HO2'" 1 
ATOM 548  H "H1'"  . G A 1 17 ? -5.508  -6.322  18.251  1.00 0.60 ? 84  G A "H1'"  1 
ATOM 549  H H8     . G A 1 17 ? -3.457  -4.235  20.386  1.00 0.59 ? 84  G A H8     1 
ATOM 550  H H1     . G A 1 17 ? -0.230  -9.370  18.303  1.00 0.93 ? 84  G A H1     1 
ATOM 551  H H21    . G A 1 17 ? -1.608  -10.875 17.514  1.00 1.08 ? 84  G A H21    1 
ATOM 552  H H22    . G A 1 17 ? -3.337  -10.611 17.478  1.00 0.99 ? 84  G A H22    1 
ATOM 553  P P      . G A 1 18 ? -7.387  -7.874  23.254  1.00 1.20 ? 85  G A P      1 
ATOM 554  O OP1    . G A 1 18 ? -8.717  -8.243  23.795  1.00 1.38 ? 85  G A OP1    1 
ATOM 555  O OP2    . G A 1 18 ? -6.385  -7.243  24.155  1.00 1.23 ? 85  G A OP2    1 
ATOM 556  O "O5'"  . G A 1 18 ? -6.759  -9.178  22.580  1.00 1.17 ? 85  G A "O5'"  1 
ATOM 557  C "C5'"  . G A 1 18 ? -7.525  -9.984  21.684  1.00 1.18 ? 85  G A "C5'"  1 
ATOM 558  C "C4'"  . G A 1 18 ? -6.613  -10.880 20.874  1.00 1.16 ? 85  G A "C4'"  1 
ATOM 559  O "O4'"  . G A 1 18 ? -5.436  -10.140 20.470  1.00 1.01 ? 85  G A "O4'"  1 
ATOM 560  C "C3'"  . G A 1 18 ? -6.037  -12.083 21.604  1.00 1.32 ? 85  G A "C3'"  1 
ATOM 561  O "O3'"  . G A 1 18 ? -6.966  -13.164 21.630  1.00 1.49 ? 85  G A "O3'"  1 
ATOM 562  C "C2'"  . G A 1 18 ? -4.790  -12.418 20.786  1.00 1.28 ? 85  G A "C2'"  1 
ATOM 563  O "O2'"  . G A 1 18 ? -5.113  -13.243 19.682  1.00 1.35 ? 85  G A "O2'"  1 
ATOM 564  C "C1'"  . G A 1 18 ? -4.369  -11.045 20.256  1.00 1.08 ? 85  G A "C1'"  1 
ATOM 565  N N9     . G A 1 18 ? -3.164  -10.508 20.885  1.00 1.03 ? 85  G A N9     1 
ATOM 566  C C8     . G A 1 18 ? -3.033  -9.316  21.556  1.00 0.94 ? 85  G A C8     1 
ATOM 567  N N7     . G A 1 18 ? -1.818  -9.092  21.976  1.00 0.94 ? 85  G A N7     1 
ATOM 568  C C5     . G A 1 18 ? -1.103  -10.209 21.566  1.00 1.03 ? 85  G A C5     1 
ATOM 569  C C6     . G A 1 18 ? 0.268   -10.535 21.732  1.00 1.09 ? 85  G A C6     1 
ATOM 570  O O6     . G A 1 18 ? 1.155   -9.880  22.291  1.00 1.06 ? 85  G A O6     1 
ATOM 571  N N1     . G A 1 18 ? 0.572   -11.765 21.163  1.00 1.22 ? 85  G A N1     1 
ATOM 572  C C2     . G A 1 18 ? -0.326  -12.582 20.521  1.00 1.29 ? 85  G A C2     1 
ATOM 573  N N2     . G A 1 18 ? 0.156   -13.735 20.046  1.00 1.45 ? 85  G A N2     1 
ATOM 574  N N3     . G A 1 18 ? -1.603  -12.291 20.358  1.00 1.23 ? 85  G A N3     1 
ATOM 575  C C4     . G A 1 18 ? -1.921  -11.097 20.899  1.00 1.09 ? 85  G A C4     1 
ATOM 576  H "H5'"  . G A 1 18 ? -8.092  -9.344  21.007  1.00 1.10 ? 85  G A "H5'"  1 
ATOM 577  H "H5''" . G A 1 18 ? -8.219  -10.604 22.249  1.00 1.32 ? 85  G A "H5''" 1 
ATOM 578  H "H4'"  . G A 1 18 ? -7.193  -11.266 20.034  1.00 1.17 ? 85  G A "H4'"  1 
ATOM 579  H "H3'"  . G A 1 18 ? -5.810  -11.853 22.645  1.00 1.37 ? 85  G A "H3'"  1 
ATOM 580  H "H2'"  . G A 1 18 ? -4.019  -12.855 21.425  1.00 1.36 ? 85  G A "H2'"  1 
ATOM 581  H "HO2'" . G A 1 18 ? -5.985  -13.601 19.849  1.00 1.46 ? 85  G A "HO2'" 1 
ATOM 582  H "H1'"  . G A 1 18 ? -4.195  -11.067 19.179  1.00 1.05 ? 85  G A "H1'"  1 
ATOM 583  H H8     . G A 1 18 ? -3.853  -8.635  21.723  1.00 0.92 ? 85  G A H8     1 
ATOM 584  H H1     . G A 1 18 ? 1.529   -12.077 21.229  1.00 1.28 ? 85  G A H1     1 
ATOM 585  H H21    . G A 1 18 ? 1.129   -13.969 20.168  1.00 1.51 ? 85  G A H21    1 
ATOM 586  H H22    . G A 1 18 ? -0.462  -14.372 19.567  1.00 1.52 ? 85  G A H22    1 
ATOM 587  P P      . G A 1 19 ? -6.945  -14.206 22.853  1.00 1.75 ? 86  G A P      1 
ATOM 588  O OP1    . G A 1 19 ? -7.629  -15.452 22.427  1.00 1.94 ? 86  G A OP1    1 
ATOM 589  O OP2    . G A 1 19 ? -7.452  -13.467 24.041  1.00 1.79 ? 86  G A OP2    1 
ATOM 590  O "O5'"  . G A 1 19 ? -5.395  -14.531 23.049  1.00 1.78 ? 86  G A "O5'"  1 
ATOM 591  C "C5'"  . G A 1 19 ? -4.743  -15.538 22.275  1.00 1.86 ? 86  G A "C5'"  1 
ATOM 592  C "C4'"  . G A 1 19 ? -3.357  -15.798 22.819  1.00 1.91 ? 86  G A "C4'"  1 
ATOM 593  O "O4'"  . G A 1 19 ? -2.495  -14.683 22.484  1.00 1.75 ? 86  G A "O4'"  1 
ATOM 594  C "C3'"  . G A 1 19 ? -3.259  -15.895 24.335  1.00 2.02 ? 86  G A "C3'"  1 
ATOM 595  O "O3'"  . G A 1 19 ? -3.585  -17.206 24.788  1.00 2.22 ? 86  G A "O3'"  1 
ATOM 596  C "C2'"  . G A 1 19 ? -1.802  -15.531 24.608  1.00 1.98 ? 86  G A "C2'"  1 
ATOM 597  O "O2'"  . G A 1 19 ? -0.955  -16.652 24.435  1.00 2.12 ? 86  G A "O2'"  1 
ATOM 598  C "C1'"  . G A 1 19 ? -1.513  -14.524 23.492  1.00 1.77 ? 86  G A "C1'"  1 
ATOM 599  N N9     . G A 1 19 ? -1.533  -13.136 23.942  1.00 1.63 ? 86  G A N9     1 
ATOM 600  C C8     . G A 1 19 ? -2.626  -12.308 24.041  1.00 1.53 ? 86  G A C8     1 
ATOM 601  N N7     . G A 1 19 ? -2.330  -11.117 24.483  1.00 1.44 ? 86  G A N7     1 
ATOM 602  C C5     . G A 1 19 ? -0.958  -11.159 24.688  1.00 1.48 ? 86  G A C5     1 
ATOM 603  C C6     . G A 1 19 ? -0.066  -10.162 25.163  1.00 1.46 ? 86  G A C6     1 
ATOM 604  O O6     . G A 1 19 ? -0.319  -9.002  25.508  1.00 1.41 ? 86  G A O6     1 
ATOM 605  N N1     . G A 1 19 ? 1.243   -10.629 25.216  1.00 1.55 ? 86  G A N1     1 
ATOM 606  C C2     . G A 1 19 ? 1.644   -11.891 24.859  1.00 1.66 ? 86  G A C2     1 
ATOM 607  N N2     . G A 1 19 ? 2.950   -12.153 24.982  1.00 1.77 ? 86  G A N2     1 
ATOM 608  N N3     . G A 1 19 ? 0.827   -12.829 24.416  1.00 1.69 ? 86  G A N3     1 
ATOM 609  C C4     . G A 1 19 ? -0.451  -12.398 24.357  1.00 1.59 ? 86  G A C4     1 
ATOM 610  H "H5'"  . G A 1 19 ? -4.665  -15.211 21.237  1.00 1.78 ? 86  G A "H5'"  1 
ATOM 611  H "H5''" . G A 1 19 ? -5.318  -16.463 22.312  1.00 2.00 ? 86  G A "H5''" 1 
ATOM 612  H "H4'"  . G A 1 19 ? -3.015  -16.752 22.416  1.00 2.01 ? 86  G A "H4'"  1 
ATOM 613  H "H3'"  . G A 1 19 ? -3.959  -15.222 24.828  1.00 1.98 ? 86  G A "H3'"  1 
ATOM 614  H "H2'"  . G A 1 19 ? -1.699  -15.075 25.595  1.00 2.01 ? 86  G A "H2'"  1 
ATOM 615  H "HO2'" . G A 1 19 ? -1.521  -17.425 24.433  1.00 2.24 ? 86  G A "HO2'" 1 
ATOM 616  H "H1'"  . G A 1 19 ? -0.546  -14.707 23.021  1.00 1.78 ? 86  G A "H1'"  1 
ATOM 617  H H8     . G A 1 19 ? -3.628  -12.614 23.779  1.00 1.54 ? 86  G A H8     1 
ATOM 618  H H1     . G A 1 19 ? 1.947   -9.985  25.542  1.00 1.57 ? 86  G A H1     1 
ATOM 619  H H21    . G A 1 19 ? 3.586   -11.445 25.320  1.00 1.77 ? 86  G A H21    1 
ATOM 620  H H22    . G A 1 19 ? 3.301   -13.066 24.734  1.00 1.88 ? 86  G A H22    1 
ATOM 621  P P      . U A 1 20 ? -4.177  -17.419 26.268  1.00 2.38 ? 87  U A P      1 
ATOM 622  O OP1    . U A 1 20 ? -4.674  -18.811 26.374  1.00 2.58 ? 87  U A OP1    1 
ATOM 623  O OP2    . U A 1 20 ? -5.108  -16.289 26.536  1.00 2.29 ? 87  U A OP2    1 
ATOM 624  O "O5'"  . U A 1 20 ? -2.893  -17.297 27.206  1.00 2.46 ? 87  U A "O5'"  1 
ATOM 625  C "C5'"  . U A 1 20 ? -3.026  -17.188 28.621  1.00 2.63 ? 87  U A "C5'"  1 
ATOM 626  C "C4'"  . U A 1 20 ? -1.777  -17.703 29.302  1.00 2.76 ? 87  U A "C4'"  1 
ATOM 627  O "O4'"  . U A 1 20 ? -1.390  -18.951 28.696  1.00 2.85 ? 87  U A "O4'"  1 
ATOM 628  C "C3'"  . U A 1 20 ? -0.533  -16.837 29.154  1.00 2.64 ? 87  U A "C3'"  1 
ATOM 629  O "O3'"  . U A 1 20 ? -0.482  -15.843 30.176  1.00 2.66 ? 87  U A "O3'"  1 
ATOM 630  C "C2'"  . U A 1 20 ? 0.633   -17.832 29.262  1.00 2.78 ? 87  U A "C2'"  1 
ATOM 631  O "O2'"  . U A 1 20 ? 1.149   -17.860 30.580  1.00 2.95 ? 87  U A "O2'"  1 
ATOM 632  C "C1'"  . U A 1 20 ? -0.035  -19.186 28.987  1.00 2.91 ? 87  U A "C1'"  1 
ATOM 633  N N1     . U A 1 20 ? 0.554   -19.939 27.873  1.00 2.90 ? 87  U A N1     1 
ATOM 634  C C2     . U A 1 20 ? 0.980   -21.235 28.123  1.00 3.11 ? 87  U A C2     1 
ATOM 635  O O2     . U A 1 20 ? 0.887   -21.769 29.215  1.00 3.31 ? 87  U A O2     1 
ATOM 636  N N3     . U A 1 20 ? 1.521   -21.883 27.044  1.00 3.12 ? 87  U A N3     1 
ATOM 637  C C4     . U A 1 20 ? 1.678   -21.380 25.776  1.00 2.94 ? 87  U A C4     1 
ATOM 638  O O4     . U A 1 20 ? 2.186   -22.085 24.904  1.00 3.00 ? 87  U A O4     1 
ATOM 639  C C5     . U A 1 20 ? 1.214   -20.040 25.609  1.00 2.72 ? 87  U A C5     1 
ATOM 640  C C6     . U A 1 20 ? 0.681   -19.382 26.628  1.00 2.70 ? 87  U A C6     1 
ATOM 641  H "H5'"  . U A 1 20 ? -3.884  -17.772 28.958  1.00 2.78 ? 87  U A "H5'"  1 
ATOM 642  H "H5''" . U A 1 20 ? -3.176  -16.146 28.899  1.00 2.54 ? 87  U A "H5''" 1 
ATOM 643  H "H4'"  . U A 1 20 ? -1.988  -17.781 30.369  1.00 2.91 ? 87  U A "H4'"  1 
ATOM 644  H "H3'"  . U A 1 20 ? -0.531  -16.295 28.209  1.00 2.45 ? 87  U A "H3'"  1 
ATOM 645  H "H2'"  . U A 1 20 ? 1.398   -17.605 28.518  1.00 2.67 ? 87  U A "H2'"  1 
ATOM 646  H "HO2'" . U A 1 20 ? 0.847   -17.060 31.011  1.00 2.92 ? 87  U A "HO2'" 1 
ATOM 647  H "H1'"  . U A 1 20 ? -0.011  -19.830 29.859  1.00 3.10 ? 87  U A "H1'"  1 
ATOM 648  H H3     . U A 1 20 ? 1.837   -22.829 27.196  1.00 3.28 ? 87  U A H3     1 
ATOM 649  H H5     . U A 1 20 ? 1.299   -19.553 24.650  1.00 2.58 ? 87  U A H5     1 
ATOM 650  H H6     . U A 1 20 ? 0.331   -18.364 26.464  1.00 2.54 ? 87  U A H6     1 
ATOM 651  P P      . C A 1 21 ? 0.387   -14.507 29.954  1.00 2.48 ? 88  C A P      1 
ATOM 652  O OP1    . C A 1 21 ? 0.247   -13.648 31.156  1.00 2.60 ? 88  C A OP1    1 
ATOM 653  O OP2    . C A 1 21 ? 0.003   -13.964 28.624  1.00 2.20 ? 88  C A OP2    1 
ATOM 654  O "O5'"  . C A 1 21 ? 1.889   -15.041 29.899  1.00 2.58 ? 88  C A "O5'"  1 
ATOM 655  C "C5'"  . C A 1 21 ? 2.725   -15.041 31.059  1.00 2.80 ? 88  C A "C5'"  1 
ATOM 656  C "C4'"  . C A 1 21 ? 4.175   -14.876 30.658  1.00 2.76 ? 88  C A "C4'"  1 
ATOM 657  O "O4'"  . C A 1 21 ? 4.826   -16.175 30.722  1.00 2.96 ? 88  C A "O4'"  1 
ATOM 658  C "C3'"  . C A 1 21 ? 4.412   -14.371 29.237  1.00 2.52 ? 88  C A "C3'"  1 
ATOM 659  O "O3'"  . C A 1 21 ? 5.583   -13.563 29.155  1.00 2.51 ? 88  C A "O3'"  1 
ATOM 660  C "C2'"  . C A 1 21 ? 4.537   -15.655 28.424  1.00 2.58 ? 88  C A "C2'"  1 
ATOM 661  O "O2'"  . C A 1 21 ? 5.398   -15.480 27.316  1.00 2.53 ? 88  C A "O2'"  1 
ATOM 662  C "C1'"  . C A 1 21 ? 5.216   -16.586 29.427  1.00 2.88 ? 88  C A "C1'"  1 
ATOM 663  N N1     . C A 1 21 ? 4.845   -17.998 29.263  1.00 3.00 ? 88  C A N1     1 
ATOM 664  C C2     . C A 1 21 ? 5.524   -18.784 28.322  1.00 3.07 ? 88  C A C2     1 
ATOM 665  O O2     . C A 1 21 ? 6.428   -18.273 27.646  1.00 3.03 ? 88  C A O2     1 
ATOM 666  N N3     . C A 1 21 ? 5.176   -20.082 28.178  1.00 3.19 ? 88  C A N3     1 
ATOM 667  C C4     . C A 1 21 ? 4.200   -20.595 28.927  1.00 3.24 ? 88  C A C4     1 
ATOM 668  N N4     . C A 1 21 ? 3.892   -21.879 28.753  1.00 3.38 ? 88  C A N4     1 
ATOM 669  C C5     . C A 1 21 ? 3.498   -19.815 29.889  1.00 3.19 ? 88  C A C5     1 
ATOM 670  C C6     . C A 1 21 ? 3.849   -18.536 30.021  1.00 3.07 ? 88  C A C6     1 
ATOM 671  H "H5'"  . C A 1 21 ? 2.607   -15.983 31.597  1.00 3.02 ? 88  C A "H5'"  1 
ATOM 672  H "H5''" . C A 1 21 ? 2.445   -14.220 31.718  1.00 2.80 ? 88  C A "H5''" 1 
ATOM 673  H "H4'"  . C A 1 21 ? 4.616   -14.137 31.329  1.00 2.79 ? 88  C A "H4'"  1 
ATOM 674  H "H3'"  . C A 1 21 ? 3.591   -13.743 28.895  1.00 2.35 ? 88  C A "H3'"  1 
ATOM 675  H "H2'"  . C A 1 21 ? 3.551   -16.026 28.136  1.00 2.51 ? 88  C A "H2'"  1 
ATOM 676  H "HO2'" . C A 1 21 ? 5.774   -14.601 27.390  1.00 2.51 ? 88  C A "HO2'" 1 
ATOM 677  H "H1'"  . C A 1 21 ? 6.299   -16.522 29.385  1.00 2.98 ? 88  C A "H1'"  1 
ATOM 678  H H41    . C A 1 21 ? 4.399   -22.428 28.074  1.00 3.44 ? 88  C A H41    1 
ATOM 679  H H42    . C A 1 21 ? 3.157   -22.301 29.303  1.00 3.43 ? 88  C A H42    1 
ATOM 680  H H5     . C A 1 21 ? 2.705   -20.241 30.491  1.00 3.26 ? 88  C A H5     1 
ATOM 681  H H6     . C A 1 21 ? 3.330   -17.912 30.750  1.00 3.05 ? 88  C A H6     1 
ATOM 682  P P      . U B 2 1  ? 5.525   -12.018 29.599  1.00 2.31 ? 89  U B P      1 
ATOM 683  O OP1    . U B 2 1  ? 4.530   -11.357 28.713  1.00 1.98 ? 89  U B OP1    1 
ATOM 684  O OP2    . U B 2 1  ? 5.355   -11.939 31.070  1.00 2.54 ? 89  U B OP2    1 
ATOM 685  O "O5'"  . U B 2 1  ? 6.984   -11.473 29.257  1.00 2.35 ? 89  U B "O5'"  1 
ATOM 686  C "C5'"  . U B 2 1  ? 8.103   -12.355 29.209  1.00 2.35 ? 89  U B "C5'"  1 
ATOM 687  C "C4'"  . U B 2 1  ? 9.365   -11.620 29.597  1.00 2.28 ? 89  U B "C4'"  1 
ATOM 688  O "O4'"  . U B 2 1  ? 9.819   -12.143 30.859  1.00 2.50 ? 89  U B "O4'"  1 
ATOM 689  C "C3'"  . U B 2 1  ? 10.562  -11.808 28.668  1.00 2.19 ? 89  U B "C3'"  1 
ATOM 690  O "O3'"  . U B 2 1  ? 10.556  -10.914 27.557  1.00 1.96 ? 89  U B "O3'"  1 
ATOM 691  C "C2'"  . U B 2 1  ? 11.757  -11.555 29.584  1.00 2.29 ? 89  U B "C2'"  1 
ATOM 692  O "O2'"  . U B 2 1  ? 12.057  -10.174 29.653  1.00 2.17 ? 89  U B "O2'"  1 
ATOM 693  C "C1'"  . U B 2 1  ? 11.219  -12.003 30.945  1.00 2.52 ? 89  U B "C1'"  1 
ATOM 694  N N1     . U B 2 1  ? 11.769  -13.293 31.378  1.00 2.76 ? 89  U B N1     1 
ATOM 695  C C2     . U B 2 1  ? 12.556  -13.336 32.517  1.00 2.98 ? 89  U B C2     1 
ATOM 696  O O2     . U B 2 1  ? 12.821  -12.348 33.181  1.00 2.98 ? 89  U B O2     1 
ATOM 697  N N3     . U B 2 1  ? 13.020  -14.583 32.850  1.00 3.22 ? 89  U B N3     1 
ATOM 698  C C4     . U B 2 1  ? 12.784  -15.763 32.177  1.00 3.29 ? 89  U B C4     1 
ATOM 699  O O4     . U B 2 1  ? 13.267  -16.810 32.608  1.00 3.55 ? 89  U B O4     1 
ATOM 700  C C5     . U B 2 1  ? 11.966  -15.632 31.011  1.00 3.07 ? 89  U B C5     1 
ATOM 701  C C6     . U B 2 1  ? 11.497  -14.432 30.656  1.00 2.81 ? 89  U B C6     1 
ATOM 702  H "H5'"  . U B 2 1  ? 8.215   -12.753 28.200  1.00 2.67 ? 89  U B "H5'"  1 
ATOM 703  H "H5''" . U B 2 1  ? 7.951   -13.183 29.900  1.00 2.19 ? 89  U B "H5''" 1 
ATOM 704  H "H4'"  . U B 2 1  ? 9.140   -10.555 29.634  1.00 2.18 ? 89  U B "H4'"  1 
ATOM 705  H "H3'"  . U B 2 1  ? 10.578  -12.811 28.241  1.00 2.28 ? 89  U B "H3'"  1 
ATOM 706  H "H2'"  . U B 2 1  ? 12.613  -12.155 29.274  1.00 2.37 ? 89  U B "H2'"  1 
ATOM 707  H "HO2'" . U B 2 1  ? 11.488  -9.735  29.020  1.00 2.07 ? 89  U B "HO2'" 1 
ATOM 708  H "H1'"  . U B 2 1  ? 11.415  -11.269 31.719  1.00 2.55 ? 89  U B "H1'"  1 
ATOM 709  H H3     . U B 2 1  ? 13.597  -14.642 33.675  1.00 3.39 ? 89  U B H3     1 
ATOM 710  H H5     . U B 2 1  ? 11.723  -16.510 30.414  1.00 3.13 ? 89  U B H5     1 
ATOM 711  H H6     . U B 2 1  ? 10.877  -14.349 29.759  1.00 2.65 ? 89  U B H6     1 
ATOM 712  P P      . C B 2 2  ? 11.685  -11.045 26.412  1.00 1.92 ? 90  C B P      1 
ATOM 713  O OP1    . C B 2 2  ? 12.935  -11.610 26.980  1.00 2.10 ? 90  C B OP1    1 
ATOM 714  O OP2    . C B 2 2  ? 11.727  -9.716  25.745  1.00 1.75 ? 90  C B OP2    1 
ATOM 715  O "O5'"  . C B 2 2  ? 11.078  -12.117 25.395  1.00 1.96 ? 90  C B "O5'"  1 
ATOM 716  C "C5'"  . C B 2 2  ? 11.412  -13.508 25.478  1.00 2.19 ? 90  C B "C5'"  1 
ATOM 717  C "C4'"  . C B 2 2  ? 10.391  -14.334 24.720  1.00 2.17 ? 90  C B "C4'"  1 
ATOM 718  O "O4'"  . C B 2 2  ? 9.235   -14.542 25.583  1.00 2.19 ? 90  C B "O4'"  1 
ATOM 719  C "C3'"  . C B 2 2  ? 9.846   -13.686 23.449  1.00 1.99 ? 90  C B "C3'"  1 
ATOM 720  O "O3'"  . C B 2 2  ? 10.577  -14.091 22.292  1.00 2.06 ? 90  C B "O3'"  1 
ATOM 721  C "C2'"  . C B 2 2  ? 8.397   -14.156 23.405  1.00 1.95 ? 90  C B "C2'"  1 
ATOM 722  O "O2'"  . C B 2 2  ? 8.282   -15.460 22.867  1.00 2.11 ? 90  C B "O2'"  1 
ATOM 723  C "C1'"  . C B 2 2  ? 8.048   -14.208 24.887  1.00 2.03 ? 90  C B "C1'"  1 
ATOM 724  N N1     . C B 2 2  ? 7.539   -12.937 25.417  1.00 1.88 ? 90  C B N1     1 
ATOM 725  C C2     . C B 2 2  ? 6.158   -12.751 25.560  1.00 1.83 ? 90  C B C2     1 
ATOM 726  O O2     . C B 2 2  ? 5.384   -13.656 25.215  1.00 1.89 ? 90  C B O2     1 
ATOM 727  N N3     . C B 2 2  ? 5.705   -11.584 26.073  1.00 1.75 ? 90  C B N3     1 
ATOM 728  C C4     . C B 2 2  ? 6.573   -10.640 26.440  1.00 1.72 ? 90  C B C4     1 
ATOM 729  N N4     . C B 2 2  ? 6.084   -9.511  26.954  1.00 1.71 ? 90  C B N4     1 
ATOM 730  C C5     . C B 2 2  ? 7.981   -10.815 26.297  1.00 1.76 ? 90  C B C5     1 
ATOM 731  C C6     . C B 2 2  ? 8.407   -11.952 25.772  1.00 1.83 ? 90  C B C6     1 
ATOM 732  H "H5'"  . C B 2 2  ? 11.425  -13.823 26.522  1.00 2.31 ? 90  C B "H5'"  1 
ATOM 733  H "H5''" . C B 2 2  ? 12.397  -13.677 25.045  1.00 2.28 ? 90  C B "H5''" 1 
ATOM 734  H "H4'"  . C B 2 2  ? 10.881  -15.261 24.415  1.00 2.31 ? 90  C B "H4'"  1 
ATOM 735  H "H3'"  . C B 2 2  ? 9.930   -12.600 23.488  1.00 1.87 ? 90  C B "H3'"  1 
ATOM 736  H "H2'"  . C B 2 2  ? 7.778   -13.429 22.885  1.00 1.79 ? 90  C B "H2'"  1 
ATOM 737  H "HO2'" . C B 2 2  ? 7.549   -15.455 22.252  1.00 2.07 ? 90  C B "HO2'" 1 
ATOM 738  H "H1'"  . C B 2 2  ? 7.316   -14.977 25.111  1.00 2.12 ? 90  C B "H1'"  1 
ATOM 739  H H41    . C B 2 2  ? 5.085   -9.403  27.059  1.00 1.71 ? 90  C B H41    1 
ATOM 740  H H42    . C B 2 2  ? 6.709   -8.774  27.245  1.00 1.73 ? 90  C B H42    1 
ATOM 741  H H5     . C B 2 2  ? 8.686   -10.063 26.625  1.00 1.77 ? 90  C B H5     1 
ATOM 742  H H6     . C B 2 2  ? 9.471   -12.090 25.601  1.00 1.88 ? 90  C B H6     1 
ATOM 743  P P      . C B 2 3  ? 10.365  -13.316 20.898  1.00 1.94 ? 91  C B P      1 
ATOM 744  O OP1    . C B 2 3  ? 11.392  -13.783 19.934  1.00 2.12 ? 91  C B OP1    1 
ATOM 745  O OP2    . C B 2 3  ? 10.282  -11.866 21.225  1.00 1.78 ? 91  C B OP2    1 
ATOM 746  O "O5'"  . C B 2 3  ? 8.942   -13.830 20.389  1.00 1.87 ? 91  C B "O5'"  1 
ATOM 747  C "C5'"  . C B 2 3  ? 8.814   -15.061 19.677  1.00 2.05 ? 91  C B "C5'"  1 
ATOM 748  C "C4'"  . C B 2 3  ? 7.353   -15.403 19.476  1.00 1.99 ? 91  C B "C4'"  1 
ATOM 749  O "O4'"  . C B 2 3  ? 6.612   -15.103 20.688  1.00 1.90 ? 91  C B "O4'"  1 
ATOM 750  C "C3'"  . C B 2 3  ? 6.616   -14.602 18.413  1.00 1.86 ? 91  C B "C3'"  1 
ATOM 751  O "O3'"  . C B 2 3  ? 6.874   -15.091 17.098  1.00 2.00 ? 91  C B "O3'"  1 
ATOM 752  C "C2'"  . C B 2 3  ? 5.160   -14.783 18.829  1.00 1.77 ? 91  C B "C2'"  1 
ATOM 753  O "O2'"  . C B 2 3  ? 4.657   -16.048 18.441  1.00 1.94 ? 91  C B "O2'"  1 
ATOM 754  C "C1'"  . C B 2 3  ? 5.279   -14.751 20.352  1.00 1.77 ? 91  C B "C1'"  1 
ATOM 755  N N1     . C B 2 3  ? 4.976   -13.434 20.932  1.00 1.58 ? 91  C B N1     1 
ATOM 756  C C2     . C B 2 3  ? 3.642   -13.024 21.024  1.00 1.47 ? 91  C B C2     1 
ATOM 757  O O2     . C B 2 3  ? 2.748   -13.773 20.601  1.00 1.53 ? 91  C B O2     1 
ATOM 758  N N3     . C B 2 3  ? 3.357   -11.822 21.571  1.00 1.32 ? 91  C B N3     1 
ATOM 759  C C4     . C B 2 3  ? 4.343   -11.051 22.029  1.00 1.29 ? 91  C B C4     1 
ATOM 760  N N4     . C B 2 3  ? 4.014   -9.878  22.574  1.00 1.19 ? 91  C B N4     1 
ATOM 761  C C5     . C B 2 3  ? 5.710   -11.447 21.947  1.00 1.40 ? 91  C B C5     1 
ATOM 762  C C6     . C B 2 3  ? 5.978   -12.625 21.382  1.00 1.53 ? 91  C B C6     1 
ATOM 763  H "H5'"  . C B 2 3  ? 9.295   -15.863 20.240  1.00 2.19 ? 91  C B "H5'"  1 
ATOM 764  H "H5''" . C B 2 3  ? 9.294   -14.975 18.703  1.00 2.11 ? 91  C B "H5''" 1 
ATOM 765  H "H4'"  . C B 2 3  ? 7.296   -16.451 19.181  1.00 2.15 ? 91  C B "H4'"  1 
ATOM 766  H "H3'"  . C B 2 3  ? 6.924   -13.557 18.413  1.00 1.74 ? 91  C B "H3'"  1 
ATOM 767  H "H2'"  . C B 2 3  ? 4.551   -13.957 18.461  1.00 1.63 ? 91  C B "H2'"  1 
ATOM 768  H "HO2'" . C B 2 3  ? 4.053   -15.896 17.712  1.00 1.98 ? 91  C B "HO2'" 1 
ATOM 769  H "H1'"  . C B 2 3  ? 4.630   -15.479 20.833  1.00 1.84 ? 91  C B "H1'"  1 
ATOM 770  H H41    . C B 2 3  ? 3.041   -9.610  22.627  1.00 1.14 ? 91  C B H41    1 
ATOM 771  H H42    . C B 2 3  ? 4.733   -9.266  22.932  1.00 1.20 ? 91  C B H42    1 
ATOM 772  H H5     . C B 2 3  ? 6.504   -10.824 22.343  1.00 1.39 ? 91  C B H5     1 
ATOM 773  H H6     . C B 2 3  ? 7.015   -12.932 21.258  1.00 1.63 ? 91  C B H6     1 
ATOM 774  P P      . C B 2 4  ? 6.607   -14.145 15.825  1.00 1.94 ? 92  C B P      1 
ATOM 775  O OP1    . C B 2 4  ? 7.180   -14.798 14.624  1.00 2.17 ? 92  C B OP1    1 
ATOM 776  O OP2    . C B 2 4  ? 7.059   -12.777 16.195  1.00 1.79 ? 92  C B OP2    1 
ATOM 777  O "O5'"  . C B 2 4  ? 5.019   -14.158 15.671  1.00 1.84 ? 92  C B "O5'"  1 
ATOM 778  C "C5'"  . C B 2 4  ? 4.337   -15.304 15.162  1.00 1.96 ? 92  C B "C5'"  1 
ATOM 779  C "C4'"  . C B 2 4  ? 2.859   -15.214 15.471  1.00 1.83 ? 92  C B "C4'"  1 
ATOM 780  O "O4'"  . C B 2 4  ? 2.676   -14.712 16.822  1.00 1.68 ? 92  C B "O4'"  1 
ATOM 781  C "C3'"  . C B 2 4  ? 2.059   -14.241 14.618  1.00 1.71 ? 92  C B "C3'"  1 
ATOM 782  O "O3'"  . C B 2 4  ? 1.707   -14.798 13.354  1.00 1.86 ? 92  C B "O3'"  1 
ATOM 783  C "C2'"  . C B 2 4  ? 0.848   -13.972 15.503  1.00 1.54 ? 92  C B "C2'"  1 
ATOM 784  O "O2'"  . C B 2 4  ? -0.062  -15.057 15.494  1.00 1.63 ? 92  C B "O2'"  1 
ATOM 785  C "C1'"  . C B 2 4  ? 1.507   -13.908 16.878  1.00 1.50 ? 92  C B "C1'"  1 
ATOM 786  N N1     . C B 2 4  ? 1.890   -12.542 17.283  1.00 1.34 ? 92  C B N1     1 
ATOM 787  C C2     . C B 2 4  ? 0.886   -11.638 17.653  1.00 1.17 ? 92  C B C2     1 
ATOM 788  O O2     . C B 2 4  ? -0.299  -11.998 17.610  1.00 1.17 ? 92  C B O2     1 
ATOM 789  N N3     . C B 2 4  ? 1.233   -10.392 18.046  1.00 1.03 ? 92  C B N3     1 
ATOM 790  C C4     . C B 2 4  ? 2.519   -10.039 18.082  1.00 1.06 ? 92  C B C4     1 
ATOM 791  N N4     . C B 2 4  ? 2.816   -8.804  18.485  1.00 0.95 ? 92  C B N4     1 
ATOM 792  C C5     . C B 2 4  ? 3.560   -10.936 17.707  1.00 1.23 ? 92  C B C5     1 
ATOM 793  C C6     . C B 2 4  ? 3.203   -12.162 17.306  1.00 1.36 ? 92  C B C6     1 
ATOM 794  H "H5'"  . C B 2 4  ? 4.744   -16.208 15.619  1.00 2.08 ? 92  C B "H5'"  1 
ATOM 795  H "H5''" . C B 2 4  ? 4.471   -15.364 14.083  1.00 2.07 ? 92  C B "H5''" 1 
ATOM 796  H "H4'"  . C B 2 4  ? 2.427   -16.204 15.312  1.00 1.94 ? 92  C B "H4'"  1 
ATOM 797  H "H3'"  . C B 2 4  ? 2.627   -13.336 14.404  1.00 1.66 ? 92  C B "H3'"  1 
ATOM 798  H "H2'"  . C B 2 4  ? 0.378   -13.024 15.237  1.00 1.40 ? 92  C B "H2'"  1 
ATOM 799  H "HO2'" . C B 2 4  ? -0.527  -15.030 14.657  1.00 1.84 ? 92  C B "HO2'" 1 
ATOM 800  H "H1'"  . C B 2 4  ? 0.871   -14.326 17.659  1.00 1.51 ? 92  C B "H1'"  1 
ATOM 801  H H41    . C B 2 4  ? 2.078   -8.167  18.745  1.00 0.84 ? 92  C B H41    1 
ATOM 802  H H42    . C B 2 4  ? 3.778   -8.505  18.524  1.00 0.98 ? 92  C B H42    1 
ATOM 803  H H5     . C B 2 4  ? 4.607   -10.637 17.747  1.00 1.27 ? 92  C B H5     1 
ATOM 804  H H6     . C B 2 4  ? 3.970   -12.859 16.974  1.00 1.50 ? 92  C B H6     1 
ATOM 805  P P      . C B 2 5  ? 1.522   -13.835 12.079  1.00 1.86 ? 93  C B P      1 
ATOM 806  O OP1    . C B 2 5  ? 1.540   -14.666 10.852  1.00 2.10 ? 93  C B OP1    1 
ATOM 807  O OP2    . C B 2 5  ? 2.501   -12.723 12.222  1.00 1.81 ? 93  C B OP2    1 
ATOM 808  O "O5'"  . C B 2 5  ? 0.042   -13.265 12.251  1.00 1.66 ? 93  C B "O5'"  1 
ATOM 809  C "C5'"  . C B 2 5  ? -1.072  -14.144 12.397  1.00 1.67 ? 93  C B "C5'"  1 
ATOM 810  C "C4'"  . C B 2 5  ? -2.197  -13.443 13.121  1.00 1.47 ? 93  C B "C4'"  1 
ATOM 811  O "O4'"  . C B 2 5  ? -1.665  -12.762 14.290  1.00 1.34 ? 93  C B "O4'"  1 
ATOM 812  C "C3'"  . C B 2 5  ? -2.890  -12.343 12.331  1.00 1.36 ? 93  C B "C3'"  1 
ATOM 813  O "O3'"  . C B 2 5  ? -3.903  -12.880 11.486  1.00 1.43 ? 93  C B "O3'"  1 
ATOM 814  C "C2'"  . C B 2 5  ? -3.454  -11.448 13.428  1.00 1.17 ? 93  C B "C2'"  1 
ATOM 815  O "O2'"  . C B 2 5  ? -4.653  -11.981 13.960  1.00 1.15 ? 93  C B "O2'"  1 
ATOM 816  C "C1'"  . C B 2 5  ? -2.363  -11.547 14.496  1.00 1.16 ? 93  C B "C1'"  1 
ATOM 817  N N1     . C B 2 5  ? -1.391  -10.441 14.475  1.00 1.09 ? 93  C B N1     1 
ATOM 818  C C2     . C B 2 5  ? -1.811  -9.167  14.850  1.00 0.92 ? 93  C B C2     1 
ATOM 819  O O2     . C B 2 5  ? -2.991  -8.994  15.187  1.00 0.84 ? 93  C B O2     1 
ATOM 820  N N3     . C B 2 5  ? -0.921  -8.152  14.839  1.00 0.88 ? 93  C B N3     1 
ATOM 821  C C4     . C B 2 5  ? 0.337   -8.370  14.463  1.00 1.00 ? 93  C B C4     1 
ATOM 822  N N4     . C B 2 5  ? 1.165   -7.325  14.436  1.00 0.99 ? 93  C B N4     1 
ATOM 823  C C5     . C B 2 5  ? 0.794   -9.662  14.090  1.00 1.16 ? 93  C B C5     1 
ATOM 824  C C6     . C B 2 5  ? -0.094  -10.656 14.107  1.00 1.21 ? 93  C B C6     1 
ATOM 825  H "H5'"  . C B 2 5  ? -0.774  -15.027 12.965  1.00 1.76 ? 93  C B "H5'"  1 
ATOM 826  H "H5''" . C B 2 5  ? -1.425  -14.458 11.415  1.00 1.75 ? 93  C B "H5''" 1 
ATOM 827  H "H4'"  . C B 2 5  ? -2.955  -14.189 13.357  1.00 1.51 ? 93  C B "H4'"  1 
ATOM 828  H "H3'"  . C B 2 5  ? -2.195  -11.818 11.676  1.00 1.40 ? 93  C B "H3'"  1 
ATOM 829  H "H2'"  . C B 2 5  ? -3.572  -10.424 13.068  1.00 1.10 ? 93  C B "H2'"  1 
ATOM 830  H "HO2'" . C B 2 5  ? -4.967  -12.633 13.333  1.00 1.29 ? 93  C B "HO2'" 1 
ATOM 831  H "H1'"  . C B 2 5  ? -2.782  -11.592 15.498  1.00 1.10 ? 93  C B "H1'"  1 
ATOM 832  H H41    . C B 2 5  ? 0.807   -6.418  14.696  1.00 0.90 ? 93  C B H41    1 
ATOM 833  H H42    . C B 2 5  ? 2.128   -7.407  14.155  1.00 1.08 ? 93  C B H42    1 
ATOM 834  H H5     . C B 2 5  ? 1.826   -9.837  13.805  1.00 1.27 ? 93  C B H5     1 
ATOM 835  H H6     . C B 2 5  ? 0.222   -11.652 13.829  1.00 1.35 ? 93  C B H6     1 
ATOM 836  P P      . A B 2 6  ? -4.129  -12.270 10.016  1.00 1.47 ? 94  A B P      1 
ATOM 837  O OP1    . A B 2 6  ? -5.095  -13.132 9.293   1.00 1.54 ? 94  A B OP1    1 
ATOM 838  O OP2    . A B 2 6  ? -2.782  -12.033 9.430   1.00 1.60 ? 94  A B OP2    1 
ATOM 839  O "O5'"  . A B 2 6  ? -4.846  -10.873 10.300  1.00 1.30 ? 94  A B "O5'"  1 
ATOM 840  C "C5'"  . A B 2 6  ? -6.072  -10.813 11.026  1.00 1.17 ? 94  A B "C5'"  1 
ATOM 841  C "C4'"  . A B 2 6  ? -6.239  -9.450  11.658  1.00 1.04 ? 94  A B "C4'"  1 
ATOM 842  O "O4'"  . A B 2 6  ? -5.120  -9.177  12.535  1.00 0.99 ? 94  A B "O4'"  1 
ATOM 843  C "C3'"  . A B 2 6  ? -6.223  -8.268  10.703  1.00 1.08 ? 94  A B "C3'"  1 
ATOM 844  O "O3'"  . A B 2 6  ? -7.489  -8.099  10.070  1.00 1.10 ? 94  A B "O3'"  1 
ATOM 845  C "C2'"  . A B 2 6  ? -5.860  -7.102  11.621  1.00 0.98 ? 94  A B "C2'"  1 
ATOM 846  O "O2'"  . A B 2 6  ? -7.000  -6.599  12.292  1.00 0.91 ? 94  A B "O2'"  1 
ATOM 847  C "C1'"  . A B 2 6  ? -4.950  -7.777  12.652  1.00 0.93 ? 94  A B "C1'"  1 
ATOM 848  N N9     . A B 2 6  ? -3.529  -7.465  12.488  1.00 0.98 ? 94  A B N9     1 
ATOM 849  C C8     . A B 2 6  ? -2.520  -8.270  12.016  1.00 1.11 ? 94  A B C8     1 
ATOM 850  N N7     . A B 2 6  ? -1.341  -7.696  12.019  1.00 1.15 ? 94  A B N7     1 
ATOM 851  C C5     . A B 2 6  ? -1.591  -6.425  12.518  1.00 1.05 ? 94  A B C5     1 
ATOM 852  C C6     . A B 2 6  ? -0.752  -5.322  12.770  1.00 1.06 ? 94  A B C6     1 
ATOM 853  N N6     . A B 2 6  ? 0.564   -5.324  12.547  1.00 1.16 ? 94  A B N6     1 
ATOM 854  N N1     . A B 2 6  ? -1.321  -4.203  13.266  1.00 0.99 ? 94  A B N1     1 
ATOM 855  C C2     . A B 2 6  ? -2.643  -4.198  13.485  1.00 0.91 ? 94  A B C2     1 
ATOM 856  N N3     . A B 2 6  ? -3.531  -5.167  13.293  1.00 0.88 ? 94  A B N3     1 
ATOM 857  C C4     . A B 2 6  ? -2.934  -6.267  12.804  1.00 0.95 ? 94  A B C4     1 
ATOM 858  H "H5'"  . A B 2 6  ? -6.075  -11.573 11.808  1.00 1.17 ? 94  A B "H5'"  1 
ATOM 859  H "H5''" . A B 2 6  ? -6.909  -10.994 10.352  1.00 1.20 ? 94  A B "H5''" 1 
ATOM 860  H "H4'"  . A B 2 6  ? -7.204  -9.436  12.166  1.00 0.97 ? 94  A B "H4'"  1 
ATOM 861  H "H3'"  . A B 2 6  ? -5.500  -8.410  9.901   1.00 1.19 ? 94  A B "H3'"  1 
ATOM 862  H "H2'"  . A B 2 6  ? -5.327  -6.332  11.067  1.00 1.04 ? 94  A B "H2'"  1 
ATOM 863  H "HO2'" . A B 2 6  ? -7.068  -5.666  12.078  1.00 1.34 ? 94  A B "HO2'" 1 
ATOM 864  H "H1'"  . A B 2 6  ? -5.231  -7.510  13.672  1.00 0.84 ? 94  A B "H1'"  1 
ATOM 865  H H8     . A B 2 6  ? -2.683  -9.280  11.672  1.00 1.19 ? 94  A B H8     1 
ATOM 866  H H61    . A B 2 6  ? 1.118   -4.502  12.743  1.00 1.17 ? 94  A B H61    1 
ATOM 867  H H62    . A B 2 6  ? 1.005   -6.153  12.176  1.00 1.24 ? 94  A B H62    1 
ATOM 868  H H2     . A B 2 6  ? -3.052  -3.263  13.865  1.00 0.91 ? 94  A B H2     1 
ATOM 869  P P      . U B 2 7  ? -7.587  -7.322  8.667   1.00 1.25 ? 95  U B P      1 
ATOM 870  O OP1    . U B 2 7  ? -8.969  -7.455  8.148   1.00 1.28 ? 95  U B OP1    1 
ATOM 871  O OP2    . U B 2 7  ? -6.448  -7.790  7.831   1.00 1.45 ? 95  U B OP2    1 
ATOM 872  O "O5'"  . U B 2 7  ? -7.361  -5.795  9.069   1.00 1.19 ? 95  U B "O5'"  1 
ATOM 873  C "C5'"  . U B 2 7  ? -8.394  -5.042  9.704   1.00 1.08 ? 95  U B "C5'"  1 
ATOM 874  C "C4'"  . U B 2 7  ? -7.831  -3.762  10.282  1.00 1.09 ? 95  U B "C4'"  1 
ATOM 875  O "O4'"  . U B 2 7  ? -6.698  -4.069  11.139  1.00 1.07 ? 95  U B "O4'"  1 
ATOM 876  C "C3'"  . U B 2 7  ? -7.251  -2.775  9.281   1.00 1.24 ? 95  U B "C3'"  1 
ATOM 877  O "O3'"  . U B 2 7  ? -8.267  -2.007  8.638   1.00 1.29 ? 95  U B "O3'"  1 
ATOM 878  C "C2'"  . U B 2 7  ? -6.339  -1.930  10.164  1.00 1.26 ? 95  U B "C2'"  1 
ATOM 879  O "O2'"  . U B 2 7  ? -7.074  -0.990  10.927  1.00 1.24 ? 95  U B "O2'"  1 
ATOM 880  C "C1'"  . U B 2 7  ? -5.777  -2.989  11.111  1.00 1.14 ? 95  U B "C1'"  1 
ATOM 881  N N1     . U B 2 7  ? -4.467  -3.496  10.678  1.00 1.22 ? 95  U B N1     1 
ATOM 882  C C2     . U B 2 7  ? -3.335  -2.827  11.087  1.00 1.26 ? 95  U B C2     1 
ATOM 883  O O2     . U B 2 7  ? -3.362  -1.819  11.774  1.00 1.24 ? 95  U B O2     1 
ATOM 884  N N3     . U B 2 7  ? -2.157  -3.380  10.658  1.00 1.34 ? 95  U B N3     1 
ATOM 885  C C4     . U B 2 7  ? -2.000  -4.494  9.876   1.00 1.42 ? 95  U B C4     1 
ATOM 886  O O4     . U B 2 7  ? -0.867  -4.882  9.591   1.00 1.52 ? 95  U B O4     1 
ATOM 887  C C5     . U B 2 7  ? -3.216  -5.113  9.490   1.00 1.38 ? 95  U B C5     1 
ATOM 888  C C6     . U B 2 7  ? -4.378  -4.605  9.891   1.00 1.28 ? 95  U B C6     1 
ATOM 889  H "H5'"  . U B 2 7  ? -8.839  -5.632  10.506  1.00 0.99 ? 95  U B "H5'"  1 
ATOM 890  H "H5''" . U B 2 7  ? -9.167  -4.792  8.978   1.00 1.13 ? 95  U B "H5''" 1 
ATOM 891  H "H4'"  . U B 2 7  ? -8.642  -3.250  10.801  1.00 1.06 ? 95  U B "H4'"  1 
ATOM 892  H "H3'"  . U B 2 7  ? -6.708  -3.284  8.486   1.00 1.30 ? 95  U B "H3'"  1 
ATOM 893  H "H2'"  . U B 2 7  ? -5.549  -1.470  9.568   1.00 1.37 ? 95  U B "H2'"  1 
ATOM 894  H "HO2'" . U B 2 7  ? -6.645  -0.140  10.819  1.00 1.34 ? 95  U B "HO2'" 1 
ATOM 895  H "H1'"  . U B 2 7  ? -5.680  -2.627  12.135  1.00 1.08 ? 95  U B "H1'"  1 
ATOM 896  H H3     . U B 2 7  ? -1.315  -2.990  11.035  1.00 1.37 ? 95  U B H3     1 
ATOM 897  H H5     . U B 2 7  ? -3.201  -5.999  8.860   1.00 1.46 ? 95  U B H5     1 
ATOM 898  H H6     . U B 2 7  ? -5.290  -5.079  9.570   1.00 1.26 ? 95  U B H6     1 
ATOM 899  P P      . G B 2 8  ? -7.953  -1.274  7.238   1.00 1.43 ? 96  G B P      1 
ATOM 900  O OP1    . G B 2 8  ? -9.237  -0.839  6.638   1.00 1.48 ? 96  G B OP1    1 
ATOM 901  O OP2    . G B 2 8  ? -7.055  -2.174  6.463   1.00 1.47 ? 96  G B OP2    1 
ATOM 902  O "O5'"  . G B 2 8  ? -7.154  0.036   7.671   1.00 1.46 ? 96  G B "O5'"  1 
ATOM 903  C "C5'"  . G B 2 8  ? -7.723  0.969   8.587   1.00 1.45 ? 96  G B "C5'"  1 
ATOM 904  C "C4'"  . G B 2 8  ? -6.632  1.735   9.301   1.00 1.46 ? 96  G B "C4'"  1 
ATOM 905  O "O4'"  . G B 2 8  ? -5.547  0.836   9.651   1.00 1.44 ? 96  G B "O4'"  1 
ATOM 906  C "C3'"  . G B 2 8  ? -5.940  2.815   8.488   1.00 1.51 ? 96  G B "C3'"  1 
ATOM 907  O "O3'"  . G B 2 8  ? -6.731  4.000   8.435   1.00 1.54 ? 96  G B "O3'"  1 
ATOM 908  C "C2'"  . G B 2 8  ? -4.630  2.993   9.249   1.00 1.53 ? 96  G B "C2'"  1 
ATOM 909  O "O2'"  . G B 2 8  ? -4.820  3.758   10.425  1.00 1.54 ? 96  G B "O2'"  1 
ATOM 910  C "C1'"  . G B 2 8  ? -4.323  1.550   9.654   1.00 1.49 ? 96  G B "C1'"  1 
ATOM 911  N N9     . G B 2 8  ? -3.383  0.860   8.777   1.00 1.52 ? 96  G B N9     1 
ATOM 912  C C8     . G B 2 8  ? -3.616  -0.265  8.022   1.00 1.50 ? 96  G B C8     1 
ATOM 913  N N7     . G B 2 8  ? -2.562  -0.678  7.375   1.00 1.53 ? 96  G B N7     1 
ATOM 914  C C5     . G B 2 8  ? -1.573  0.236   7.713   1.00 1.58 ? 96  G B C5     1 
ATOM 915  C C6     . G B 2 8  ? -0.215  0.311   7.315   1.00 1.64 ? 96  G B C6     1 
ATOM 916  O O6     . G B 2 8  ? 0.406   -0.441  6.557   1.00 1.66 ? 96  G B O6     1 
ATOM 917  N N1     . G B 2 8  ? 0.428   1.400   7.894   1.00 1.68 ? 96  G B N1     1 
ATOM 918  C C2     . G B 2 8  ? -0.160  2.306   8.737   1.00 1.66 ? 96  G B C2     1 
ATOM 919  N N2     . G B 2 8  ? 0.627   3.289   9.187   1.00 1.71 ? 96  G B N2     1 
ATOM 920  N N3     . G B 2 8  ? -1.425  2.253   9.110   1.00 1.61 ? 96  G B N3     1 
ATOM 921  C C4     . G B 2 8  ? -2.068  1.198   8.567   1.00 1.57 ? 96  G B C4     1 
ATOM 922  H "H5'"  . G B 2 8  ? -8.330  0.441   9.323   1.00 1.37 ? 96  G B "H5'"  1 
ATOM 923  H "H5''" . G B 2 8  ? -8.356  1.675   8.049   1.00 1.53 ? 96  G B "H5''" 1 
ATOM 924  H "H4'"  . G B 2 8  ? -7.084  2.228   10.162  1.00 1.45 ? 96  G B "H4'"  1 
ATOM 925  H "H3'"  . G B 2 8  ? -5.785  2.503   7.455   1.00 1.52 ? 96  G B "H3'"  1 
ATOM 926  H "H2'"  . G B 2 8  ? -3.855  3.403   8.602   1.00 1.57 ? 96  G B "H2'"  1 
ATOM 927  H "HO2'" . G B 2 8  ? -5.405  4.479   10.192  1.00 1.57 ? 96  G B "HO2'" 1 
ATOM 928  H "H1'"  . G B 2 8  ? -3.925  1.490   10.666  1.00 1.49 ? 96  G B "H1'"  1 
ATOM 929  H H8     . G B 2 8  ? -4.577  -0.756  7.969   1.00 1.46 ? 96  G B H8     1 
ATOM 930  H H1     . G B 2 8  ? 1.404   1.554   7.688   1.00 1.72 ? 96  G B H1     1 
ATOM 931  H H21    . G B 2 8  ? 1.595   3.336   8.901   1.00 1.75 ? 96  G B H21    1 
ATOM 932  H H22    . G B 2 8  ? 0.249   3.987   9.810   1.00 1.71 ? 96  G B H22    1 
ATOM 933  P P      . C B 2 9  ? -6.944  4.758   7.032   1.00 1.60 ? 97  C B P      1 
ATOM 934  O OP1    . C B 2 9  ? -7.941  5.838   7.225   1.00 1.64 ? 97  C B OP1    1 
ATOM 935  O OP2    . C B 2 9  ? -7.193  3.711   6.006   1.00 1.63 ? 97  C B OP2    1 
ATOM 936  O "O5'"  . C B 2 9  ? -5.529  5.441   6.767   1.00 1.58 ? 97  C B "O5'"  1 
ATOM 937  C "C5'"  . C B 2 9  ? -5.117  6.585   7.507   1.00 1.58 ? 97  C B "C5'"  1 
ATOM 938  C "C4'"  . C B 2 9  ? -3.610  6.650   7.566   1.00 1.56 ? 97  C B "C4'"  1 
ATOM 939  O "O4'"  . C B 2 9  ? -3.092  5.344   7.934   1.00 1.55 ? 97  C B "O4'"  1 
ATOM 940  C "C3'"  . C B 2 9  ? -2.906  6.950   6.252   1.00 1.56 ? 97  C B "C3'"  1 
ATOM 941  O "O3'"  . C B 2 9  ? -2.899  8.342   5.957   1.00 1.60 ? 97  C B "O3'"  1 
ATOM 942  C "C2'"  . C B 2 9  ? -1.508  6.397   6.503   1.00 1.58 ? 97  C B "C2'"  1 
ATOM 943  O "O2'"  . C B 2 9  ? -0.744  7.283   7.301   1.00 1.64 ? 97  C B "O2'"  1 
ATOM 944  C "C1'"  . C B 2 9  ? -1.828  5.146   7.324   1.00 1.56 ? 97  C B "C1'"  1 
ATOM 945  N N1     . C B 2 9  ? -1.879  3.911   6.519   1.00 1.53 ? 97  C B N1     1 
ATOM 946  C C2     . C B 2 9  ? -0.694  3.422   5.959   1.00 1.54 ? 97  C B C2     1 
ATOM 947  O O2     . C B 2 9  ? 0.362   4.047   6.136   1.00 1.58 ? 97  C B O2     1 
ATOM 948  N N3     . C B 2 9  ? -0.725  2.277   5.242   1.00 1.52 ? 97  C B N3     1 
ATOM 949  C C4     . C B 2 9  ? -1.874  1.618   5.089   1.00 1.50 ? 97  C B C4     1 
ATOM 950  N N4     . C B 2 9  ? -1.852  0.481   4.395   1.00 1.49 ? 97  C B N4     1 
ATOM 951  C C5     . C B 2 9  ? -3.094  2.093   5.647   1.00 1.49 ? 97  C B C5     1 
ATOM 952  C C6     . C B 2 9  ? -3.055  3.243   6.327   1.00 1.50 ? 97  C B C6     1 
ATOM 953  H "H5'"  . C B 2 9  ? -5.513  6.531   8.522   1.00 1.57 ? 97  C B "H5'"  1 
ATOM 954  H "H5''" . C B 2 9  ? -5.491  7.490   7.030   1.00 1.61 ? 97  C B "H5''" 1 
ATOM 955  H "H4'"  . C B 2 9  ? -3.335  7.441   8.264   1.00 1.57 ? 97  C B "H4'"  1 
ATOM 956  H "H3'"  . C B 2 9  ? -3.402  6.464   5.412   1.00 1.54 ? 97  C B "H3'"  1 
ATOM 957  H "H2'"  . C B 2 9  ? -1.018  6.147   5.561   1.00 1.58 ? 97  C B "H2'"  1 
ATOM 958  H "HO2'" . C B 2 9  ? -1.160  8.142   7.239   1.00 1.69 ? 97  C B "HO2'" 1 
ATOM 959  H "H1'"  . C B 2 9  ? -1.113  4.988   8.132   1.00 1.59 ? 97  C B "H1'"  1 
ATOM 960  H H41    . C B 2 9  ? -0.980  0.147   4.012   1.00 1.51 ? 97  C B H41    1 
ATOM 961  H H42    . C B 2 9  ? -2.702  -0.048  4.260   1.00 1.48 ? 97  C B H42    1 
ATOM 962  H H5     . C B 2 9  ? -4.019  1.535   5.535   1.00 1.47 ? 97  C B H5     1 
ATOM 963  H H6     . C B 2 9  ? -3.982  3.663   6.714   1.00 1.50 ? 97  C B H6     1 
ATOM 964  P P      . G B 2 10 ? -3.259  8.846   4.474   1.00 1.66 ? 98  G B P      1 
ATOM 965  O OP1    . G B 2 10 ? -2.978  10.299  4.388   1.00 1.79 ? 98  G B OP1    1 
ATOM 966  O OP2    . G B 2 10 ? -4.629  8.351   4.175   1.00 1.65 ? 98  G B OP2    1 
ATOM 967  O "O5'"  . G B 2 10 ? -2.201  8.088   3.551   1.00 1.65 ? 98  G B "O5'"  1 
ATOM 968  C "C5'"  . G B 2 10 ? -0.807  8.371   3.644   1.00 1.69 ? 98  G B "C5'"  1 
ATOM 969  C "C4'"  . G B 2 10 ? -0.019  7.366   2.836   1.00 1.66 ? 98  G B "C4'"  1 
ATOM 970  O "O4'"  . G B 2 10 ? -0.037  6.073   3.508   1.00 1.65 ? 98  G B "O4'"  1 
ATOM 971  C "C3'"  . G B 2 10 ? -0.576  7.049   1.458   1.00 1.63 ? 98  G B "C3'"  1 
ATOM 972  O "O3'"  . G B 2 10 ? -0.250  8.042   0.493   1.00 1.69 ? 98  G B "O3'"  1 
ATOM 973  C "C2'"  . G B 2 10 ? 0.064   5.699   1.173   1.00 1.59 ? 98  G B "C2'"  1 
ATOM 974  O "O2'"  . G B 2 10 ? 1.445   5.821   0.884   1.00 1.63 ? 98  G B "O2'"  1 
ATOM 975  C "C1'"  . G B 2 10 ? -0.086  5.034   2.538   1.00 1.59 ? 98  G B "C1'"  1 
ATOM 976  N N9     . G B 2 10 ? -1.350  4.316   2.680   1.00 1.54 ? 98  G B N9     1 
ATOM 977  C C8     . G B 2 10 ? -2.496  4.766   3.288   1.00 1.54 ? 98  G B C8     1 
ATOM 978  N N7     . G B 2 10 ? -3.474  3.903   3.244   1.00 1.51 ? 98  G B N7     1 
ATOM 979  C C5     . G B 2 10 ? -2.940  2.815   2.568   1.00 1.49 ? 98  G B C5     1 
ATOM 980  C C6     . G B 2 10 ? -3.527  1.569   2.216   1.00 1.46 ? 98  G B C6     1 
ATOM 981  O O6     . G B 2 10 ? -4.674  1.165   2.440   1.00 1.46 ? 98  G B O6     1 
ATOM 982  N N1     . G B 2 10 ? -2.630  0.755   1.533   1.00 1.46 ? 98  G B N1     1 
ATOM 983  C C2     . G B 2 10 ? -1.334  1.090   1.234   1.00 1.48 ? 98  G B C2     1 
ATOM 984  N N2     . G B 2 10 ? -0.625  0.166   0.581   1.00 1.49 ? 98  G B N2     1 
ATOM 985  N N3     . G B 2 10 ? -0.773  2.243   1.555   1.00 1.51 ? 98  G B N3     1 
ATOM 986  C C4     . G B 2 10 ? -1.628  3.052   2.216   1.00 1.51 ? 98  G B C4     1 
ATOM 987  H "H5'"  . G B 2 10 ? -0.489  8.322   4.686   1.00 1.73 ? 98  G B "H5'"  1 
ATOM 988  H "H5''" . G B 2 10 ? -0.606  9.370   3.258   1.00 1.74 ? 98  G B "H5''" 1 
ATOM 989  H "H4'"  . G B 2 10 ? 0.984   7.769   2.690   1.00 1.70 ? 98  G B "H4'"  1 
ATOM 990  H "H3'"  . G B 2 10 ? -1.665  6.992   1.476   1.00 1.61 ? 98  G B "H3'"  1 
ATOM 991  H "H2'"  . G B 2 10 ? -0.488  5.164   0.398   1.00 1.55 ? 98  G B "H2'"  1 
ATOM 992  H "HO2'" . G B 2 10 ? 1.542   6.593   0.324   1.00 1.65 ? 98  G B "HO2'" 1 
ATOM 993  H "H1'"  . G B 2 10 ? 0.729   4.344   2.758   1.00 1.61 ? 98  G B "H1'"  1 
ATOM 994  H H8     . G B 2 10 ? -2.581  5.737   3.750   1.00 1.57 ? 98  G B H8     1 
ATOM 995  H H1     . G B 2 10 ? -2.953  -0.153  1.231   1.00 1.45 ? 98  G B H1     1 
ATOM 996  H H21    . G B 2 10 ? -1.043  -0.718  0.334   1.00 1.47 ? 98  G B H21    1 
ATOM 997  H H22    . G B 2 10 ? 0.336   0.358   0.336   1.00 1.51 ? 98  G B H22    1 
ATOM 998  P P      . A B 2 11 ? -1.193  8.237   -0.794  1.00 1.63 ? 99  A B P      1 
ATOM 999  O OP1    . A B 2 11 ? -0.958  9.589   -1.357  1.00 1.87 ? 99  A B OP1    1 
ATOM 1000 O OP2    . A B 2 11 ? -2.571  7.852   -0.384  1.00 1.64 ? 99  A B OP2    1 
ATOM 1001 O "O5'"  . A B 2 11 ? -0.629  7.155   -1.825  1.00 1.37 ? 99  A B "O5'"  1 
ATOM 1002 C "C5'"  . A B 2 11 ? 0.309   7.510   -2.842  1.00 1.40 ? 99  A B "C5'"  1 
ATOM 1003 C "C4'"  . A B 2 11 ? 1.551   8.131   -2.234  1.00 1.58 ? 99  A B "C4'"  1 
ATOM 1004 O "O4'"  . A B 2 11 ? 2.098   7.197   -1.264  1.00 1.61 ? 99  A B "O4'"  1 
ATOM 1005 C "C3'"  . A B 2 11 ? 2.672   8.420   -3.229  1.00 1.62 ? 99  A B "C3'"  1 
ATOM 1006 O "O3'"  . A B 2 11 ? 2.674   9.793   -3.609  1.00 1.71 ? 99  A B "O3'"  1 
ATOM 1007 C "C2'"  . A B 2 11 ? 3.942   8.040   -2.470  1.00 1.70 ? 99  A B "C2'"  1 
ATOM 1008 O "O2'"  . A B 2 11 ? 4.379   9.096   -1.635  1.00 1.81 ? 99  A B "O2'"  1 
ATOM 1009 C "C1'"  . A B 2 11 ? 3.441   6.905   -1.583  1.00 1.65 ? 99  A B "C1'"  1 
ATOM 1010 N N9     . A B 2 11 ? 3.476   5.577   -2.197  1.00 1.60 ? 99  A B N9     1 
ATOM 1011 C C8     . A B 2 11 ? 2.447   4.671   -2.248  1.00 1.54 ? 99  A B C8     1 
ATOM 1012 N N7     . A B 2 11 ? 2.759   3.550   -2.846  1.00 1.52 ? 99  A B N7     1 
ATOM 1013 C C5     . A B 2 11 ? 4.082   3.725   -3.217  1.00 1.57 ? 99  A B C5     1 
ATOM 1014 C C6     . A B 2 11 ? 4.992   2.892   -3.887  1.00 1.58 ? 99  A B C6     1 
ATOM 1015 N N6     . A B 2 11 ? 4.692   1.662   -4.313  1.00 1.54 ? 99  A B N6     1 
ATOM 1016 N N1     . A B 2 11 ? 6.236   3.367   -4.105  1.00 1.64 ? 99  A B N1     1 
ATOM 1017 C C2     . A B 2 11 ? 6.537   4.598   -3.671  1.00 1.69 ? 99  A B C2     1 
ATOM 1018 N N3     . A B 2 11 ? 5.769   5.475   -3.027  1.00 1.69 ? 99  A B N3     1 
ATOM 1019 C C4     . A B 2 11 ? 4.539   4.972   -2.828  1.00 1.62 ? 99  A B C4     1 
ATOM 1020 H "H5'"  . A B 2 11 ? -0.149  8.222   -3.529  1.00 1.48 ? 99  A B "H5'"  1 
ATOM 1021 H "H5''" . A B 2 11 ? 0.599   6.620   -3.400  1.00 1.29 ? 99  A B "H5''" 1 
ATOM 1022 H "H4'"  . A B 2 11 ? 1.260   9.090   -1.802  1.00 1.73 ? 99  A B "H4'"  1 
ATOM 1023 H "H3'"  . A B 2 11 ? 2.551   7.854   -4.150  1.00 1.55 ? 99  A B "H3'"  1 
ATOM 1024 H "H2'"  . A B 2 11 ? 4.716   7.701   -3.162  1.00 1.70 ? 99  A B "H2'"  1 
ATOM 1025 H "HO2'" . A B 2 11 ? 4.284   9.903   -2.142  1.00 1.87 ? 99  A B "HO2'" 1 
ATOM 1026 H "H1'"  . A B 2 11 ? 3.985   6.853   -0.641  1.00 1.69 ? 99  A B "H1'"  1 
ATOM 1027 H H8     . A B 2 11 ? 1.468   4.866   -1.834  1.00 1.52 ? 99  A B H8     1 
ATOM 1028 H H61    . A B 2 11 ? 5.391   1.107   -4.782  1.00 1.56 ? 99  A B H61    1 
ATOM 1029 H H62    . A B 2 11 ? 3.768   1.281   -4.159  1.00 1.50 ? 99  A B H62    1 
ATOM 1030 H H2     . A B 2 11 ? 7.556   4.929   -3.875  1.00 1.75 ? 99  A B H2     1 
ATOM 1031 P P      . G B 2 12 ? 1.904   10.255  -4.940  1.00 1.88 ? 100 G B P      1 
ATOM 1032 O OP1    . G B 2 12 ? 2.255   11.673  -5.205  1.00 1.84 ? 100 G B OP1    1 
ATOM 1033 O OP2    . G B 2 12 ? 0.474   9.882   -4.772  1.00 2.02 ? 100 G B OP2    1 
ATOM 1034 O "O5'"  . G B 2 12 ? 2.564   9.358   -6.086  1.00 2.02 ? 100 G B "O5'"  1 
ATOM 1035 C "C5'"  . G B 2 12 ? 3.635   9.853   -6.891  1.00 2.18 ? 100 G B "C5'"  1 
ATOM 1036 C "C4'"  . G B 2 12 ? 4.802   8.886   -6.876  1.00 2.10 ? 100 G B "C4'"  1 
ATOM 1037 O "O4'"  . G B 2 12 ? 4.578   7.837   -5.898  1.00 2.08 ? 100 G B "O4'"  1 
ATOM 1038 C "C3'"  . G B 2 12 ? 5.033   8.103   -8.158  1.00 1.80 ? 100 G B "C3'"  1 
ATOM 1039 O "O3'"  . G B 2 12 ? 5.684   8.881   -9.159  1.00 1.84 ? 100 G B "O3'"  1 
ATOM 1040 C "C2'"  . G B 2 12 ? 5.893   6.943   -7.671  1.00 1.86 ? 100 G B "C2'"  1 
ATOM 1041 O "O2'"  . G B 2 12 ? 7.238   7.346   -7.487  1.00 2.15 ? 100 G B "O2'"  1 
ATOM 1042 C "C1'"  . G B 2 12 ? 5.269   6.664   -6.301  1.00 1.99 ? 100 G B "C1'"  1 
ATOM 1043 N N9     . G B 2 12 ? 4.330   5.547   -6.312  1.00 1.81 ? 100 G B N9     1 
ATOM 1044 C C8     . G B 2 12 ? 3.023   5.552   -5.888  1.00 1.72 ? 100 G B C8     1 
ATOM 1045 N N7     . G B 2 12 ? 2.426   4.402   -6.042  1.00 1.58 ? 100 G B N7     1 
ATOM 1046 C C5     . G B 2 12 ? 3.401   3.582   -6.594  1.00 1.58 ? 100 G B C5     1 
ATOM 1047 C C6     . G B 2 12 ? 3.346   2.217   -6.978  1.00 1.49 ? 100 G B C6     1 
ATOM 1048 O O6     . G B 2 12 ? 2.393   1.433   -6.908  1.00 1.37 ? 100 G B O6     1 
ATOM 1049 N N1     . G B 2 12 ? 4.561   1.779   -7.489  1.00 1.57 ? 100 G B N1     1 
ATOM 1050 C C2     . G B 2 12 ? 5.685   2.552   -7.616  1.00 1.71 ? 100 G B C2     1 
ATOM 1051 N N2     . G B 2 12 ? 6.759   1.947   -8.133  1.00 1.79 ? 100 G B N2     1 
ATOM 1052 N N3     . G B 2 12 ? 5.753   3.824   -7.264  1.00 1.79 ? 100 G B N3     1 
ATOM 1053 C C4     . G B 2 12 ? 4.582   4.272   -6.764  1.00 1.72 ? 100 G B C4     1 
ATOM 1054 H "H5'"  . G B 2 12 ? 3.967   10.820  -6.510  1.00 2.48 ? 100 G B "H5'"  1 
ATOM 1055 H "H5''" . G B 2 12 ? 3.294   9.978   -7.919  1.00 2.30 ? 100 G B "H5''" 1 
ATOM 1056 H "H4'"  . G B 2 12 ? 5.708   9.466   -6.692  1.00 2.32 ? 100 G B "H4'"  1 
ATOM 1057 H "H3'"  . G B 2 12 ? 4.093   7.769   -8.598  1.00 1.61 ? 100 G B "H3'"  1 
ATOM 1058 H "H2'"  . G B 2 12 ? 5.797   6.084   -8.339  1.00 1.67 ? 100 G B "H2'"  1 
ATOM 1059 H "HO2'" . G B 2 12 ? 7.395   8.070   -8.094  1.00 2.23 ? 100 G B "HO2'" 1 
ATOM 1060 H "H1'"  . G B 2 12 ? 6.024   6.462   -5.540  1.00 2.19 ? 100 G B "H1'"  1 
ATOM 1061 H H8     . G B 2 12 ? 2.541   6.418   -5.460  1.00 1.78 ? 100 G B H8     1 
ATOM 1062 H H1     . G B 2 12 ? 4.614   0.816   -7.786  1.00 1.54 ? 100 G B H1     1 
ATOM 1063 H H21    . G B 2 12 ? 6.716   0.976   -8.406  1.00 1.76 ? 100 G B H21    1 
ATOM 1064 H H22    . G B 2 12 ? 7.615   2.469   -8.250  1.00 1.90 ? 100 G B H22    1 
ATOM 1065 P P      . A B 2 13 ? 5.138   8.857   -10.672 1.00 1.60 ? 101 A B P      1 
ATOM 1066 O OP1    . A B 2 13 ? 6.019   9.712   -11.506 1.00 1.73 ? 101 A B OP1    1 
ATOM 1067 O OP2    . A B 2 13 ? 3.683   9.158   -10.604 1.00 1.67 ? 101 A B OP2    1 
ATOM 1068 O "O5'"  . A B 2 13 ? 5.351   7.342   -11.127 1.00 1.35 ? 101 A B "O5'"  1 
ATOM 1069 C "C5'"  . A B 2 13 ? 6.643   6.851   -11.488 1.00 1.38 ? 101 A B "C5'"  1 
ATOM 1070 C "C4'"  . A B 2 13 ? 6.573   5.374   -11.806 1.00 1.23 ? 101 A B "C4'"  1 
ATOM 1071 O "O4'"  . A B 2 13 ? 6.179   4.654   -10.603 1.00 1.23 ? 101 A B "O4'"  1 
ATOM 1072 C "C3'"  . A B 2 13 ? 5.542   4.977   -12.859 1.00 1.05 ? 101 A B "C3'"  1 
ATOM 1073 O "O3'"  . A B 2 13 ? 6.086   5.020   -14.175 1.00 0.99 ? 101 A B "O3'"  1 
ATOM 1074 C "C2'"  . A B 2 13 ? 5.164   3.563   -12.437 1.00 1.07 ? 101 A B "C2'"  1 
ATOM 1075 O "O2'"  . A B 2 13 ? 6.153   2.624   -12.817 1.00 1.16 ? 101 A B "O2'"  1 
ATOM 1076 C "C1'"  . A B 2 13 ? 5.176   3.705   -10.918 1.00 1.18 ? 101 A B "C1'"  1 
ATOM 1077 N N9     . A B 2 13 ? 3.907   4.171   -10.360 1.00 1.14 ? 101 A B N9     1 
ATOM 1078 C C8     . A B 2 13 ? 3.601   5.434   -9.919  1.00 1.15 ? 101 A B C8     1 
ATOM 1079 N N7     . A B 2 13 ? 2.375   5.558   -9.473  1.00 1.16 ? 101 A B N7     1 
ATOM 1080 C C5     . A B 2 13 ? 1.834   4.289   -9.632  1.00 1.13 ? 101 A B C5     1 
ATOM 1081 C C6     . A B 2 13 ? 0.564   3.762   -9.350  1.00 1.14 ? 101 A B C6     1 
ATOM 1082 N N6     . A B 2 13 ? -0.434  4.475   -8.827  1.00 1.17 ? 101 A B N6     1 
ATOM 1083 N N1     . A B 2 13 ? 0.350   2.458   -9.628  1.00 1.16 ? 101 A B N1     1 
ATOM 1084 C C2     . A B 2 13 ? 1.350   1.742   -10.155 1.00 1.18 ? 101 A B C2     1 
ATOM 1085 N N3     . A B 2 13 ? 2.587   2.125   -10.464 1.00 1.17 ? 101 A B N3     1 
ATOM 1086 C C4     . A B 2 13 ? 2.767   3.425   -10.176 1.00 1.14 ? 101 A B C4     1 
ATOM 1087 H "H5'"  . A B 2 13 ? 7.339   7.007   -10.662 1.00 1.58 ? 101 A B "H5'"  1 
ATOM 1088 H "H5''" . A B 2 13 ? 7.009   7.384   -12.364 1.00 1.39 ? 101 A B "H5''" 1 
ATOM 1089 H "H4'"  . A B 2 13 ? 7.548   5.075   -12.192 1.00 1.31 ? 101 A B "H4'"  1 
ATOM 1090 H "H3'"  . A B 2 13 ? 4.689   5.655   -12.862 1.00 1.01 ? 101 A B "H3'"  1 
ATOM 1091 H "H2'"  . A B 2 13 ? 4.169   3.303   -12.809 1.00 1.00 ? 101 A B "H2'"  1 
ATOM 1092 H "HO2'" . A B 2 13 ? 6.488   2.906   -13.669 1.00 1.22 ? 101 A B "HO2'" 1 
ATOM 1093 H "H1'"  . A B 2 13 ? 5.446   2.773   -10.419 1.00 1.27 ? 101 A B "H1'"  1 
ATOM 1094 H H8     . A B 2 13 ? 4.304   6.253   -9.941  1.00 1.18 ? 101 A B H8     1 
ATOM 1095 H H61    . A B 2 13 ? -1.326  4.040   -8.647  1.00 1.19 ? 101 A B H61    1 
ATOM 1096 H H62    . A B 2 13 ? -0.294  5.453   -8.614  1.00 1.20 ? 101 A B H62    1 
ATOM 1097 H H2     . A B 2 13 ? 1.119   0.698   -10.363 1.00 1.23 ? 101 A B H2     1 
ATOM 1098 P P      . G B 2 14 ? 5.185   5.550   -15.396 1.00 0.84 ? 102 G B P      1 
ATOM 1099 O OP1    . G B 2 14 ? 5.988   5.459   -16.641 1.00 0.84 ? 102 G B OP1    1 
ATOM 1100 O OP2    . G B 2 14 ? 4.637   6.869   -14.979 1.00 0.81 ? 102 G B OP2    1 
ATOM 1101 O "O5'"  . G B 2 14 ? 4.002   4.479   -15.483 1.00 0.88 ? 102 G B "O5'"  1 
ATOM 1102 C "C5'"  . G B 2 14 ? 4.068   3.377   -16.387 1.00 0.97 ? 102 G B "C5'"  1 
ATOM 1103 C "C4'"  . G B 2 14 ? 3.364   2.168   -15.805 1.00 1.07 ? 102 G B "C4'"  1 
ATOM 1104 O "O4'"  . G B 2 14 ? 3.244   2.301   -14.360 1.00 1.11 ? 102 G B "O4'"  1 
ATOM 1105 C "C3'"  . G B 2 14 ? 1.924   1.959   -16.250 1.00 1.00 ? 102 G B "C3'"  1 
ATOM 1106 O "O3'"  . G B 2 14 ? 1.832   1.371   -17.543 1.00 1.06 ? 102 G B "O3'"  1 
ATOM 1107 C "C2'"  . G B 2 14 ? 1.396   1.048   -15.152 1.00 1.09 ? 102 G B "C2'"  1 
ATOM 1108 O "O2'"  . G B 2 14 ? 1.891   -0.271  -15.296 1.00 1.24 ? 102 G B "O2'"  1 
ATOM 1109 C "C1'"  . G B 2 14 ? 2.038   1.690   -13.924 1.00 1.11 ? 102 G B "C1'"  1 
ATOM 1110 N N9     . G B 2 14 ? 1.196   2.710   -13.305 1.00 1.04 ? 102 G B N9     1 
ATOM 1111 C C8     . G B 2 14 ? 1.507   4.032   -13.111 1.00 0.99 ? 102 G B C8     1 
ATOM 1112 N N7     . G B 2 14 ? 0.550   4.711   -12.543 1.00 0.96 ? 102 G B N7     1 
ATOM 1113 C C5     . G B 2 14 ? -0.461  3.781   -12.351 1.00 0.98 ? 102 G B C5     1 
ATOM 1114 C C6     . G B 2 14 ? -1.754  3.931   -11.787 1.00 0.97 ? 102 G B C6     1 
ATOM 1115 O O6     . G B 2 14 ? -2.278  4.948   -11.319 1.00 0.97 ? 102 G B O6     1 
ATOM 1116 N N1     . G B 2 14 ? -2.460  2.734   -11.801 1.00 1.00 ? 102 G B N1     1 
ATOM 1117 C C2     . G B 2 14 ? -1.981  1.542   -12.280 1.00 1.05 ? 102 G B C2     1 
ATOM 1118 N N2     . G B 2 14 ? -2.810  0.495   -12.195 1.00 1.09 ? 102 G B N2     1 
ATOM 1119 N N3     . G B 2 14 ? -0.778  1.385   -12.805 1.00 1.07 ? 102 G B N3     1 
ATOM 1120 C C4     . G B 2 14 ? -0.078  2.539   -12.813 1.00 1.02 ? 102 G B C4     1 
ATOM 1121 H "H5'"  . G B 2 14 ? 5.112   3.123   -16.582 1.00 1.08 ? 102 G B "H5'"  1 
ATOM 1122 H "H5''" . G B 2 14 ? 3.590   3.645   -17.329 1.00 0.92 ? 102 G B "H5''" 1 
ATOM 1123 H "H4'"  . G B 2 14 ? 3.920   1.284   -16.115 1.00 1.21 ? 102 G B "H4'"  1 
ATOM 1124 H "H3'"  . G B 2 14 ? 1.380   2.903   -16.306 1.00 0.89 ? 102 G B "H3'"  1 
ATOM 1125 H "H2'"  . G B 2 14 ? 0.307   1.088   -15.105 1.00 1.04 ? 102 G B "H2'"  1 
ATOM 1126 H "HO2'" . G B 2 14 ? 2.185   -0.361  -16.205 1.00 1.26 ? 102 G B "HO2'" 1 
ATOM 1127 H "H1'"  . G B 2 14 ? 2.303   0.956   -13.162 1.00 1.22 ? 102 G B "H1'"  1 
ATOM 1128 H H8     . G B 2 14 ? 2.446   4.467   -13.412 1.00 0.99 ? 102 G B H8     1 
ATOM 1129 H H1     . G B 2 14 ? -3.401  2.763   -11.426 1.00 1.01 ? 102 G B H1     1 
ATOM 1130 H H21    . G B 2 14 ? -3.731  0.612   -11.796 1.00 1.08 ? 102 G B H21    1 
ATOM 1131 H H22    . G B 2 14 ? -2.515  -0.410  -12.531 1.00 1.14 ? 102 G B H22    1 
ATOM 1132 P P      . U B 2 15 ? 0.534   1.644   -18.451 1.00 1.03 ? 103 U B P      1 
ATOM 1133 O OP1    . U B 2 15 ? 0.605   0.781   -19.656 1.00 1.20 ? 103 U B OP1    1 
ATOM 1134 O OP2    . U B 2 15 ? 0.438   3.119   -18.619 1.00 0.90 ? 103 U B OP2    1 
ATOM 1135 O "O5'"  . U B 2 15 ? -0.674  1.130   -17.546 1.00 1.02 ? 103 U B "O5'"  1 
ATOM 1136 C "C5'"  . U B 2 15 ? -0.972  -0.262  -17.432 1.00 1.13 ? 103 U B "C5'"  1 
ATOM 1137 C "C4'"  . U B 2 15 ? -2.415  -0.453  -17.026 1.00 1.05 ? 103 U B "C4'"  1 
ATOM 1138 O "O4'"  . U B 2 15 ? -2.569  -0.090  -15.623 1.00 1.05 ? 103 U B "O4'"  1 
ATOM 1139 C "C3'"  . U B 2 15 ? -3.421  0.430   -17.753 1.00 0.91 ? 103 U B "C3'"  1 
ATOM 1140 O "O3'"  . U B 2 15 ? -3.816  -0.125  -19.005 1.00 0.92 ? 103 U B "O3'"  1 
ATOM 1141 C "C2'"  . U B 2 15 ? -4.564  0.496   -16.751 1.00 0.87 ? 103 U B "C2'"  1 
ATOM 1142 O "O2'"  . U B 2 15 ? -5.304  -0.711  -16.728 1.00 0.93 ? 103 U B "O2'"  1 
ATOM 1143 C "C1'"  . U B 2 15 ? -3.783  0.623   -15.446 1.00 0.94 ? 103 U B "C1'"  1 
ATOM 1144 N N1     . U B 2 15 ? -3.467  2.016   -15.094 1.00 0.86 ? 103 U B N1     1 
ATOM 1145 C C2     . U B 2 15 ? -4.497  2.804   -14.606 1.00 0.80 ? 103 U B C2     1 
ATOM 1146 O O2     . U B 2 15 ? -5.633  2.393   -14.436 1.00 0.83 ? 103 U B O2     1 
ATOM 1147 N N3     . U B 2 15 ? -4.148  4.096   -14.321 1.00 0.75 ? 103 U B N3     1 
ATOM 1148 C C4     . U B 2 15 ? -2.907  4.675   -14.462 1.00 0.72 ? 103 U B C4     1 
ATOM 1149 O O4     . U B 2 15 ? -2.761  5.866   -14.191 1.00 0.68 ? 103 U B O4     1 
ATOM 1150 C C5     . U B 2 15 ? -1.896  3.798   -14.956 1.00 0.78 ? 103 U B C5     1 
ATOM 1151 C C6     . U B 2 15 ? -2.195  2.531   -15.249 1.00 0.85 ? 103 U B C6     1 
ATOM 1152 H "H5'"  . U B 2 15 ? -0.325  -0.716  -16.680 1.00 1.25 ? 103 U B "H5'"  1 
ATOM 1153 H "H5''" . U B 2 15 ? -0.805  -0.756  -18.388 1.00 1.20 ? 103 U B "H5''" 1 
ATOM 1154 H "H4'"  . U B 2 15 ? -2.685  -1.487  -17.242 1.00 1.12 ? 103 U B "H4'"  1 
ATOM 1155 H "H3'"  . U B 2 15 ? -3.003  1.412   -17.974 1.00 0.87 ? 103 U B "H3'"  1 
ATOM 1156 H "H2'"  . U B 2 15 ? -5.188  1.373   -16.935 1.00 0.78 ? 103 U B "H2'"  1 
ATOM 1157 H "HO2'" . U B 2 15 ? -5.182  -1.124  -17.583 1.00 1.03 ? 103 U B "HO2'" 1 
ATOM 1158 H "H1'"  . U B 2 15 ? -4.306  0.169   -14.602 1.00 1.01 ? 103 U B "H1'"  1 
ATOM 1159 H H3     . U B 2 15 ? -4.892  4.673   -13.979 1.00 0.74 ? 103 U B H3     1 
ATOM 1160 H H5     . U B 2 15 ? -0.879  4.164   -15.094 1.00 0.79 ? 103 U B H5     1 
ATOM 1161 H H6     . U B 2 15 ? -1.404  1.882   -15.623 1.00 0.93 ? 103 U B H6     1 
ATOM 1162 P P      . A B 2 16 ? -4.040  0.844   -20.271 1.00 0.88 ? 104 A B P      1 
ATOM 1163 O OP1    . A B 2 16 ? -4.282  0.002   -21.468 1.00 0.97 ? 104 A B OP1    1 
ATOM 1164 O OP2    . A B 2 16 ? -2.909  1.812   -20.276 1.00 0.91 ? 104 A B OP2    1 
ATOM 1165 O "O5'"  . A B 2 16 ? -5.400  1.604   -19.926 1.00 0.77 ? 104 A B "O5'"  1 
ATOM 1166 C "C5'"  . A B 2 16 ? -6.592  0.880   -19.618 1.00 0.77 ? 104 A B "C5'"  1 
ATOM 1167 C "C4'"  . A B 2 16 ? -7.527  1.739   -18.797 1.00 0.70 ? 104 A B "C4'"  1 
ATOM 1168 O "O4'"  . A B 2 16 ? -6.834  2.208   -17.614 1.00 0.70 ? 104 A B "O4'"  1 
ATOM 1169 C "C3'"  . A B 2 16 ? -8.002  3.015   -19.475 1.00 0.65 ? 104 A B "C3'"  1 
ATOM 1170 O "O3'"  . A B 2 16 ? -9.125  2.765   -20.316 1.00 0.71 ? 104 A B "O3'"  1 
ATOM 1171 C "C2'"  . A B 2 16 ? -8.351  3.920   -18.295 1.00 0.62 ? 104 A B "C2'"  1 
ATOM 1172 O "O2'"  . A B 2 16 ? -9.643  3.632   -17.795 1.00 0.70 ? 104 A B "O2'"  1 
ATOM 1173 C "C1'"  . A B 2 16 ? -7.321  3.487   -17.250 1.00 0.62 ? 104 A B "C1'"  1 
ATOM 1174 N N9     . A B 2 16 ? -6.177  4.393   -17.126 1.00 0.56 ? 104 A B N9     1 
ATOM 1175 C C8     . A B 2 16 ? -4.876  4.157   -17.498 1.00 0.57 ? 104 A B C8     1 
ATOM 1176 N N7     . A B 2 16 ? -4.063  5.152   -17.237 1.00 0.53 ? 104 A B N7     1 
ATOM 1177 C C5     . A B 2 16 ? -4.885  6.112   -16.660 1.00 0.48 ? 104 A B C5     1 
ATOM 1178 C C6     . A B 2 16 ? -4.627  7.399   -16.157 1.00 0.44 ? 104 A B C6     1 
ATOM 1179 N N6     . A B 2 16 ? -3.418  7.965   -16.148 1.00 0.43 ? 104 A B N6     1 
ATOM 1180 N N1     . A B 2 16 ? -5.667  8.096   -15.653 1.00 0.48 ? 104 A B N1     1 
ATOM 1181 C C2     . A B 2 16 ? -6.880  7.530   -15.657 1.00 0.54 ? 104 A B C2     1 
ATOM 1182 N N3     . A B 2 16 ? -7.247  6.328   -16.097 1.00 0.55 ? 104 A B N3     1 
ATOM 1183 C C4     . A B 2 16 ? -6.190  5.660   -16.592 1.00 0.51 ? 104 A B C4     1 
ATOM 1184 H "H5'"  . A B 2 16 ? -6.341  -0.018  -19.052 1.00 0.85 ? 104 A B "H5'"  1 
ATOM 1185 H "H5''" . A B 2 16 ? -7.095  0.589   -20.540 1.00 0.82 ? 104 A B "H5''" 1 
ATOM 1186 H "H4'"  . A B 2 16 ? -8.416  1.146   -18.579 1.00 0.74 ? 104 A B "H4'"  1 
ATOM 1187 H "H3'"  . A B 2 16 ? -7.232  3.440   -20.116 1.00 0.65 ? 104 A B "H3'"  1 
ATOM 1188 H "H2'"  . A B 2 16 ? -8.231  4.970   -18.568 1.00 0.60 ? 104 A B "H2'"  1 
ATOM 1189 H "HO2'" . A B 2 16 ? -10.110 3.167   -18.491 1.00 0.77 ? 104 A B "HO2'" 1 
ATOM 1190 H "H1'"  . A B 2 16 ? -7.768  3.381   -16.262 1.00 0.68 ? 104 A B "H1'"  1 
ATOM 1191 H H8     . A B 2 16 ? -4.553  3.239   -17.964 1.00 0.64 ? 104 A B H8     1 
ATOM 1192 H H61    . A B 2 16 ? -3.298  8.890   -15.759 1.00 0.43 ? 104 A B H61    1 
ATOM 1193 H H62    . A B 2 16 ? -2.621  7.466   -16.516 1.00 0.46 ? 104 A B H62    1 
ATOM 1194 H H2     . A B 2 16 ? -7.682  8.140   -15.239 1.00 0.61 ? 104 A B H2     1 
ATOM 1195 P P      . G B 2 17 ? -9.108  3.271   -21.841 1.00 0.78 ? 105 G B P      1 
ATOM 1196 O OP1    . G B 2 17 ? -10.453 3.044   -22.427 1.00 0.87 ? 105 G B OP1    1 
ATOM 1197 O OP2    . G B 2 17 ? -7.920  2.646   -22.480 1.00 0.87 ? 105 G B OP2    1 
ATOM 1198 O "O5'"  . G B 2 17 ? -8.883  4.846   -21.709 1.00 0.77 ? 105 G B "O5'"  1 
ATOM 1199 C "C5'"  . G B 2 17 ? -9.961  5.718   -21.374 1.00 0.83 ? 105 G B "C5'"  1 
ATOM 1200 C "C4'"  . G B 2 17 ? -9.436  6.967   -20.701 1.00 0.84 ? 105 G B "C4'"  1 
ATOM 1201 O "O4'"  . G B 2 17 ? -8.420  6.602   -19.730 1.00 0.70 ? 105 G B "O4'"  1 
ATOM 1202 C "C3'"  . G B 2 17 ? -8.727  7.966   -21.604 1.00 0.94 ? 105 G B "C3'"  1 
ATOM 1203 O "O3'"  . G B 2 17 ? -9.650  8.807   -22.292 1.00 1.13 ? 105 G B "O3'"  1 
ATOM 1204 C "C2'"  . G B 2 17 ? -7.865  8.741   -20.612 1.00 0.91 ? 105 G B "C2'"  1 
ATOM 1205 O "O2'"  . G B 2 17 ? -8.630  9.696   -19.902 1.00 1.01 ? 105 G B "O2'"  1 
ATOM 1206 C "C1'"  . G B 2 17 ? -7.453  7.634   -19.643 1.00 0.72 ? 105 G B "C1'"  1 
ATOM 1207 N N9     . G B 2 17 ? -6.140  7.069   -19.938 1.00 0.66 ? 105 G B N9     1 
ATOM 1208 C C8     . G B 2 17 ? -5.870  5.847   -20.501 1.00 0.65 ? 105 G B C8     1 
ATOM 1209 N N7     . G B 2 17 ? -4.594  5.614   -20.639 1.00 0.71 ? 105 G B N7     1 
ATOM 1210 C C5     . G B 2 17 ? -3.983  6.757   -20.141 1.00 0.71 ? 105 G B C5     1 
ATOM 1211 C C6     . G B 2 17 ? -2.610  7.094   -20.035 1.00 0.80 ? 105 G B C6     1 
ATOM 1212 O O6     . G B 2 17 ? -1.623  6.425   -20.362 1.00 0.91 ? 105 G B O6     1 
ATOM 1213 N N1     . G B 2 17 ? -2.436  8.356   -19.478 1.00 0.80 ? 105 G B N1     1 
ATOM 1214 C C2     . G B 2 17 ? -3.450  9.185   -19.072 1.00 0.75 ? 105 G B C2     1 
ATOM 1215 N N2     . G B 2 17 ? -3.080  10.358  -18.551 1.00 0.81 ? 105 G B N2     1 
ATOM 1216 N N3     . G B 2 17 ? -4.733  8.886   -19.166 1.00 0.72 ? 105 G B N3     1 
ATOM 1217 C C4     . G B 2 17 ? -4.925  7.666   -19.707 1.00 0.68 ? 105 G B C4     1 
ATOM 1218 H "H5'"  . G B 2 17 ? -10.649 5.210   -20.698 1.00 0.82 ? 105 G B "H5'"  1 
ATOM 1219 H "H5''" . G B 2 17 ? -10.499 6.002   -22.278 1.00 0.96 ? 105 G B "H5''" 1 
ATOM 1220 H "H4'"  . G B 2 17 ? -10.287 7.488   -20.263 1.00 0.93 ? 105 G B "H4'"  1 
ATOM 1221 H "H3'"  . G B 2 17 ? -8.137  7.469   -22.373 1.00 0.94 ? 105 G B "H3'"  1 
ATOM 1222 H "H2'"  . G B 2 17 ? -7.001  9.180   -21.114 1.00 0.96 ? 105 G B "H2'"  1 
ATOM 1223 H "HO2'" . G B 2 17 ? -9.496  9.720   -20.308 1.00 1.12 ? 105 G B "HO2'" 1 
ATOM 1224 H "H1'"  . G B 2 17 ? -7.447  7.978   -18.608 1.00 0.71 ? 105 G B "H1'"  1 
ATOM 1225 H H8     . G B 2 17 ? -6.637  5.156   -20.812 1.00 0.65 ? 105 G B H8     1 
ATOM 1226 H H1     . G B 2 17 ? -1.489  8.688   -19.364 1.00 0.86 ? 105 G B H1     1 
ATOM 1227 H H21    . G B 2 17 ? -2.101  10.590  -18.471 1.00 0.86 ? 105 G B H21    1 
ATOM 1228 H H22    . G B 2 17 ? -3.781  11.011  -18.231 1.00 0.84 ? 105 G B H22    1 
ATOM 1229 P P      . G B 2 18 ? -9.195  9.569   -23.634 1.00 1.30 ? 106 G B P      1 
ATOM 1230 O OP1    . G B 2 18 ? -10.320 10.418  -24.096 1.00 1.50 ? 106 G B OP1    1 
ATOM 1231 O OP2    . G B 2 18 ? -8.643  8.533   -24.548 1.00 1.26 ? 106 G B OP2    1 
ATOM 1232 O "O5'"  . G B 2 18 ? -8.023  10.534  -23.146 1.00 1.36 ? 106 G B "O5'"  1 
ATOM 1233 C "C5'"  . G B 2 18 ? -8.288  11.639  -22.282 1.00 1.47 ? 106 G B "C5'"  1 
ATOM 1234 C "C4'"  . G B 2 18 ? -7.172  12.656  -22.376 1.00 1.57 ? 106 G B "C4'"  1 
ATOM 1235 O "O4'"  . G B 2 18 ? -6.070  12.246  -21.521 1.00 1.42 ? 106 G B "O4'"  1 
ATOM 1236 C "C3'"  . G B 2 18 ? -6.540  12.803  -23.751 1.00 1.71 ? 106 G B "C3'"  1 
ATOM 1237 O "O3'"  . G B 2 18 ? -7.309  13.674  -24.579 1.00 1.95 ? 106 G B "O3'"  1 
ATOM 1238 C "C2'"  . G B 2 18 ? -5.160  13.355  -23.414 1.00 1.72 ? 106 G B "C2'"  1 
ATOM 1239 O "O2'"  . G B 2 18 ? -5.223  14.734  -23.099 1.00 1.91 ? 106 G B "O2'"  1 
ATOM 1240 C "C1'"  . G B 2 18 ? -4.836  12.575  -22.139 1.00 1.48 ? 106 G B "C1'"  1 
ATOM 1241 N N9     . G B 2 18 ? -4.089  11.337  -22.354 1.00 1.34 ? 106 G B N9     1 
ATOM 1242 C C8     . G B 2 18 ? -4.600  10.070  -22.503 1.00 1.25 ? 106 G B C8     1 
ATOM 1243 N N7     . G B 2 18 ? -3.681  9.159   -22.666 1.00 1.22 ? 106 G B N7     1 
ATOM 1244 C C5     . G B 2 18 ? -2.486  9.866   -22.627 1.00 1.28 ? 106 G B C5     1 
ATOM 1245 C C6     . G B 2 18 ? -1.145  9.415   -22.746 1.00 1.35 ? 106 G B C6     1 
ATOM 1246 O O6     . G B 2 18 ? -0.730  8.263   -22.916 1.00 1.40 ? 106 G B O6     1 
ATOM 1247 N N1     . G B 2 18 ? -0.242  10.468  -22.650 1.00 1.41 ? 106 G B N1     1 
ATOM 1248 C C2     . G B 2 18 ? -0.581  11.784  -22.459 1.00 1.44 ? 106 G B C2     1 
ATOM 1249 N N2     . G B 2 18 ? 0.435   12.650  -22.389 1.00 1.53 ? 106 G B N2     1 
ATOM 1250 N N3     . G B 2 18 ? -1.825  12.218  -22.345 1.00 1.43 ? 106 G B N3     1 
ATOM 1251 C C4     . G B 2 18 ? -2.720  11.213  -22.437 1.00 1.34 ? 106 G B C4     1 
ATOM 1252 H "H5'"  . G B 2 18 ? -8.369  11.291  -21.251 1.00 1.48 ? 106 G B "H5'"  1 
ATOM 1253 H "H5''" . G B 2 18 ? -9.224  12.117  -22.568 1.00 1.54 ? 106 G B "H5''" 1 
ATOM 1254 H "H4'"  . G B 2 18 ? -7.590  13.628  -22.114 1.00 1.71 ? 106 G B "H4'"  1 
ATOM 1255 H "H3'"  . G B 2 18 ? -6.492  11.850  -24.276 1.00 1.65 ? 106 G B "H3'"  1 
ATOM 1256 H "H2'"  . G B 2 18 ? -4.449  13.137  -24.209 1.00 1.79 ? 106 G B "H2'"  1 
ATOM 1257 H "HO2'" . G B 2 18 ? -5.969  15.092  -23.580 1.00 2.08 ? 106 G B "HO2'" 1 
ATOM 1258 H "H1'"  . G B 2 18 ? -4.277  13.182  -21.429 1.00 1.51 ? 106 G B "H1'"  1 
ATOM 1259 H H8     . G B 2 18 ? -5.657  9.847   -22.482 1.00 1.24 ? 106 G B H8     1 
ATOM 1260 H H1     . G B 2 18 ? 0.738   10.241  -22.727 1.00 1.48 ? 106 G B H1     1 
ATOM 1261 H H21    . G B 2 18 ? 1.389   12.325  -22.463 1.00 1.56 ? 106 G B H21    1 
ATOM 1262 H H22    . G B 2 18 ? 0.242   13.632  -22.250 1.00 1.60 ? 106 G B H22    1 
ATOM 1263 P P      . C B 2 19 ? -7.618  13.264  -26.102 1.00 2.11 ? 107 C B P      1 
ATOM 1264 O OP1    . C B 2 19 ? -8.640  14.192  -26.645 1.00 2.34 ? 107 C B OP1    1 
ATOM 1265 O OP2    . C B 2 19 ? -7.882  11.801  -26.116 1.00 1.94 ? 107 C B OP2    1 
ATOM 1266 O "O5'"  . C B 2 19 ? -6.238  13.566  -26.842 1.00 2.26 ? 107 C B "O5'"  1 
ATOM 1267 C "C5'"  . C B 2 19 ? -5.900  14.888  -27.256 1.00 2.52 ? 107 C B "C5'"  1 
ATOM 1268 C "C4'"  . C B 2 19 ? -4.399  15.053  -27.294 1.00 2.54 ? 107 C B "C4'"  1 
ATOM 1269 O "O4'"  . C B 2 19 ? -3.825  14.409  -26.125 1.00 2.23 ? 107 C B "O4'"  1 
ATOM 1270 C "C3'"  . C B 2 19 ? -3.679  14.392  -28.459 1.00 2.69 ? 107 C B "C3'"  1 
ATOM 1271 O "O3'"  . C B 2 19 ? -3.719  15.194  -29.636 1.00 3.05 ? 107 C B "O3'"  1 
ATOM 1272 C "C2'"  . C B 2 19 ? -2.267  14.229  -27.911 1.00 2.54 ? 107 C B "C2'"  1 
ATOM 1273 O "O2'"  . C B 2 19 ? -1.555  15.452  -27.937 1.00 2.70 ? 107 C B "O2'"  1 
ATOM 1274 C "C1'"  . C B 2 19 ? -2.560  13.860  -26.456 1.00 2.21 ? 107 C B "C1'"  1 
ATOM 1275 N N1     . C B 2 19 ? -2.594  12.409  -26.213 1.00 2.01 ? 107 C B N1     1 
ATOM 1276 C C2     . C B 2 19 ? -1.396  11.689  -26.257 1.00 1.97 ? 107 C B C2     1 
ATOM 1277 O O2     . C B 2 19 ? -0.344  12.285  -26.526 1.00 2.08 ? 107 C B O2     1 
ATOM 1278 N N3     . C B 2 19 ? -1.413  10.362  -26.007 1.00 1.87 ? 107 C B N3     1 
ATOM 1279 C C4     . C B 2 19 ? -2.565  9.757   -25.715 1.00 1.79 ? 107 C B C4     1 
ATOM 1280 N N4     . C B 2 19 ? -2.533  8.449   -25.462 1.00 1.77 ? 107 C B N4     1 
ATOM 1281 C C5     . C B 2 19 ? -3.800  10.468  -25.667 1.00 1.78 ? 107 C B C5     1 
ATOM 1282 C C6     . C B 2 19 ? -3.770  11.774  -25.939 1.00 1.91 ? 107 C B C6     1 
ATOM 1283 H "H5'"  . C B 2 19 ? -6.323  15.612  -26.558 1.00 2.51 ? 107 C B "H5'"  1 
ATOM 1284 H "H5''" . C B 2 19 ? -6.302  15.077  -28.251 1.00 2.75 ? 107 C B "H5''" 1 
ATOM 1285 H "H4'"  . C B 2 19 ? -4.184  16.121  -27.351 1.00 2.72 ? 107 C B "H4'"  1 
ATOM 1286 H "H3'"  . C B 2 19 ? -4.137  13.439  -28.725 1.00 2.65 ? 107 C B "H3'"  1 
ATOM 1287 H "H2'"  . C B 2 19 ? -1.743  13.424  -28.430 1.00 2.58 ? 107 C B "H2'"  1 
ATOM 1288 H "HO2'" . C B 2 19 ? -1.882  15.945  -28.688 1.00 2.92 ? 107 C B "HO2'" 1 
ATOM 1289 H "H1'"  . C B 2 19 ? -1.841  14.293  -25.765 1.00 2.14 ? 107 C B "H1'"  1 
ATOM 1290 H H41    . C B 2 19 ? -1.651  7.957   -25.497 1.00 1.82 ? 107 C B H41    1 
ATOM 1291 H H42    . C B 2 19 ? -3.385  7.956   -25.236 1.00 1.73 ? 107 C B H42    1 
ATOM 1292 H H5     . C B 2 19 ? -4.728  9.975   -25.396 1.00 1.72 ? 107 C B H5     1 
ATOM 1293 H H6     . C B 2 19 ? -4.704  12.335  -25.959 1.00 1.97 ? 107 C B H6     1 
ATOM 1294 P P      . C B 2 20 ? -3.669  14.494  -31.083 1.00 3.34 ? 108 C B P      1 
ATOM 1295 O OP1    . C B 2 20 ? -3.957  15.521  -32.113 1.00 3.71 ? 108 C B OP1    1 
ATOM 1296 O OP2    . C B 2 20 ? -4.526  13.280  -31.007 1.00 3.22 ? 108 C B OP2    1 
ATOM 1297 O "O5'"  . C B 2 20 ? -2.141  14.059  -31.239 1.00 3.37 ? 108 C B "O5'"  1 
ATOM 1298 C "C5'"  . C B 2 20 ? -1.163  14.966  -31.750 1.00 3.60 ? 108 C B "C5'"  1 
ATOM 1299 C "C4'"  . C B 2 20 ? 0.153   14.249  -31.966 1.00 3.65 ? 108 C B "C4'"  1 
ATOM 1300 O "O4'"  . C B 2 20 ? 0.549   13.614  -30.722 1.00 3.31 ? 108 C B "O4'"  1 
ATOM 1301 C "C3'"  . C B 2 20 ? 0.127   13.121  -32.991 1.00 3.81 ? 108 C B "C3'"  1 
ATOM 1302 O "O3'"  . C B 2 20 ? 0.362   13.590  -34.320 1.00 4.20 ? 108 C B "O3'"  1 
ATOM 1303 C "C2'"  . C B 2 20 ? 1.238   12.194  -32.505 1.00 3.69 ? 108 C B "C2'"  1 
ATOM 1304 O "O2'"  . C B 2 20 ? 2.514   12.657  -32.907 1.00 3.90 ? 108 C B "O2'"  1 
ATOM 1305 C "C1'"  . C B 2 20 ? 1.123   12.348  -30.988 1.00 3.31 ? 108 C B "C1'"  1 
ATOM 1306 N N1     . C B 2 20 ? 0.294   11.318  -30.345 1.00 3.06 ? 108 C B N1     1 
ATOM 1307 C C2     . C B 2 20 ? 0.848   10.057  -30.095 1.00 3.01 ? 108 C B C2     1 
ATOM 1308 O O2     . C B 2 20 ? 2.020   9.834   -30.435 1.00 3.15 ? 108 C B O2     1 
ATOM 1309 N N3     . C B 2 20 ? 0.093   9.114   -29.489 1.00 2.85 ? 108 C B N3     1 
ATOM 1310 C C4     . C B 2 20 ? -1.162  9.394   -29.138 1.00 2.72 ? 108 C B C4     1 
ATOM 1311 N N4     . C B 2 20 ? -1.872  8.438   -28.540 1.00 2.61 ? 108 C B N4     1 
ATOM 1312 C C5     . C B 2 20 ? -1.748  10.669  -29.383 1.00 2.75 ? 108 C B C5     1 
ATOM 1313 C C6     . C B 2 20 ? -0.995  11.587  -29.987 1.00 2.94 ? 108 C B C6     1 
ATOM 1314 H "H5'"  . C B 2 20 ? -1.013  15.783  -31.042 1.00 3.54 ? 108 C B "H5'"  1 
ATOM 1315 H "H5''" . C B 2 20 ? -1.501  15.377  -32.700 1.00 3.86 ? 108 C B "H5''" 1 
ATOM 1316 H "H4'"  . C B 2 20 ? 0.873   14.985  -32.328 1.00 3.85 ? 108 C B "H4'"  1 
ATOM 1317 H "H3'"  . C B 2 20 ? -0.844  12.628  -33.016 1.00 3.75 ? 108 C B "H3'"  1 
ATOM 1318 H "HO3'" . C B 2 20 ? -0.426  14.063  -34.599 1.00 4.47 ? 108 C B "HO3'" 1 
ATOM 1319 H "H2'"  . C B 2 20 ? 1.045   11.166  -32.820 1.00 3.72 ? 108 C B "H2'"  1 
ATOM 1320 H "HO2'" . C B 2 20 ? 2.387   13.196  -33.688 1.00 4.20 ? 108 C B "HO2'" 1 
ATOM 1321 H "H1'"  . C B 2 20 ? 2.094   12.336  -30.501 1.00 3.26 ? 108 C B "H1'"  1 
ATOM 1322 H H41    . C B 2 20 ? -1.451  7.539   -28.352 1.00 2.65 ? 108 C B H41    1 
ATOM 1323 H H42    . C B 2 20 ? -2.827  8.613   -28.261 1.00 2.53 ? 108 C B H42    1 
ATOM 1324 H H5     . C B 2 20 ? -2.766  10.890  -29.086 1.00 2.66 ? 108 C B H5     1 
ATOM 1325 H H6     . C B 2 20 ? -1.418  12.568  -30.201 1.00 3.03 ? 108 C B H6     1 
# 
